data_4FYM
#
_entry.id   4FYM
#
_cell.length_a   114.769
_cell.length_b   152.487
_cell.length_c   167.755
_cell.angle_alpha   90.00
_cell.angle_beta   90.00
_cell.angle_gamma   90.00
#
_symmetry.space_group_name_H-M   'P 21 21 21'
#
loop_
_entity.id
_entity.type
_entity.pdbx_description
1 polymer 'Orotate phosphoribosyltransferase'
2 non-polymer 'SULFATE ION'
3 water water
#
_entity_poly.entity_id   1
_entity_poly.type   'polypeptide(L)'
_entity_poly.pdbx_seq_one_letter_code
;MATTIKENEFLCDEEIYKSFVHLKDKICEERKKKELVSYSSYIKEMKKLLKVVLLKYKALKFGEFILKSKRKSNYFFSSG
VLNNIVSSNIICFLLSELILKNKLSFDYLLGASYKGIPMVSLTSHFLFESKKYSNIFYLYDRKEKKEYGDKNVIVGNLDD
DDKDILNLKKKTKNNQDEEKKNIIIIDDVFTCGTALTEILAKLKTYEHLKVVAFIVLLNRNEYEINENNQKIYFKDIFEK
RVGIPLYSILSYKDDIQSMIHHHHHH
;
_entity_poly.pdbx_strand_id   A,B,C,D,E,F,G,H
#
loop_
_chem_comp.id
_chem_comp.type
_chem_comp.name
_chem_comp.formula
SO4 non-polymer 'SULFATE ION' 'O4 S -2'
#
# COMPACT_ATOMS: atom_id res chain seq x y z
N ASN A 8 -20.30 59.85 -20.12
CA ASN A 8 -20.66 61.17 -19.52
C ASN A 8 -21.52 62.00 -20.53
N GLU A 9 -20.90 62.28 -21.68
CA GLU A 9 -21.53 63.00 -22.78
C GLU A 9 -22.02 62.03 -23.90
N PHE A 10 -21.98 60.71 -23.67
CA PHE A 10 -22.17 59.73 -24.72
C PHE A 10 -23.20 58.73 -24.25
N LEU A 11 -23.83 58.03 -25.17
CA LEU A 11 -24.66 56.92 -24.82
C LEU A 11 -23.94 56.01 -23.84
N CYS A 12 -24.68 55.53 -22.86
CA CYS A 12 -24.15 54.52 -21.96
C CYS A 12 -24.06 53.13 -22.66
N ASP A 13 -23.15 52.28 -22.19
CA ASP A 13 -22.96 50.94 -22.76
C ASP A 13 -24.26 50.14 -22.85
N GLU A 14 -25.19 50.28 -21.90
CA GLU A 14 -26.43 49.47 -21.96
C GLU A 14 -27.24 49.89 -23.19
N GLU A 15 -27.24 51.19 -23.48
CA GLU A 15 -28.01 51.71 -24.62
C GLU A 15 -27.32 51.33 -25.92
N ILE A 16 -25.99 51.33 -25.92
CA ILE A 16 -25.26 51.00 -27.11
C ILE A 16 -25.57 49.58 -27.48
N TYR A 17 -25.63 48.72 -26.49
CA TYR A 17 -25.89 47.31 -26.75
C TYR A 17 -27.30 47.11 -27.30
N LYS A 18 -28.26 47.78 -26.70
CA LYS A 18 -29.67 47.69 -27.14
C LYS A 18 -29.78 48.13 -28.58
N SER A 19 -29.06 49.17 -28.93
CA SER A 19 -29.13 49.67 -30.29
C SER A 19 -28.42 48.72 -31.28
N PHE A 20 -27.26 48.19 -30.83
CA PHE A 20 -26.56 47.17 -31.59
C PHE A 20 -27.49 46.00 -31.90
N VAL A 21 -28.21 45.49 -30.90
CA VAL A 21 -29.06 44.32 -31.11
C VAL A 21 -30.13 44.66 -32.16
N HIS A 22 -30.78 45.79 -31.98
CA HIS A 22 -31.84 46.18 -32.88
C HIS A 22 -31.31 46.28 -34.31
N LEU A 23 -30.17 46.95 -34.49
CA LEU A 23 -29.65 47.15 -35.82
C LEU A 23 -29.11 45.86 -36.42
N LYS A 24 -28.55 44.97 -35.58
CA LYS A 24 -28.02 43.69 -36.05
C LYS A 24 -29.20 42.89 -36.60
N ASP A 25 -30.33 42.89 -35.91
CA ASP A 25 -31.46 42.12 -36.37
C ASP A 25 -31.99 42.64 -37.71
N LYS A 26 -32.17 43.97 -37.84
CA LYS A 26 -32.61 44.54 -39.09
C LYS A 26 -31.62 44.28 -40.22
N ILE A 27 -30.34 44.37 -39.97
CA ILE A 27 -29.38 44.18 -41.01
C ILE A 27 -29.46 42.75 -41.56
N CYS A 28 -29.51 41.78 -40.68
CA CYS A 28 -29.60 40.36 -41.07
C CYS A 28 -30.90 40.12 -41.82
N GLU A 29 -32.00 40.63 -41.29
CA GLU A 29 -33.31 40.48 -41.92
C GLU A 29 -33.26 41.01 -43.35
N GLU A 30 -32.72 42.21 -43.56
CA GLU A 30 -32.71 42.82 -44.87
C GLU A 30 -31.76 42.13 -45.80
N ARG A 31 -30.67 41.60 -45.28
CA ARG A 31 -29.77 40.81 -46.14
C ARG A 31 -30.50 39.53 -46.61
N LYS A 32 -31.23 38.87 -45.71
CA LYS A 32 -31.87 37.63 -46.09
C LYS A 32 -32.91 37.91 -47.12
N LYS A 33 -33.63 39.02 -46.96
CA LYS A 33 -34.67 39.38 -47.94
C LYS A 33 -34.11 39.99 -49.21
N LYS A 34 -32.82 40.16 -49.30
CA LYS A 34 -32.19 40.78 -50.45
C LYS A 34 -32.72 42.20 -50.79
N GLU A 35 -33.14 42.94 -49.77
CA GLU A 35 -33.55 44.31 -49.94
C GLU A 35 -32.32 45.21 -49.75
N LEU A 36 -31.67 45.56 -50.83
CA LEU A 36 -30.40 46.21 -50.79
C LEU A 36 -30.40 47.62 -50.27
N VAL A 37 -31.41 48.41 -50.61
CA VAL A 37 -31.45 49.78 -50.15
C VAL A 37 -31.65 49.82 -48.63
N SER A 38 -32.52 48.95 -48.12
CA SER A 38 -32.78 48.91 -46.70
C SER A 38 -31.54 48.41 -45.96
N TYR A 39 -30.90 47.40 -46.53
CA TYR A 39 -29.69 46.85 -45.94
C TYR A 39 -28.66 47.95 -45.80
N SER A 40 -28.41 48.67 -46.89
CA SER A 40 -27.45 49.73 -46.84
C SER A 40 -27.76 50.75 -45.80
N SER A 41 -29.05 51.01 -45.64
CA SER A 41 -29.42 52.08 -44.76
C SER A 41 -29.18 51.66 -43.33
N TYR A 42 -29.54 50.42 -42.99
CA TYR A 42 -29.30 49.96 -41.63
C TYR A 42 -27.81 49.78 -41.32
N ILE A 43 -27.03 49.42 -42.33
CA ILE A 43 -25.57 49.39 -42.17
C ILE A 43 -25.09 50.77 -41.79
N LYS A 44 -25.60 51.78 -42.47
CA LYS A 44 -25.18 53.16 -42.20
C LYS A 44 -25.59 53.55 -40.78
N GLU A 45 -26.73 53.06 -40.26
CA GLU A 45 -27.06 53.31 -38.85
C GLU A 45 -26.12 52.65 -37.85
N MET A 46 -25.67 51.46 -38.18
CA MET A 46 -24.70 50.78 -37.33
C MET A 46 -23.40 51.54 -37.36
N LYS A 47 -23.00 52.03 -38.52
CA LYS A 47 -21.80 52.79 -38.60
C LYS A 47 -21.91 54.06 -37.77
N LYS A 48 -23.07 54.69 -37.69
CA LYS A 48 -23.22 55.80 -36.80
C LYS A 48 -22.98 55.38 -35.38
N LEU A 49 -23.52 54.25 -35.00
CA LEU A 49 -23.37 53.83 -33.63
C LEU A 49 -21.87 53.59 -33.37
N LEU A 50 -21.21 52.93 -34.30
CA LEU A 50 -19.80 52.65 -34.15
C LEU A 50 -19.00 53.93 -33.99
N LYS A 51 -19.35 54.98 -34.75
CA LYS A 51 -18.63 56.21 -34.62
C LYS A 51 -18.81 56.81 -33.21
N VAL A 52 -20.00 56.69 -32.66
CA VAL A 52 -20.24 57.15 -31.29
C VAL A 52 -19.32 56.38 -30.33
N VAL A 53 -19.19 55.07 -30.55
CA VAL A 53 -18.33 54.26 -29.73
C VAL A 53 -16.87 54.72 -29.87
N LEU A 54 -16.43 54.96 -31.10
CA LEU A 54 -15.03 55.35 -31.29
C LEU A 54 -14.73 56.64 -30.54
N LEU A 55 -15.68 57.55 -30.51
CA LEU A 55 -15.51 58.81 -29.76
C LEU A 55 -15.65 58.56 -28.26
N LYS A 56 -16.62 57.76 -27.86
CA LYS A 56 -16.79 57.53 -26.44
C LYS A 56 -15.53 56.90 -25.79
N TYR A 57 -14.91 55.93 -26.45
CA TYR A 57 -13.77 55.24 -25.88
C TYR A 57 -12.47 55.88 -26.31
N LYS A 58 -12.57 56.97 -27.06
CA LYS A 58 -11.40 57.78 -27.44
C LYS A 58 -10.45 57.01 -28.30
N ALA A 59 -11.02 56.16 -29.14
CA ALA A 59 -10.29 55.51 -30.19
C ALA A 59 -9.91 56.53 -31.29
N LEU A 60 -10.72 57.57 -31.41
CA LEU A 60 -10.43 58.74 -32.23
C LEU A 60 -10.13 59.94 -31.38
N LYS A 61 -9.02 60.61 -31.65
CA LYS A 61 -8.67 61.87 -30.97
C LYS A 61 -8.32 62.92 -31.99
N PHE A 62 -8.62 64.16 -31.68
CA PHE A 62 -8.44 65.28 -32.63
C PHE A 62 -7.40 66.26 -32.22
N GLY A 63 -6.71 66.79 -33.22
CA GLY A 63 -5.71 67.85 -33.04
C GLY A 63 -4.63 67.81 -34.10
N GLU A 64 -3.37 67.71 -33.66
CA GLU A 64 -2.21 67.56 -34.57
C GLU A 64 -1.14 66.49 -34.12
N PHE A 65 -0.88 65.51 -35.02
CA PHE A 65 -0.13 64.26 -34.75
C PHE A 65 0.92 63.99 -35.88
N ILE A 66 1.71 62.90 -35.73
CA ILE A 66 2.63 62.34 -36.76
C ILE A 66 2.19 60.95 -37.29
N SER A 73 -0.79 64.49 -39.55
CA SER A 73 -2.28 64.44 -39.62
C SER A 73 -3.11 65.07 -38.40
N ASN A 74 -4.35 65.45 -38.73
CA ASN A 74 -5.34 66.11 -37.81
C ASN A 74 -6.17 65.17 -36.85
N TYR A 75 -6.00 63.85 -36.96
CA TYR A 75 -6.62 62.91 -36.03
C TYR A 75 -5.69 61.75 -35.81
N PHE A 76 -5.86 61.11 -34.67
CA PHE A 76 -5.09 59.94 -34.24
C PHE A 76 -6.08 58.78 -33.93
N PHE A 77 -5.74 57.58 -34.35
CA PHE A 77 -6.61 56.43 -34.16
C PHE A 77 -5.91 55.35 -33.41
N SER A 78 -6.49 54.88 -32.32
CA SER A 78 -5.91 53.72 -31.61
C SER A 78 -6.97 52.69 -31.22
N SER A 79 -6.72 51.44 -31.53
CA SER A 79 -7.72 50.42 -31.40
C SER A 79 -7.66 49.69 -30.05
N GLY A 80 -6.72 50.04 -29.20
CA GLY A 80 -6.56 49.36 -27.94
C GLY A 80 -7.75 49.54 -27.04
N VAL A 81 -8.36 50.72 -27.11
CA VAL A 81 -9.57 51.02 -26.33
C VAL A 81 -10.85 50.35 -26.87
N LEU A 82 -10.73 49.58 -27.96
CA LEU A 82 -11.85 48.83 -28.49
C LEU A 82 -11.92 47.38 -28.03
N ASN A 83 -11.04 46.98 -27.14
CA ASN A 83 -10.99 45.63 -26.59
C ASN A 83 -11.96 45.45 -25.44
N ASN A 84 -13.24 45.63 -25.79
CA ASN A 84 -14.32 45.43 -24.86
C ASN A 84 -15.50 44.98 -25.68
N ILE A 85 -16.35 44.15 -25.08
CA ILE A 85 -17.23 43.35 -25.90
C ILE A 85 -18.30 44.23 -26.55
N VAL A 86 -18.74 45.28 -25.87
CA VAL A 86 -19.75 46.13 -26.45
C VAL A 86 -19.24 46.78 -27.75
N SER A 87 -17.99 47.19 -27.75
CA SER A 87 -17.40 47.79 -28.95
C SER A 87 -17.05 46.72 -29.95
N SER A 88 -16.44 45.61 -29.52
CA SER A 88 -15.99 44.65 -30.52
C SER A 88 -17.13 43.87 -31.13
N ASN A 89 -18.26 43.84 -30.45
CA ASN A 89 -19.47 43.28 -31.11
C ASN A 89 -19.78 43.99 -32.41
N ILE A 90 -19.77 45.33 -32.35
CA ILE A 90 -20.21 46.11 -33.44
C ILE A 90 -19.21 45.93 -34.57
N ILE A 91 -17.93 46.08 -34.25
CA ILE A 91 -16.86 45.98 -35.20
C ILE A 91 -16.87 44.62 -35.87
N CYS A 92 -16.88 43.55 -35.08
CA CYS A 92 -16.77 42.20 -35.62
C CYS A 92 -18.03 41.78 -36.36
N PHE A 93 -19.18 42.26 -35.90
CA PHE A 93 -20.39 42.04 -36.66
C PHE A 93 -20.27 42.62 -38.07
N LEU A 94 -19.80 43.86 -38.15
CA LEU A 94 -19.67 44.53 -39.43
C LEU A 94 -18.61 43.93 -40.28
N LEU A 95 -17.54 43.41 -39.69
CA LEU A 95 -16.52 42.66 -40.50
C LEU A 95 -17.16 41.43 -41.11
N SER A 96 -17.96 40.75 -40.31
CA SER A 96 -18.68 39.59 -40.84
C SER A 96 -19.61 40.04 -41.97
N GLU A 97 -20.31 41.13 -41.81
CA GLU A 97 -21.25 41.56 -42.87
C GLU A 97 -20.51 41.90 -44.18
N LEU A 98 -19.30 42.43 -44.11
CA LEU A 98 -18.57 42.69 -45.33
C LEU A 98 -18.28 41.41 -46.06
N ILE A 99 -17.98 40.37 -45.32
CA ILE A 99 -17.69 39.10 -45.93
C ILE A 99 -18.92 38.55 -46.60
N LEU A 100 -20.05 38.59 -45.89
CA LEU A 100 -21.29 38.05 -46.46
C LEU A 100 -21.83 38.87 -47.63
N LYS A 101 -21.89 40.19 -47.46
CA LYS A 101 -22.45 41.03 -48.46
C LYS A 101 -21.70 40.87 -49.77
N ASN A 102 -20.40 40.83 -49.70
CA ASN A 102 -19.61 40.70 -50.91
C ASN A 102 -19.41 39.28 -51.32
N LYS A 103 -20.12 38.35 -50.69
CA LYS A 103 -20.03 36.93 -51.05
C LYS A 103 -18.60 36.40 -51.19
N LEU A 104 -17.75 36.72 -50.25
CA LEU A 104 -16.39 36.30 -50.27
C LEU A 104 -16.29 34.87 -49.79
N SER A 105 -15.68 34.07 -50.62
CA SER A 105 -15.45 32.68 -50.33
C SER A 105 -14.09 32.49 -49.59
N PHE A 106 -14.05 31.66 -48.55
CA PHE A 106 -12.82 31.47 -47.79
C PHE A 106 -12.79 30.11 -47.14
N ASP A 107 -11.58 29.63 -46.90
CA ASP A 107 -11.35 28.44 -46.10
C ASP A 107 -10.87 28.83 -44.69
N TYR A 108 -10.17 29.96 -44.56
CA TYR A 108 -9.71 30.46 -43.28
C TYR A 108 -9.88 31.97 -43.15
N LEU A 109 -10.04 32.45 -41.93
CA LEU A 109 -9.92 33.86 -41.60
C LEU A 109 -8.65 34.01 -40.81
N LEU A 110 -7.89 35.04 -41.07
CA LEU A 110 -6.61 35.23 -40.37
C LEU A 110 -6.56 36.60 -39.70
N GLY A 111 -6.36 36.58 -38.39
CA GLY A 111 -6.35 37.81 -37.61
C GLY A 111 -4.93 38.30 -37.53
N ALA A 112 -4.67 39.47 -38.09
CA ALA A 112 -3.34 40.07 -38.07
C ALA A 112 -2.86 40.31 -36.63
N SER A 113 -1.67 39.84 -36.30
CA SER A 113 -1.18 40.02 -34.94
C SER A 113 -0.86 41.49 -34.72
N TYR A 114 -1.13 42.06 -33.55
CA TYR A 114 -1.90 41.47 -32.47
C TYR A 114 -3.37 41.86 -32.55
N LYS A 115 -3.63 43.02 -33.13
CA LYS A 115 -4.95 43.65 -33.02
C LYS A 115 -6.06 42.79 -33.58
N GLY A 116 -5.75 42.10 -34.69
CA GLY A 116 -6.73 41.27 -35.38
C GLY A 116 -7.07 39.98 -34.65
N ILE A 117 -6.25 39.56 -33.71
CA ILE A 117 -6.43 38.28 -33.12
C ILE A 117 -7.71 38.18 -32.29
N PRO A 118 -7.97 39.12 -31.37
CA PRO A 118 -9.26 39.01 -30.67
C PRO A 118 -10.45 39.31 -31.55
N MET A 119 -10.23 40.08 -32.61
CA MET A 119 -11.27 40.24 -33.65
C MET A 119 -11.62 38.98 -34.47
N VAL A 120 -10.66 38.10 -34.70
CA VAL A 120 -10.91 37.03 -35.63
C VAL A 120 -11.86 35.98 -35.06
N SER A 121 -11.71 35.68 -33.77
CA SER A 121 -12.60 34.68 -33.16
C SER A 121 -13.97 35.22 -33.09
N LEU A 122 -14.08 36.45 -32.70
CA LEU A 122 -15.42 37.03 -32.51
C LEU A 122 -16.09 37.27 -33.90
N THR A 123 -15.31 37.64 -34.92
CA THR A 123 -15.84 37.76 -36.25
C THR A 123 -16.30 36.39 -36.77
N SER A 124 -15.51 35.38 -36.48
CA SER A 124 -15.93 34.01 -36.75
C SER A 124 -17.21 33.66 -36.10
N HIS A 125 -17.38 34.08 -34.86
CA HIS A 125 -18.67 33.85 -34.18
C HIS A 125 -19.86 34.48 -34.93
N PHE A 126 -19.75 35.75 -35.35
CA PHE A 126 -20.87 36.37 -36.11
C PHE A 126 -21.11 35.74 -37.48
N LEU A 127 -20.06 35.36 -38.19
CA LEU A 127 -20.22 34.60 -39.45
C LEU A 127 -20.95 33.34 -39.25
N PHE A 128 -20.61 32.63 -38.18
CA PHE A 128 -21.22 31.32 -37.91
C PHE A 128 -22.71 31.42 -37.70
N GLU A 129 -23.17 32.54 -37.19
CA GLU A 129 -24.64 32.76 -37.06
C GLU A 129 -25.44 32.73 -38.35
N SER A 130 -24.80 32.98 -39.50
CA SER A 130 -25.46 32.92 -40.80
C SER A 130 -25.97 31.56 -41.17
N LYS A 131 -25.51 30.53 -40.46
CA LYS A 131 -25.87 29.14 -40.77
C LYS A 131 -25.41 28.68 -42.12
N LYS A 132 -24.52 29.40 -42.75
CA LYS A 132 -23.97 28.91 -44.02
C LYS A 132 -22.83 27.91 -43.85
N TYR A 133 -22.34 27.70 -42.63
CA TYR A 133 -21.04 27.07 -42.45
C TYR A 133 -21.15 25.99 -41.40
N SER A 134 -20.46 24.90 -41.62
CA SER A 134 -20.48 23.85 -40.62
C SER A 134 -19.44 24.14 -39.50
N ASN A 135 -18.40 24.90 -39.87
CA ASN A 135 -17.41 25.41 -38.95
C ASN A 135 -16.74 26.64 -39.59
N ILE A 136 -15.97 27.39 -38.79
CA ILE A 136 -15.11 28.44 -39.26
C ILE A 136 -13.76 28.29 -38.65
N PHE A 137 -12.76 28.21 -39.50
CA PHE A 137 -11.41 27.97 -39.08
C PHE A 137 -10.60 29.29 -39.16
N TYR A 138 -9.97 29.67 -38.07
CA TYR A 138 -9.23 30.93 -38.06
C TYR A 138 -7.78 30.74 -37.69
N LEU A 139 -6.98 31.65 -38.19
CA LEU A 139 -5.52 31.62 -38.07
C LEU A 139 -5.03 32.89 -37.43
N TYR A 140 -3.80 32.85 -36.95
CA TYR A 140 -3.09 34.07 -36.65
C TYR A 140 -1.62 33.86 -36.85
N ASP A 141 -0.93 34.95 -37.09
CA ASP A 141 0.53 34.94 -37.27
C ASP A 141 1.20 35.34 -35.99
N ARG A 142 2.34 34.75 -35.70
CA ARG A 142 3.23 35.29 -34.66
C ARG A 142 4.17 36.43 -35.16
N LYS A 143 4.74 37.20 -34.21
CA LYS A 143 5.46 38.51 -34.33
C LYS A 143 4.57 39.68 -34.87
N ASN A 152 5.70 27.10 -38.09
CA ASN A 152 5.63 27.71 -36.80
C ASN A 152 4.93 29.10 -36.84
N VAL A 153 5.11 29.92 -37.89
CA VAL A 153 4.71 31.33 -37.81
C VAL A 153 3.21 31.54 -37.97
N ILE A 154 2.52 30.62 -38.63
CA ILE A 154 1.05 30.66 -38.79
C ILE A 154 0.42 29.54 -37.95
N VAL A 155 -0.52 29.90 -37.10
CA VAL A 155 -1.09 28.98 -36.14
C VAL A 155 -2.54 28.77 -36.49
N GLY A 156 -2.97 27.52 -36.42
CA GLY A 156 -4.37 27.15 -36.62
C GLY A 156 -4.52 25.79 -37.27
N ASN A 157 -5.70 25.49 -37.82
CA ASN A 157 -5.98 24.15 -38.35
C ASN A 157 -5.40 24.02 -39.74
N LEU A 158 -4.09 24.02 -39.83
CA LEU A 158 -3.39 23.78 -41.12
C LEU A 158 -3.07 22.32 -41.33
N ASP A 159 -3.31 21.74 -42.48
CA ASP A 159 -2.47 20.55 -42.82
C ASP A 159 -1.26 20.96 -43.66
N ASP A 160 -1.46 22.08 -44.38
CA ASP A 160 -0.73 22.55 -45.58
C ASP A 160 0.65 23.18 -45.37
N ASP A 161 1.72 22.44 -45.70
CA ASP A 161 3.10 22.87 -45.54
C ASP A 161 3.31 23.84 -44.34
N GLU A 179 -5.26 21.83 -55.01
CA GLU A 179 -5.85 23.18 -54.92
C GLU A 179 -5.47 23.98 -53.59
N LYS A 180 -5.57 25.29 -53.76
CA LYS A 180 -5.12 26.23 -52.73
C LYS A 180 -6.25 26.63 -51.76
N LYS A 181 -5.90 26.74 -50.49
CA LYS A 181 -6.83 27.20 -49.47
C LYS A 181 -6.81 28.71 -49.37
N ASN A 182 -8.02 29.28 -49.29
CA ASN A 182 -8.21 30.71 -49.31
C ASN A 182 -8.36 31.38 -47.96
N ILE A 183 -7.65 32.50 -47.80
CA ILE A 183 -7.58 33.24 -46.59
C ILE A 183 -8.06 34.65 -46.77
N ILE A 184 -8.91 35.11 -45.85
CA ILE A 184 -9.26 36.53 -45.71
C ILE A 184 -8.55 37.07 -44.48
N ILE A 185 -7.86 38.18 -44.61
CA ILE A 185 -7.10 38.75 -43.51
C ILE A 185 -7.85 39.91 -42.91
N ILE A 186 -7.88 39.96 -41.60
CA ILE A 186 -8.55 41.00 -40.84
C ILE A 186 -7.53 41.83 -40.07
N ASP A 187 -7.65 43.14 -40.13
CA ASP A 187 -6.81 44.03 -39.36
C ASP A 187 -7.56 45.32 -39.04
N ASP A 188 -6.96 46.18 -38.23
CA ASP A 188 -7.70 47.34 -37.72
C ASP A 188 -7.62 48.52 -38.68
N VAL A 189 -6.42 48.88 -39.13
CA VAL A 189 -6.22 50.12 -39.90
C VAL A 189 -5.36 49.94 -41.12
N PHE A 190 -5.77 50.52 -42.24
CA PHE A 190 -4.97 50.49 -43.46
C PHE A 190 -4.51 51.88 -43.83
N THR A 191 -3.20 52.03 -43.97
CA THR A 191 -2.59 53.32 -44.36
C THR A 191 -1.94 53.18 -45.76
N CYS A 192 -0.80 52.50 -45.83
CA CYS A 192 -0.06 52.18 -47.09
C CYS A 192 -0.02 50.71 -47.35
N GLY A 193 -0.31 49.89 -46.34
CA GLY A 193 -0.32 48.44 -46.52
C GLY A 193 0.92 47.75 -46.00
N THR A 194 1.72 48.47 -45.24
CA THR A 194 2.98 47.94 -44.77
C THR A 194 2.76 46.68 -43.91
N ALA A 195 1.84 46.75 -42.94
CA ALA A 195 1.57 45.60 -42.09
C ALA A 195 0.99 44.36 -42.84
N LEU A 196 0.07 44.60 -43.77
CA LEU A 196 -0.48 43.49 -44.58
C LEU A 196 0.60 42.88 -45.45
N THR A 197 1.50 43.70 -45.97
CA THR A 197 2.59 43.21 -46.81
C THR A 197 3.47 42.23 -46.00
N GLU A 198 3.69 42.52 -44.72
CA GLU A 198 4.55 41.71 -43.87
C GLU A 198 3.88 40.32 -43.64
N ILE A 199 2.57 40.31 -43.47
CA ILE A 199 1.86 39.05 -43.36
C ILE A 199 1.93 38.27 -44.67
N LEU A 200 1.81 38.97 -45.81
CA LEU A 200 1.94 38.28 -47.09
C LEU A 200 3.29 37.61 -47.23
N ALA A 201 4.33 38.27 -46.73
CA ALA A 201 5.68 37.71 -46.79
C ALA A 201 5.71 36.40 -46.00
N LYS A 202 5.12 36.41 -44.82
CA LYS A 202 5.08 35.18 -44.01
C LYS A 202 4.32 34.08 -44.70
N LEU A 203 3.29 34.45 -45.45
CA LEU A 203 2.43 33.45 -46.08
C LEU A 203 3.00 32.93 -47.38
N LYS A 204 3.94 33.64 -47.97
CA LYS A 204 4.55 33.20 -49.28
C LYS A 204 5.22 31.82 -49.15
N THR A 205 5.80 31.54 -47.99
CA THR A 205 6.39 30.24 -47.66
C THR A 205 5.42 29.10 -47.82
N TYR A 206 4.16 29.32 -47.45
CA TYR A 206 3.15 28.26 -47.42
C TYR A 206 2.58 28.14 -48.81
N GLU A 207 2.96 27.09 -49.49
CA GLU A 207 2.57 26.97 -50.90
C GLU A 207 1.10 26.78 -51.16
N HIS A 208 0.36 26.12 -50.27
CA HIS A 208 -1.05 25.80 -50.49
C HIS A 208 -2.03 26.87 -49.97
N LEU A 209 -1.51 28.04 -49.55
CA LEU A 209 -2.33 29.15 -49.07
C LEU A 209 -2.30 30.36 -49.99
N LYS A 210 -3.43 30.99 -50.11
CA LYS A 210 -3.63 32.12 -50.97
C LYS A 210 -4.53 33.14 -50.24
N VAL A 211 -4.19 34.41 -50.33
CA VAL A 211 -5.01 35.42 -49.73
C VAL A 211 -5.94 35.92 -50.78
N VAL A 212 -7.23 35.94 -50.50
CA VAL A 212 -8.22 36.47 -51.46
C VAL A 212 -8.90 37.80 -51.07
N ALA A 213 -8.69 38.30 -49.85
CA ALA A 213 -9.24 39.61 -49.45
C ALA A 213 -8.63 40.10 -48.16
N PHE A 214 -8.61 41.41 -48.02
CA PHE A 214 -8.30 42.06 -46.77
C PHE A 214 -9.56 42.75 -46.31
N ILE A 215 -9.89 42.61 -45.02
CA ILE A 215 -10.93 43.44 -44.43
C ILE A 215 -10.39 44.19 -43.20
N VAL A 216 -10.83 45.42 -43.06
CA VAL A 216 -10.22 46.34 -42.14
C VAL A 216 -11.28 47.25 -41.50
N LEU A 217 -11.06 47.70 -40.28
CA LEU A 217 -12.01 48.59 -39.65
C LEU A 217 -11.95 49.99 -40.26
N LEU A 218 -10.75 50.49 -40.52
CA LEU A 218 -10.58 51.86 -41.02
C LEU A 218 -9.54 51.96 -42.12
N ASN A 219 -9.95 52.56 -43.25
CA ASN A 219 -9.01 52.94 -44.31
C ASN A 219 -8.80 54.42 -44.22
N ARG A 220 -7.58 54.84 -43.95
CA ARG A 220 -7.29 56.27 -43.83
C ARG A 220 -7.35 57.05 -45.13
N ASN A 221 -7.45 56.38 -46.27
CA ASN A 221 -7.50 57.08 -47.58
C ASN A 221 -6.27 57.97 -47.83
N GLU A 222 -5.10 57.47 -47.49
CA GLU A 222 -3.87 58.18 -47.76
C GLU A 222 -3.62 58.21 -49.26
N TYR A 223 -2.95 59.27 -49.72
CA TYR A 223 -2.65 59.42 -51.13
C TYR A 223 -1.38 60.18 -51.40
N GLU A 224 -0.95 60.15 -52.66
CA GLU A 224 0.11 60.99 -53.15
C GLU A 224 -0.46 61.77 -54.33
N ILE A 225 0.06 62.94 -54.60
CA ILE A 225 -0.37 63.71 -55.74
C ILE A 225 0.59 63.52 -56.89
N ASN A 226 0.05 63.35 -58.10
CA ASN A 226 0.84 63.06 -59.27
C ASN A 226 1.02 64.29 -60.15
N GLU A 227 1.55 64.08 -61.35
CA GLU A 227 1.96 65.17 -62.17
C GLU A 227 0.83 66.04 -62.65
N ASN A 228 -0.41 65.55 -62.54
CA ASN A 228 -1.60 66.29 -63.01
C ASN A 228 -2.42 66.79 -61.84
N ASN A 229 -1.81 66.78 -60.67
CA ASN A 229 -2.44 67.33 -59.48
C ASN A 229 -3.63 66.52 -59.08
N GLN A 230 -3.52 65.20 -59.29
CA GLN A 230 -4.55 64.23 -58.92
C GLN A 230 -4.08 63.33 -57.77
N LYS A 231 -5.02 63.02 -56.92
CA LYS A 231 -4.73 62.19 -55.82
C LYS A 231 -4.73 60.75 -56.27
N ILE A 232 -3.65 60.05 -56.01
CA ILE A 232 -3.53 58.64 -56.26
C ILE A 232 -3.49 57.99 -54.89
N TYR A 233 -4.47 57.15 -54.62
CA TYR A 233 -4.63 56.56 -53.28
C TYR A 233 -3.77 55.28 -53.05
N PHE A 234 -3.14 55.16 -51.89
CA PHE A 234 -2.31 53.98 -51.60
C PHE A 234 -3.11 52.71 -51.68
N LYS A 235 -4.41 52.77 -51.37
CA LYS A 235 -5.21 51.59 -51.48
C LYS A 235 -5.17 51.03 -52.88
N ASP A 236 -5.31 51.90 -53.88
CA ASP A 236 -5.38 51.49 -55.26
C ASP A 236 -4.05 50.93 -55.71
N ILE A 237 -2.99 51.58 -55.29
CA ILE A 237 -1.64 51.18 -55.67
C ILE A 237 -1.37 49.80 -55.04
N PHE A 238 -1.72 49.67 -53.79
CA PHE A 238 -1.56 48.40 -53.05
C PHE A 238 -2.37 47.27 -53.67
N GLU A 239 -3.62 47.53 -54.00
CA GLU A 239 -4.47 46.51 -54.63
C GLU A 239 -3.87 46.02 -55.94
N LYS A 240 -3.35 46.94 -56.71
CA LYS A 240 -2.76 46.59 -57.97
C LYS A 240 -1.47 45.78 -57.77
N ARG A 241 -0.59 46.23 -56.90
CA ARG A 241 0.65 45.53 -56.67
C ARG A 241 0.44 44.08 -56.19
N VAL A 242 -0.51 43.82 -55.27
CA VAL A 242 -0.63 42.46 -54.71
C VAL A 242 -1.77 41.64 -55.31
N GLY A 243 -2.62 42.28 -56.13
CA GLY A 243 -3.74 41.61 -56.81
C GLY A 243 -4.87 41.11 -55.92
N ILE A 244 -5.13 41.82 -54.80
CA ILE A 244 -6.07 41.38 -53.81
C ILE A 244 -6.88 42.57 -53.35
N PRO A 245 -8.20 42.46 -53.39
CA PRO A 245 -9.04 43.56 -52.91
C PRO A 245 -8.99 43.83 -51.39
N LEU A 246 -9.10 45.12 -51.04
CA LEU A 246 -9.27 45.57 -49.68
C LEU A 246 -10.65 46.17 -49.46
N TYR A 247 -11.30 45.76 -48.36
CA TYR A 247 -12.58 46.31 -47.93
C TYR A 247 -12.46 46.94 -46.53
N SER A 248 -13.25 47.97 -46.27
CA SER A 248 -13.19 48.62 -44.97
C SER A 248 -14.52 49.02 -44.41
N ILE A 249 -14.66 48.89 -43.13
CA ILE A 249 -15.91 49.25 -42.54
C ILE A 249 -16.03 50.77 -42.70
N LEU A 250 -15.03 51.51 -42.23
CA LEU A 250 -15.04 52.95 -42.26
C LEU A 250 -13.93 53.50 -43.10
N SER A 251 -14.11 54.72 -43.55
CA SER A 251 -13.03 55.42 -44.30
C SER A 251 -12.95 56.86 -43.86
N TYR A 252 -11.77 57.42 -43.95
CA TYR A 252 -11.55 58.82 -43.58
C TYR A 252 -12.49 59.73 -44.36
N LYS A 253 -12.58 59.51 -45.62
CA LYS A 253 -13.39 60.36 -46.43
C LYS A 253 -14.88 60.29 -46.12
N ASP A 254 -15.44 59.10 -46.09
CA ASP A 254 -16.88 58.93 -45.87
C ASP A 254 -17.31 59.14 -44.44
N ASP A 255 -16.42 58.92 -43.47
CA ASP A 255 -16.85 58.81 -42.09
C ASP A 255 -16.15 59.70 -41.12
N ILE A 256 -14.85 59.93 -41.28
CA ILE A 256 -14.11 60.63 -40.25
C ILE A 256 -14.03 62.11 -40.50
N GLN A 257 -14.00 62.50 -41.76
CA GLN A 257 -13.80 63.89 -42.08
C GLN A 257 -14.87 64.77 -41.47
N SER A 258 -16.11 64.32 -41.53
CA SER A 258 -17.24 65.08 -41.05
C SER A 258 -17.24 65.23 -39.52
N MET A 259 -16.35 64.53 -38.82
CA MET A 259 -16.22 64.70 -37.39
C MET A 259 -15.30 65.87 -37.06
N ILE A 260 -14.61 66.40 -38.07
CA ILE A 260 -13.48 67.33 -37.79
C ILE A 260 -13.87 68.81 -37.44
N HIS A 261 -14.54 69.52 -38.35
CA HIS A 261 -15.21 70.86 -38.06
C HIS A 261 -14.40 72.12 -38.45
N ASN B 8 -13.60 8.06 -41.35
CA ASN B 8 -13.98 9.22 -40.47
C ASN B 8 -14.87 8.91 -39.20
N GLU B 9 -14.25 9.05 -38.02
CA GLU B 9 -14.66 8.26 -36.90
C GLU B 9 -15.32 9.06 -35.74
N PHE B 10 -15.69 10.32 -35.96
CA PHE B 10 -16.10 11.21 -34.88
C PHE B 10 -17.36 11.90 -35.26
N LEU B 11 -18.10 12.38 -34.29
CA LEU B 11 -19.22 13.24 -34.56
C LEU B 11 -18.82 14.32 -35.57
N CYS B 12 -19.74 14.64 -36.46
CA CYS B 12 -19.53 15.69 -37.40
C CYS B 12 -19.81 17.06 -36.72
N ASP B 13 -19.19 18.11 -37.23
CA ASP B 13 -19.28 19.42 -36.64
C ASP B 13 -20.74 19.86 -36.45
N GLU B 14 -21.64 19.49 -37.35
CA GLU B 14 -23.05 19.96 -37.22
C GLU B 14 -23.66 19.34 -35.96
N GLU B 15 -23.31 18.09 -35.68
CA GLU B 15 -23.82 17.38 -34.49
C GLU B 15 -23.18 17.90 -33.23
N ILE B 16 -21.89 18.22 -33.31
CA ILE B 16 -21.21 18.77 -32.17
C ILE B 16 -21.90 20.06 -31.76
N TYR B 17 -22.21 20.90 -32.73
CA TYR B 17 -22.76 22.18 -32.43
C TYR B 17 -24.15 22.02 -31.81
N LYS B 18 -24.98 21.16 -32.40
CA LYS B 18 -26.30 20.90 -31.86
C LYS B 18 -26.19 20.45 -30.39
N SER B 19 -25.21 19.63 -30.09
CA SER B 19 -25.09 19.12 -28.73
C SER B 19 -24.57 20.20 -27.77
N PHE B 20 -23.63 21.00 -28.28
CA PHE B 20 -23.20 22.17 -27.58
C PHE B 20 -24.39 23.05 -27.21
N VAL B 21 -25.28 23.34 -28.17
CA VAL B 21 -26.39 24.27 -27.91
C VAL B 21 -27.31 23.71 -26.84
N HIS B 22 -27.64 22.46 -26.97
CA HIS B 22 -28.50 21.80 -25.97
C HIS B 22 -27.89 21.83 -24.58
N LEU B 23 -26.61 21.45 -24.47
CA LEU B 23 -25.94 21.44 -23.17
C LEU B 23 -25.72 22.83 -22.60
N LYS B 24 -25.45 23.80 -23.44
CA LYS B 24 -25.27 25.15 -22.97
C LYS B 24 -26.59 25.61 -22.33
N ASP B 25 -27.72 25.31 -22.94
CA ASP B 25 -28.99 25.80 -22.44
C ASP B 25 -29.26 25.17 -21.09
N LYS B 26 -29.05 23.86 -20.97
CA LYS B 26 -29.27 23.20 -19.72
C LYS B 26 -28.32 23.71 -18.63
N ILE B 27 -27.07 23.92 -18.95
CA ILE B 27 -26.14 24.38 -17.96
C ILE B 27 -26.53 25.76 -17.41
N CYS B 28 -26.91 26.68 -18.28
CA CYS B 28 -27.36 28.00 -17.85
C CYS B 28 -28.64 27.91 -17.02
N GLU B 29 -29.60 27.14 -17.49
CA GLU B 29 -30.85 26.93 -16.78
C GLU B 29 -30.56 26.45 -15.37
N GLU B 30 -29.71 25.43 -15.21
CA GLU B 30 -29.50 24.86 -13.91
C GLU B 30 -28.72 25.77 -13.00
N ARG B 31 -27.83 26.57 -13.57
CA ARG B 31 -27.11 27.54 -12.76
C ARG B 31 -28.12 28.56 -12.24
N LYS B 32 -29.06 29.00 -13.08
CA LYS B 32 -30.00 30.04 -12.63
C LYS B 32 -30.90 29.49 -11.55
N LYS B 33 -31.32 28.23 -11.69
CA LYS B 33 -32.15 27.59 -10.69
C LYS B 33 -31.38 27.16 -9.46
N LYS B 34 -30.07 27.37 -9.43
CA LYS B 34 -29.24 26.94 -8.31
C LYS B 34 -29.40 25.44 -7.98
N GLU B 35 -29.63 24.60 -8.99
CA GLU B 35 -29.63 23.16 -8.82
C GLU B 35 -28.22 22.65 -9.07
N LEU B 36 -27.43 22.53 -8.03
CA LEU B 36 -26.04 22.22 -8.15
C LEU B 36 -25.69 20.84 -8.71
N VAL B 37 -26.44 19.82 -8.33
CA VAL B 37 -26.15 18.49 -8.80
C VAL B 37 -26.40 18.37 -10.31
N SER B 38 -27.48 18.99 -10.78
CA SER B 38 -27.83 18.94 -12.18
C SER B 38 -26.83 19.76 -12.98
N TYR B 39 -26.43 20.92 -12.43
CA TYR B 39 -25.45 21.75 -13.06
C TYR B 39 -24.16 20.96 -13.25
N SER B 40 -23.67 20.36 -12.20
CA SER B 40 -22.45 19.55 -12.29
C SER B 40 -22.53 18.45 -13.30
N SER B 41 -23.70 17.86 -13.40
CA SER B 41 -23.86 16.77 -14.29
C SER B 41 -23.83 17.25 -15.76
N TYR B 42 -24.56 18.33 -16.06
CA TYR B 42 -24.54 18.86 -17.42
C TYR B 42 -23.15 19.45 -17.84
N ILE B 43 -22.42 20.01 -16.87
CA ILE B 43 -21.04 20.39 -17.09
C ILE B 43 -20.23 19.18 -17.50
N LYS B 44 -20.43 18.08 -16.80
CA LYS B 44 -19.67 16.88 -17.10
C LYS B 44 -20.02 16.46 -18.54
N GLU B 45 -21.27 16.61 -18.98
CA GLU B 45 -21.60 16.19 -20.37
C GLU B 45 -20.89 17.05 -21.40
N MET B 46 -20.81 18.32 -21.11
CA MET B 46 -20.12 19.22 -22.01
C MET B 46 -18.66 18.84 -22.07
N LYS B 47 -18.09 18.48 -20.93
CA LYS B 47 -16.71 18.05 -20.91
C LYS B 47 -16.53 16.80 -21.75
N LYS B 48 -17.48 15.88 -21.74
CA LYS B 48 -17.43 14.75 -22.66
C LYS B 48 -17.41 15.19 -24.09
N LEU B 49 -18.24 16.18 -24.41
CA LEU B 49 -18.28 16.62 -25.79
C LEU B 49 -16.91 17.23 -26.17
N LEU B 50 -16.39 18.05 -25.27
CA LEU B 50 -15.12 18.69 -25.48
C LEU B 50 -14.00 17.63 -25.68
N LYS B 51 -14.03 16.54 -24.94
CA LYS B 51 -13.01 15.51 -25.12
C LYS B 51 -13.13 14.86 -26.48
N VAL B 52 -14.36 14.67 -26.96
CA VAL B 52 -14.53 14.19 -28.34
C VAL B 52 -13.86 15.16 -29.32
N VAL B 53 -14.03 16.43 -29.08
CA VAL B 53 -13.47 17.48 -29.97
C VAL B 53 -11.99 17.45 -29.94
N LEU B 54 -11.43 17.31 -28.75
CA LEU B 54 -9.98 17.26 -28.63
C LEU B 54 -9.41 16.10 -29.42
N LEU B 55 -10.09 14.98 -29.40
CA LEU B 55 -9.65 13.81 -30.18
C LEU B 55 -9.89 13.99 -31.67
N LYS B 56 -11.04 14.51 -32.03
CA LYS B 56 -11.34 14.70 -33.39
C LYS B 56 -10.34 15.62 -34.12
N TYR B 57 -9.95 16.73 -33.51
CA TYR B 57 -9.07 17.69 -34.11
C TYR B 57 -7.65 17.40 -33.79
N LYS B 58 -7.42 16.34 -33.04
CA LYS B 58 -6.07 15.87 -32.73
C LYS B 58 -5.30 16.84 -31.90
N ALA B 59 -6.01 17.46 -30.97
CA ALA B 59 -5.39 18.29 -29.97
C ALA B 59 -4.69 17.44 -28.94
N LEU B 60 -5.20 16.22 -28.78
CA LEU B 60 -4.57 15.19 -27.97
C LEU B 60 -4.04 14.12 -28.87
N LYS B 61 -2.78 13.76 -28.68
CA LYS B 61 -2.19 12.60 -29.38
C LYS B 61 -1.59 11.65 -28.35
N PHE B 62 -1.62 10.36 -28.66
CA PHE B 62 -1.08 9.33 -27.75
C PHE B 62 0.14 8.57 -28.21
N GLY B 63 0.99 8.19 -27.25
CA GLY B 63 2.21 7.40 -27.44
C GLY B 63 3.46 8.25 -27.34
N GLU B 64 4.13 8.21 -26.19
CA GLU B 64 5.55 8.60 -26.04
C GLU B 64 6.15 9.73 -26.94
N SER B 73 6.52 11.99 -21.25
CA SER B 73 5.04 11.88 -21.26
C SER B 73 4.41 10.90 -22.32
N ASN B 74 3.36 10.17 -21.92
CA ASN B 74 2.52 9.30 -22.78
C ASN B 74 1.40 10.02 -23.68
N TYR B 75 1.25 11.34 -23.58
CA TYR B 75 0.35 12.10 -24.44
C TYR B 75 0.95 13.46 -24.71
N PHE B 76 0.55 14.03 -25.84
CA PHE B 76 0.97 15.37 -26.30
C PHE B 76 -0.27 16.24 -26.54
N PHE B 77 -0.22 17.51 -26.15
CA PHE B 77 -1.37 18.41 -26.25
C PHE B 77 -1.02 19.64 -27.02
N SER B 78 -1.78 19.95 -28.05
CA SER B 78 -1.58 21.22 -28.76
C SER B 78 -2.91 21.92 -29.04
N SER B 79 -2.97 23.21 -28.75
CA SER B 79 -4.21 23.94 -28.84
C SER B 79 -4.42 24.66 -30.17
N GLY B 80 -3.49 24.57 -31.09
CA GLY B 80 -3.59 25.30 -32.35
C GLY B 80 -4.76 24.79 -33.16
N VAL B 81 -5.01 23.47 -33.09
CA VAL B 81 -6.10 22.88 -33.81
C VAL B 81 -7.46 23.19 -33.18
N LEU B 82 -7.49 23.94 -32.07
CA LEU B 82 -8.75 24.37 -31.47
C LEU B 82 -9.19 25.79 -31.86
N ASN B 83 -8.49 26.40 -32.81
CA ASN B 83 -8.86 27.73 -33.39
C ASN B 83 -9.91 27.61 -34.48
N ASN B 84 -11.05 27.05 -34.10
CA ASN B 84 -12.17 26.96 -34.96
C ASN B 84 -13.40 27.12 -34.07
N ILE B 85 -14.43 27.72 -34.61
CA ILE B 85 -15.50 28.24 -33.76
C ILE B 85 -16.30 27.12 -33.09
N VAL B 86 -16.48 25.98 -33.77
CA VAL B 86 -17.18 24.92 -33.13
C VAL B 86 -16.45 24.44 -31.87
N SER B 87 -15.12 24.35 -31.94
CA SER B 87 -14.34 23.97 -30.76
C SER B 87 -14.26 25.07 -29.76
N SER B 88 -13.98 26.30 -30.20
CA SER B 88 -13.75 27.36 -29.21
C SER B 88 -15.02 27.79 -28.52
N ASN B 89 -16.15 27.58 -29.15
CA ASN B 89 -17.42 27.82 -28.46
C ASN B 89 -17.47 27.03 -27.17
N ILE B 90 -17.08 25.75 -27.25
CA ILE B 90 -17.22 24.85 -26.11
C ILE B 90 -16.25 25.31 -25.03
N ILE B 91 -15.04 25.52 -25.46
CA ILE B 91 -13.95 25.90 -24.57
C ILE B 91 -14.34 27.23 -23.82
N CYS B 92 -14.66 28.24 -24.60
CA CYS B 92 -14.84 29.57 -24.05
C CYS B 92 -16.13 29.67 -23.25
N PHE B 93 -17.13 28.89 -23.63
CA PHE B 93 -18.33 28.77 -22.79
C PHE B 93 -18.00 28.23 -21.39
N LEU B 94 -17.21 27.16 -21.36
CA LEU B 94 -16.79 26.55 -20.12
C LEU B 94 -15.85 27.45 -19.30
N LEU B 95 -14.99 28.23 -19.94
CA LEU B 95 -14.19 29.20 -19.20
C LEU B 95 -15.10 30.23 -18.54
N SER B 96 -16.09 30.70 -19.29
CA SER B 96 -17.04 31.61 -18.74
C SER B 96 -17.79 30.95 -17.56
N GLU B 97 -18.16 29.71 -17.68
CA GLU B 97 -18.87 29.05 -16.56
C GLU B 97 -18.01 28.94 -15.28
N LEU B 98 -16.73 28.68 -15.42
CA LEU B 98 -15.88 28.64 -14.26
C LEU B 98 -15.88 29.99 -13.54
N ILE B 99 -15.93 31.08 -14.29
CA ILE B 99 -15.92 32.38 -13.69
C ILE B 99 -17.22 32.60 -12.92
N LEU B 100 -18.34 32.29 -13.53
CA LEU B 100 -19.65 32.48 -12.92
C LEU B 100 -19.89 31.51 -11.72
N LYS B 101 -19.61 30.23 -11.89
CA LYS B 101 -19.86 29.27 -10.87
C LYS B 101 -19.06 29.57 -9.63
N ASN B 102 -17.79 29.96 -9.78
CA ASN B 102 -17.00 30.32 -8.66
C ASN B 102 -17.17 31.79 -8.24
N LYS B 103 -18.14 32.51 -8.81
CA LYS B 103 -18.41 33.91 -8.44
C LYS B 103 -17.15 34.77 -8.35
N LEU B 104 -16.31 34.66 -9.36
CA LEU B 104 -15.09 35.43 -9.43
C LEU B 104 -15.37 36.84 -9.94
N SER B 105 -14.99 37.78 -9.14
CA SER B 105 -15.18 39.13 -9.50
C SER B 105 -13.93 39.66 -10.21
N PHE B 106 -14.15 40.48 -11.21
CA PHE B 106 -13.05 40.99 -12.02
C PHE B 106 -13.44 42.32 -12.67
N ASP B 107 -12.41 43.07 -13.00
CA ASP B 107 -12.56 44.26 -13.77
C ASP B 107 -12.10 44.01 -15.21
N TYR B 108 -11.13 43.14 -15.37
CA TYR B 108 -10.60 42.77 -16.67
C TYR B 108 -10.39 41.28 -16.82
N LEU B 109 -10.49 40.77 -18.03
CA LEU B 109 -10.03 39.42 -18.39
C LEU B 109 -8.78 39.61 -19.25
N LEU B 110 -7.75 38.80 -19.03
CA LEU B 110 -6.54 38.93 -19.80
C LEU B 110 -6.18 37.65 -20.49
N GLY B 111 -6.04 37.73 -21.80
CA GLY B 111 -5.77 36.53 -22.58
C GLY B 111 -4.29 36.42 -22.72
N ALA B 112 -3.70 35.35 -22.22
CA ALA B 112 -2.23 35.11 -22.32
C ALA B 112 -1.77 34.98 -23.77
N SER B 113 -0.76 35.71 -24.15
CA SER B 113 -0.32 35.68 -25.55
C SER B 113 0.36 34.32 -25.80
N TYR B 114 0.17 33.67 -26.95
CA TYR B 114 -0.78 34.05 -27.98
C TYR B 114 -2.09 33.33 -27.81
N LYS B 115 -2.04 32.13 -27.20
CA LYS B 115 -3.15 31.18 -27.27
C LYS B 115 -4.41 31.68 -26.61
N GLY B 116 -4.23 32.42 -25.52
CA GLY B 116 -5.35 33.02 -24.80
C GLY B 116 -6.05 34.15 -25.54
N ILE B 117 -5.43 34.74 -26.56
CA ILE B 117 -5.95 35.95 -27.09
C ILE B 117 -7.28 35.73 -27.83
N PRO B 118 -7.34 34.77 -28.73
CA PRO B 118 -8.66 34.55 -29.37
C PRO B 118 -9.66 33.97 -28.44
N MET B 119 -9.18 33.28 -27.40
CA MET B 119 -10.09 32.87 -26.30
C MET B 119 -10.73 34.01 -25.47
N VAL B 120 -10.02 35.10 -25.29
CA VAL B 120 -10.48 36.06 -24.32
C VAL B 120 -11.68 36.85 -24.83
N SER B 121 -11.69 37.18 -26.12
CA SER B 121 -12.86 37.89 -26.69
C SER B 121 -14.08 37.01 -26.67
N LEU B 122 -13.90 35.79 -27.06
CA LEU B 122 -15.05 34.89 -27.18
C LEU B 122 -15.55 34.52 -25.79
N THR B 123 -14.66 34.33 -24.83
CA THR B 123 -15.09 34.06 -23.45
C THR B 123 -15.87 35.26 -22.94
N SER B 124 -15.38 36.45 -23.27
CA SER B 124 -16.09 37.68 -22.91
C SER B 124 -17.47 37.68 -23.48
N HIS B 125 -17.58 37.23 -24.71
CA HIS B 125 -18.93 37.13 -25.30
C HIS B 125 -19.84 36.21 -24.49
N PHE B 126 -19.36 35.02 -24.09
CA PHE B 126 -20.25 34.14 -23.30
C PHE B 126 -20.58 34.73 -21.88
N LEU B 127 -19.63 35.37 -21.22
CA LEU B 127 -19.90 36.00 -19.98
C LEU B 127 -21.00 37.05 -20.14
N PHE B 128 -20.92 37.81 -21.23
CA PHE B 128 -21.81 38.91 -21.42
C PHE B 128 -23.22 38.44 -21.53
N GLU B 129 -23.42 37.24 -22.02
CA GLU B 129 -24.79 36.69 -22.10
C GLU B 129 -25.47 36.48 -20.73
N SER B 130 -24.72 36.45 -19.62
CA SER B 130 -25.30 36.33 -18.30
C SER B 130 -26.12 37.51 -17.91
N LYS B 131 -25.99 38.60 -18.64
CA LYS B 131 -26.70 39.86 -18.31
C LYS B 131 -26.26 40.48 -17.00
N LYS B 132 -25.19 40.00 -16.40
CA LYS B 132 -24.69 40.62 -15.19
C LYS B 132 -23.81 41.84 -15.44
N TYR B 133 -23.46 42.14 -16.69
CA TYR B 133 -22.41 43.10 -16.90
C TYR B 133 -22.84 44.11 -17.89
N SER B 134 -22.47 45.36 -17.70
CA SER B 134 -22.83 46.36 -18.70
C SER B 134 -21.80 46.33 -19.91
N ASN B 135 -20.60 45.86 -19.60
CA ASN B 135 -19.56 45.60 -20.57
C ASN B 135 -18.57 44.60 -19.95
N ILE B 136 -17.67 44.09 -20.78
CA ILE B 136 -16.56 43.28 -20.35
C ILE B 136 -15.31 43.78 -21.07
N PHE B 137 -14.32 44.13 -20.28
CA PHE B 137 -13.10 44.68 -20.77
C PHE B 137 -12.00 43.62 -20.77
N TYR B 138 -11.36 43.40 -21.92
CA TYR B 138 -10.32 42.40 -21.97
C TYR B 138 -8.95 43.00 -22.40
N LEU B 139 -7.89 42.33 -21.96
CA LEU B 139 -6.54 42.74 -22.15
C LEU B 139 -5.78 41.65 -22.83
N TYR B 140 -4.64 42.00 -23.37
CA TYR B 140 -3.64 40.99 -23.72
C TYR B 140 -2.25 41.58 -23.58
N ASP B 141 -1.27 40.70 -23.40
CA ASP B 141 0.14 41.06 -23.27
C ASP B 141 0.85 40.83 -24.59
N ARG B 142 1.71 41.74 -24.99
CA ARG B 142 2.63 41.50 -26.09
C ARG B 142 3.86 40.61 -25.63
N LYS B 143 4.57 40.02 -26.63
CA LYS B 143 5.68 39.01 -26.57
C LYS B 143 5.44 37.61 -25.91
N ASN B 152 3.65 49.87 -22.67
CA ASN B 152 2.93 49.39 -23.83
C ASN B 152 2.77 47.84 -23.84
N VAL B 153 3.25 47.11 -22.83
CA VAL B 153 3.23 45.63 -22.91
C VAL B 153 1.85 45.05 -22.65
N ILE B 154 0.98 45.77 -21.93
CA ILE B 154 -0.43 45.35 -21.71
C ILE B 154 -1.41 46.25 -22.49
N VAL B 155 -2.26 45.66 -23.30
CA VAL B 155 -3.08 46.41 -24.25
C VAL B 155 -4.52 46.23 -23.86
N GLY B 156 -5.27 47.32 -23.91
CA GLY B 156 -6.70 47.33 -23.62
C GLY B 156 -7.15 48.62 -22.97
N ASN B 157 -8.33 48.61 -22.34
CA ASN B 157 -8.90 49.84 -21.77
C ASN B 157 -8.32 50.17 -20.41
N LEU B 158 -7.05 50.53 -20.36
CA LEU B 158 -6.36 50.85 -19.08
C LEU B 158 -6.27 52.33 -18.70
N ASP B 159 -6.24 52.61 -17.38
CA ASP B 159 -5.79 53.87 -16.66
C ASP B 159 -6.99 54.63 -16.18
N GLU B 179 -9.81 49.74 -5.05
CA GLU B 179 -8.92 50.76 -5.71
C GLU B 179 -7.92 50.12 -6.74
N LYS B 180 -7.54 48.87 -6.47
CA LYS B 180 -6.85 48.07 -7.47
C LYS B 180 -7.84 47.38 -8.39
N LYS B 181 -7.53 47.37 -9.68
CA LYS B 181 -8.36 46.68 -10.65
C LYS B 181 -7.95 45.21 -10.74
N ASN B 182 -8.96 44.35 -10.74
CA ASN B 182 -8.75 42.92 -10.73
C ASN B 182 -8.77 42.25 -12.10
N ILE B 183 -7.80 41.35 -12.31
CA ILE B 183 -7.61 40.64 -13.54
C ILE B 183 -7.69 39.16 -13.36
N ILE B 184 -8.43 38.51 -14.25
CA ILE B 184 -8.43 37.02 -14.36
C ILE B 184 -7.67 36.70 -15.66
N ILE B 185 -6.74 35.80 -15.57
CA ILE B 185 -5.94 35.44 -16.70
C ILE B 185 -6.38 34.11 -17.25
N ILE B 186 -6.43 34.03 -18.56
CA ILE B 186 -6.85 32.86 -19.29
C ILE B 186 -5.71 32.36 -20.12
N ASP B 187 -5.52 31.04 -20.09
CA ASP B 187 -4.52 30.39 -20.93
C ASP B 187 -4.93 28.97 -21.21
N ASP B 188 -4.18 28.29 -22.07
CA ASP B 188 -4.62 26.97 -22.52
C ASP B 188 -4.17 25.88 -21.56
N VAL B 189 -2.89 25.83 -21.20
CA VAL B 189 -2.33 24.70 -20.48
C VAL B 189 -1.48 25.11 -19.30
N PHE B 190 -1.62 24.42 -18.18
CA PHE B 190 -0.80 24.64 -17.00
C PHE B 190 0.02 23.43 -16.69
N THR B 191 1.32 23.63 -16.64
CA THR B 191 2.26 22.53 -16.31
C THR B 191 2.91 22.87 -14.93
N CYS B 192 3.84 23.81 -14.93
CA CYS B 192 4.53 24.32 -13.72
C CYS B 192 4.22 25.76 -13.42
N GLY B 193 3.66 26.48 -14.38
CA GLY B 193 3.31 27.86 -14.17
C GLY B 193 4.31 28.84 -14.73
N THR B 194 5.21 28.35 -15.57
CA THR B 194 6.25 29.20 -16.11
C THR B 194 5.66 30.36 -16.92
N ALA B 195 4.73 30.06 -17.81
CA ALA B 195 4.13 31.09 -18.62
C ALA B 195 3.34 32.13 -17.82
N LEU B 196 2.59 31.67 -16.83
CA LEU B 196 1.78 32.57 -16.02
C LEU B 196 2.71 33.44 -15.19
N THR B 197 3.84 32.88 -14.77
CA THR B 197 4.82 33.65 -13.98
C THR B 197 5.38 34.83 -14.82
N GLU B 198 5.59 34.61 -16.11
CA GLU B 198 6.11 35.70 -16.94
C GLU B 198 5.09 36.83 -17.05
N ILE B 199 3.81 36.48 -17.16
CA ILE B 199 2.78 37.49 -17.28
C ILE B 199 2.70 38.27 -15.98
N LEU B 200 2.77 37.57 -14.86
CA LEU B 200 2.84 38.24 -13.57
C LEU B 200 4.00 39.25 -13.48
N ALA B 201 5.16 38.87 -14.01
CA ALA B 201 6.33 39.80 -14.06
C ALA B 201 5.97 41.06 -14.86
N LYS B 202 5.34 40.90 -16.01
CA LYS B 202 4.93 42.07 -16.79
C LYS B 202 3.95 42.95 -16.04
N LEU B 203 3.07 42.33 -15.27
CA LEU B 203 2.04 43.07 -14.57
C LEU B 203 2.52 43.71 -13.28
N LYS B 204 3.65 43.28 -12.74
CA LYS B 204 4.21 43.86 -11.48
C LYS B 204 4.50 45.36 -11.64
N THR B 205 4.90 45.77 -12.84
CA THR B 205 5.10 47.18 -13.20
C THR B 205 3.87 48.06 -12.98
N TYR B 206 2.71 47.51 -13.27
CA TYR B 206 1.47 48.25 -13.21
C TYR B 206 0.97 48.22 -11.76
N GLU B 207 1.10 49.35 -11.10
CA GLU B 207 0.78 49.48 -9.68
C GLU B 207 -0.70 49.23 -9.31
N HIS B 208 -1.66 49.62 -10.15
CA HIS B 208 -3.09 49.53 -9.85
C HIS B 208 -3.77 48.24 -10.36
N LEU B 209 -2.98 47.27 -10.83
CA LEU B 209 -3.53 45.97 -11.28
C LEU B 209 -3.15 44.81 -10.35
N LYS B 210 -4.07 43.90 -10.19
CA LYS B 210 -3.90 42.76 -9.35
C LYS B 210 -4.54 41.53 -10.06
N VAL B 211 -3.86 40.40 -10.04
CA VAL B 211 -4.42 39.19 -10.56
C VAL B 211 -5.11 38.41 -9.48
N VAL B 212 -6.36 38.05 -9.68
CA VAL B 212 -7.13 37.32 -8.68
C VAL B 212 -7.48 35.89 -9.03
N ALA B 213 -7.19 35.46 -10.25
CA ALA B 213 -7.40 34.06 -10.63
C ALA B 213 -6.81 33.73 -11.99
N PHE B 214 -6.47 32.47 -12.16
CA PHE B 214 -6.04 31.92 -13.43
C PHE B 214 -7.04 30.89 -13.82
N ILE B 215 -7.49 30.96 -15.07
CA ILE B 215 -8.35 29.91 -15.61
C ILE B 215 -7.66 29.32 -16.85
N VAL B 216 -7.74 28.02 -16.97
CA VAL B 216 -6.98 27.29 -17.96
C VAL B 216 -7.81 26.15 -18.53
N LEU B 217 -7.55 25.78 -19.77
CA LEU B 217 -8.29 24.63 -20.37
C LEU B 217 -7.84 23.33 -19.79
N LEU B 218 -6.53 23.16 -19.59
CA LEU B 218 -6.00 21.88 -19.15
C LEU B 218 -4.89 22.06 -18.11
N ASN B 219 -5.05 21.36 -16.99
CA ASN B 219 -4.00 21.25 -16.00
C ASN B 219 -3.41 19.84 -16.13
N ARG B 220 -2.13 19.76 -16.45
CA ARG B 220 -1.52 18.46 -16.60
C ARG B 220 -1.32 17.65 -15.30
N ASN B 221 -1.56 18.25 -14.15
CA ASN B 221 -1.33 17.59 -12.87
C ASN B 221 0.12 17.07 -12.74
N GLU B 222 1.11 17.89 -13.12
CA GLU B 222 2.50 17.53 -12.93
C GLU B 222 2.84 17.56 -11.45
N TYR B 223 3.81 16.74 -11.06
CA TYR B 223 4.24 16.66 -9.68
C TYR B 223 5.69 16.31 -9.50
N GLU B 224 6.18 16.49 -8.28
CA GLU B 224 7.48 15.96 -7.90
C GLU B 224 7.26 15.02 -6.72
N ILE B 225 8.11 14.04 -6.55
CA ILE B 225 8.01 13.17 -5.41
C ILE B 225 8.94 13.64 -4.30
N ASN B 226 8.47 13.63 -3.05
CA ASN B 226 9.22 14.14 -1.92
C ASN B 226 9.89 12.99 -1.10
N GLU B 227 10.41 13.32 0.05
CA GLU B 227 11.17 12.38 0.82
C GLU B 227 10.35 11.21 1.35
N ASN B 228 9.02 11.34 1.33
CA ASN B 228 8.11 10.28 1.83
C ASN B 228 7.44 9.51 0.74
N ASN B 229 7.92 9.72 -0.48
CA ASN B 229 7.39 9.05 -1.64
C ASN B 229 5.97 9.50 -1.95
N GLN B 230 5.72 10.78 -1.72
CA GLN B 230 4.43 11.41 -1.99
C GLN B 230 4.55 12.40 -3.14
N LYS B 231 3.48 12.46 -3.88
CA LYS B 231 3.41 13.40 -4.97
C LYS B 231 3.01 14.78 -4.45
N ILE B 232 3.83 15.76 -4.75
CA ILE B 232 3.58 17.15 -4.47
C ILE B 232 3.35 17.80 -5.79
N TYR B 233 2.15 18.34 -5.98
CA TYR B 233 1.75 18.87 -7.30
C TYR B 233 2.21 20.30 -7.55
N PHE B 234 2.72 20.58 -8.74
CA PHE B 234 3.13 21.97 -9.07
C PHE B 234 2.03 22.98 -8.92
N LYS B 235 0.80 22.59 -9.19
CA LYS B 235 -0.30 23.52 -9.02
C LYS B 235 -0.36 24.05 -7.59
N ASP B 236 -0.22 23.16 -6.61
CA ASP B 236 -0.27 23.57 -5.20
C ASP B 236 0.92 24.45 -4.80
N ILE B 237 2.10 24.09 -5.28
CA ILE B 237 3.30 24.85 -5.04
C ILE B 237 3.18 26.26 -5.66
N PHE B 238 2.71 26.30 -6.89
CA PHE B 238 2.49 27.57 -7.60
C PHE B 238 1.44 28.46 -6.90
N GLU B 239 0.33 27.88 -6.48
CA GLU B 239 -0.72 28.65 -5.84
C GLU B 239 -0.19 29.25 -4.55
N LYS B 240 0.64 28.49 -3.85
CA LYS B 240 1.21 28.96 -2.58
C LYS B 240 2.21 30.09 -2.81
N ARG B 241 3.12 29.90 -3.75
CA ARG B 241 4.07 30.91 -4.06
C ARG B 241 3.46 32.27 -4.48
N VAL B 242 2.42 32.29 -5.34
CA VAL B 242 1.92 33.55 -5.89
C VAL B 242 0.62 34.01 -5.26
N GLY B 243 0.02 33.16 -4.43
CA GLY B 243 -1.17 33.54 -3.63
C GLY B 243 -2.42 33.73 -4.43
N ILE B 244 -2.53 33.01 -5.57
CA ILE B 244 -3.65 33.18 -6.50
C ILE B 244 -4.15 31.80 -6.95
N PRO B 245 -5.47 31.56 -6.90
CA PRO B 245 -6.03 30.28 -7.28
C PRO B 245 -6.06 30.01 -8.77
N LEU B 246 -5.84 28.74 -9.12
CA LEU B 246 -5.90 28.30 -10.49
C LEU B 246 -7.10 27.36 -10.65
N TYR B 247 -7.91 27.62 -11.69
CA TYR B 247 -9.02 26.75 -12.05
C TYR B 247 -8.79 26.16 -13.45
N SER B 248 -9.29 24.97 -13.67
CA SER B 248 -9.12 24.38 -15.00
C SER B 248 -10.37 23.70 -15.50
N ILE B 249 -10.61 23.76 -16.80
CA ILE B 249 -11.73 23.05 -17.34
C ILE B 249 -11.45 21.50 -17.18
N LEU B 250 -10.30 21.05 -17.65
CA LEU B 250 -9.94 19.63 -17.68
C LEU B 250 -8.65 19.39 -16.92
N SER B 251 -8.50 18.17 -16.45
CA SER B 251 -7.24 17.79 -15.79
C SER B 251 -6.82 16.43 -16.28
N TYR B 252 -5.54 16.20 -16.28
CA TYR B 252 -5.00 14.90 -16.66
C TYR B 252 -5.65 13.80 -15.84
N LYS B 253 -5.70 13.97 -14.55
CA LYS B 253 -6.19 12.94 -13.69
C LYS B 253 -7.68 12.63 -13.91
N ASP B 254 -8.52 13.64 -13.87
CA ASP B 254 -9.96 13.42 -14.02
C ASP B 254 -10.39 13.13 -15.45
N ASP B 255 -9.66 13.59 -16.45
CA ASP B 255 -10.18 13.59 -17.82
C ASP B 255 -9.35 12.91 -18.85
N ILE B 256 -8.04 12.94 -18.73
CA ILE B 256 -7.23 12.44 -19.81
C ILE B 256 -6.77 11.02 -19.57
N GLN B 257 -6.53 10.66 -18.31
CA GLN B 257 -5.90 9.38 -18.05
C GLN B 257 -6.79 8.23 -18.53
N SER B 258 -8.10 8.38 -18.37
CA SER B 258 -9.08 7.39 -18.85
C SER B 258 -9.17 7.27 -20.39
N MET B 259 -8.52 8.15 -21.14
CA MET B 259 -8.42 8.00 -22.58
C MET B 259 -7.23 7.10 -22.98
N ILE B 260 -6.38 6.76 -22.02
CA ILE B 260 -5.07 6.12 -22.37
C ILE B 260 -5.10 4.60 -22.67
N HIS B 261 -5.54 3.76 -21.73
CA HIS B 261 -5.84 2.30 -22.05
C HIS B 261 -4.61 1.38 -22.05
N PHE C 10 61.59 12.39 7.48
CA PHE C 10 60.47 12.77 6.55
C PHE C 10 59.56 13.88 7.03
N LEU C 11 59.03 14.65 6.09
CA LEU C 11 57.98 15.61 6.41
C LEU C 11 56.89 14.96 7.22
N CYS C 12 56.37 15.69 8.19
CA CYS C 12 55.23 15.20 8.95
C CYS C 12 53.94 15.36 8.12
N ASP C 13 52.93 14.54 8.41
CA ASP C 13 51.66 14.60 7.71
C ASP C 13 51.03 16.01 7.66
N GLU C 14 51.17 16.83 8.69
CA GLU C 14 50.58 18.17 8.62
C GLU C 14 51.24 19.01 7.55
N GLU C 15 52.55 18.87 7.41
CA GLU C 15 53.29 19.60 6.38
C GLU C 15 53.03 19.08 4.99
N ILE C 16 52.88 17.78 4.85
CA ILE C 16 52.53 17.21 3.58
C ILE C 16 51.19 17.73 3.11
N TYR C 17 50.23 17.78 4.01
CA TYR C 17 48.92 18.28 3.64
C TYR C 17 48.99 19.74 3.20
N LYS C 18 49.68 20.58 3.98
CA LYS C 18 49.84 22.03 3.64
C LYS C 18 50.42 22.18 2.26
N SER C 19 51.41 21.37 1.95
CA SER C 19 52.02 21.46 0.66
C SER C 19 51.06 20.96 -0.44
N PHE C 20 50.36 19.86 -0.18
CA PHE C 20 49.34 19.36 -1.10
C PHE C 20 48.36 20.45 -1.43
N VAL C 21 47.84 21.16 -0.40
CA VAL C 21 46.84 22.18 -0.61
C VAL C 21 47.39 23.27 -1.53
N HIS C 22 48.57 23.76 -1.21
CA HIS C 22 49.18 24.80 -2.00
C HIS C 22 49.33 24.35 -3.47
N LEU C 23 49.92 23.18 -3.69
CA LEU C 23 50.17 22.68 -5.04
C LEU C 23 48.88 22.34 -5.80
N LYS C 24 47.86 21.87 -5.08
CA LYS C 24 46.57 21.63 -5.69
C LYS C 24 45.96 22.94 -6.21
N ASP C 25 46.04 24.01 -5.43
CA ASP C 25 45.49 25.26 -5.84
C ASP C 25 46.19 25.77 -7.09
N LYS C 26 47.51 25.75 -7.08
CA LYS C 26 48.26 26.23 -8.22
C LYS C 26 47.97 25.40 -9.46
N ILE C 27 47.89 24.07 -9.30
CA ILE C 27 47.67 23.23 -10.44
C ILE C 27 46.31 23.54 -11.08
N CYS C 28 45.26 23.64 -10.29
CA CYS C 28 43.92 23.97 -10.79
C CYS C 28 43.91 25.35 -11.45
N GLU C 29 44.51 26.32 -10.78
CA GLU C 29 44.61 27.66 -11.32
C GLU C 29 45.23 27.63 -12.69
N GLU C 30 46.37 26.96 -12.82
CA GLU C 30 47.10 27.01 -14.10
C GLU C 30 46.34 26.26 -15.19
N ARG C 31 45.61 25.21 -14.80
CA ARG C 31 44.84 24.50 -15.80
C ARG C 31 43.72 25.41 -16.28
N LYS C 32 43.07 26.14 -15.38
CA LYS C 32 41.97 27.03 -15.79
C LYS C 32 42.46 28.16 -16.68
N LYS C 33 43.62 28.70 -16.38
CA LYS C 33 44.25 29.72 -17.24
C LYS C 33 44.85 29.18 -18.54
N LYS C 34 44.84 27.87 -18.73
CA LYS C 34 45.47 27.25 -19.90
C LYS C 34 46.96 27.59 -20.05
N GLU C 35 47.67 27.78 -18.94
CA GLU C 35 49.11 27.95 -18.95
C GLU C 35 49.78 26.57 -18.79
N LEU C 36 50.07 25.90 -19.89
CA LEU C 36 50.51 24.51 -19.86
C LEU C 36 51.92 24.27 -19.33
N VAL C 37 52.84 25.19 -19.55
CA VAL C 37 54.17 25.02 -19.00
C VAL C 37 54.16 25.10 -17.47
N SER C 38 53.41 26.05 -16.93
CA SER C 38 53.35 26.19 -15.47
C SER C 38 52.61 25.02 -14.87
N TYR C 39 51.53 24.62 -15.53
CA TYR C 39 50.76 23.46 -15.09
C TYR C 39 51.71 22.27 -14.97
N SER C 40 52.47 22.00 -16.02
CA SER C 40 53.42 20.86 -15.99
C SER C 40 54.40 20.95 -14.86
N SER C 41 54.83 22.17 -14.61
CA SER C 41 55.83 22.37 -13.61
C SER C 41 55.25 22.11 -12.21
N TYR C 42 54.05 22.62 -11.92
CA TYR C 42 53.44 22.37 -10.62
C TYR C 42 53.05 20.87 -10.45
N ILE C 43 52.67 20.20 -11.54
CA ILE C 43 52.42 18.79 -11.51
C ILE C 43 53.69 18.08 -11.05
N LYS C 44 54.83 18.52 -11.57
CA LYS C 44 56.10 17.88 -11.15
C LYS C 44 56.35 18.09 -9.69
N GLU C 45 55.99 19.25 -9.16
CA GLU C 45 56.17 19.44 -7.72
C GLU C 45 55.31 18.48 -6.90
N MET C 46 54.09 18.29 -7.35
CA MET C 46 53.20 17.42 -6.62
C MET C 46 53.73 15.96 -6.71
N LYS C 47 54.29 15.58 -7.86
CA LYS C 47 54.93 14.30 -7.97
C LYS C 47 56.11 14.16 -7.02
N LYS C 48 56.87 15.22 -6.80
CA LYS C 48 57.92 15.16 -5.77
C LYS C 48 57.33 14.90 -4.39
N LEU C 49 56.24 15.59 -4.09
CA LEU C 49 55.65 15.42 -2.76
C LEU C 49 55.16 13.95 -2.63
N LEU C 50 54.56 13.45 -3.71
CA LEU C 50 54.09 12.08 -3.73
C LEU C 50 55.24 11.10 -3.48
N LYS C 51 56.41 11.39 -4.04
CA LYS C 51 57.51 10.46 -3.86
C LYS C 51 57.96 10.45 -2.38
N VAL C 52 57.89 11.60 -1.73
CA VAL C 52 58.25 11.70 -0.33
C VAL C 52 57.29 10.85 0.48
N VAL C 53 56.03 10.93 0.10
CA VAL C 53 55.02 10.09 0.70
C VAL C 53 55.31 8.57 0.49
N LEU C 54 55.68 8.18 -0.73
CA LEU C 54 55.91 6.76 -1.04
C LEU C 54 57.05 6.24 -0.22
N LEU C 55 58.07 7.08 -0.01
CA LEU C 55 59.16 6.69 0.89
C LEU C 55 58.76 6.68 2.36
N LYS C 56 58.07 7.71 2.78
CA LYS C 56 57.74 7.81 4.18
C LYS C 56 56.91 6.62 4.64
N TYR C 57 55.94 6.19 3.83
CA TYR C 57 55.03 5.12 4.22
C TYR C 57 55.55 3.78 3.74
N LYS C 58 56.72 3.79 3.12
CA LYS C 58 57.38 2.55 2.71
C LYS C 58 56.59 1.80 1.67
N ALA C 59 55.95 2.54 0.79
CA ALA C 59 55.30 1.97 -0.39
C ALA C 59 56.36 1.53 -1.39
N LEU C 60 57.49 2.21 -1.36
CA LEU C 60 58.65 1.89 -2.13
C LEU C 60 59.72 1.32 -1.21
N LYS C 61 60.25 0.15 -1.53
CA LYS C 61 61.39 -0.42 -0.80
C LYS C 61 62.49 -0.82 -1.79
N PHE C 62 63.73 -0.73 -1.33
CA PHE C 62 64.86 -1.09 -2.17
C PHE C 62 65.32 -2.46 -1.68
N GLY C 63 64.90 -3.48 -2.43
CA GLY C 63 64.56 -4.79 -1.89
C GLY C 63 63.34 -5.38 -2.59
N ILE C 66 65.64 -7.18 -3.85
CA ILE C 66 65.26 -8.23 -4.81
C ILE C 66 64.09 -9.09 -4.31
N LEU C 67 63.14 -9.43 -5.19
CA LEU C 67 61.90 -10.16 -4.84
C LEU C 67 61.22 -10.80 -6.04
N LYS C 68 60.70 -12.00 -5.85
CA LYS C 68 60.42 -12.85 -7.01
C LYS C 68 58.93 -12.99 -7.38
N SER C 69 58.27 -11.85 -7.68
CA SER C 69 56.82 -11.87 -8.02
C SER C 69 56.49 -12.67 -9.31
N LYS C 70 57.16 -12.38 -10.44
CA LYS C 70 57.38 -13.40 -11.51
C LYS C 70 58.91 -13.58 -11.80
N ARG C 71 59.56 -12.44 -12.11
CA ARG C 71 61.01 -12.32 -12.35
C ARG C 71 61.65 -11.50 -11.21
N LYS C 72 62.98 -11.41 -11.19
CA LYS C 72 63.69 -10.55 -10.18
C LYS C 72 63.57 -9.03 -10.36
N SER C 73 63.59 -8.27 -9.25
CA SER C 73 63.55 -6.77 -9.24
C SER C 73 64.40 -6.07 -8.11
N ASN C 74 65.01 -4.93 -8.42
CA ASN C 74 65.76 -4.04 -7.48
C ASN C 74 64.89 -3.13 -6.53
N TYR C 75 63.57 -3.12 -6.73
CA TYR C 75 62.66 -2.40 -5.85
C TYR C 75 61.33 -3.13 -5.81
N PHE C 76 60.59 -2.89 -4.73
CA PHE C 76 59.28 -3.45 -4.48
C PHE C 76 58.30 -2.31 -4.25
N PHE C 77 57.09 -2.44 -4.79
CA PHE C 77 56.08 -1.41 -4.63
C PHE C 77 54.81 -1.98 -4.06
N SER C 78 54.32 -1.42 -2.95
CA SER C 78 53.04 -1.89 -2.39
C SER C 78 52.20 -0.65 -2.11
N SER C 79 50.95 -0.71 -2.54
CA SER C 79 50.03 0.36 -2.34
C SER C 79 49.18 0.29 -1.04
N GLY C 80 49.30 -0.78 -0.26
CA GLY C 80 48.46 -0.91 0.94
C GLY C 80 48.70 0.23 1.90
N VAL C 81 49.95 0.66 1.98
CA VAL C 81 50.35 1.67 2.92
C VAL C 81 49.94 3.05 2.47
N LEU C 82 49.28 3.14 1.33
CA LEU C 82 48.76 4.43 0.83
C LEU C 82 47.27 4.64 1.15
N ASN C 83 46.67 3.73 1.90
CA ASN C 83 45.30 3.84 2.33
C ASN C 83 45.18 4.72 3.58
N ASN C 84 45.53 5.98 3.38
CA ASN C 84 45.36 7.00 4.37
C ASN C 84 45.14 8.30 3.65
N ILE C 85 44.34 9.19 4.21
CA ILE C 85 43.76 10.24 3.44
C ILE C 85 44.82 11.24 2.99
N VAL C 86 45.84 11.48 3.80
CA VAL C 86 46.88 12.37 3.35
C VAL C 86 47.59 11.88 2.08
N SER C 87 47.85 10.58 2.03
CA SER C 87 48.44 10.03 0.84
C SER C 87 47.43 9.95 -0.31
N SER C 88 46.23 9.45 -0.07
CA SER C 88 45.32 9.20 -1.19
C SER C 88 44.78 10.48 -1.75
N ASN C 89 44.77 11.55 -0.95
CA ASN C 89 44.49 12.88 -1.53
C ASN C 89 45.37 13.19 -2.73
N ILE C 90 46.66 12.97 -2.56
CA ILE C 90 47.64 13.34 -3.57
C ILE C 90 47.40 12.46 -4.77
N ILE C 91 47.36 11.16 -4.52
CA ILE C 91 47.21 10.18 -5.59
C ILE C 91 45.93 10.46 -6.38
N CYS C 92 44.82 10.56 -5.67
CA CYS C 92 43.53 10.70 -6.36
C CYS C 92 43.34 12.07 -7.04
N PHE C 93 43.93 13.10 -6.47
CA PHE C 93 43.97 14.36 -7.10
C PHE C 93 44.67 14.31 -8.45
N LEU C 94 45.84 13.69 -8.45
CA LEU C 94 46.57 13.50 -9.69
C LEU C 94 45.87 12.61 -10.71
N LEU C 95 45.19 11.56 -10.25
CA LEU C 95 44.43 10.74 -11.20
C LEU C 95 43.36 11.62 -11.86
N SER C 96 42.71 12.43 -11.07
CA SER C 96 41.70 13.33 -11.60
C SER C 96 42.32 14.33 -12.58
N GLU C 97 43.51 14.84 -12.29
CA GLU C 97 44.16 15.71 -13.23
C GLU C 97 44.54 15.04 -14.55
N LEU C 98 44.91 13.76 -14.54
CA LEU C 98 45.21 13.08 -15.79
C LEU C 98 43.98 13.04 -16.66
N ILE C 99 42.83 12.84 -16.05
CA ILE C 99 41.60 12.74 -16.81
C ILE C 99 41.29 14.09 -17.42
N LEU C 100 41.40 15.14 -16.62
CA LEU C 100 41.12 16.50 -17.12
C LEU C 100 42.11 17.00 -18.15
N LYS C 101 43.40 16.86 -17.88
CA LYS C 101 44.41 17.39 -18.77
C LYS C 101 44.30 16.75 -20.11
N ASN C 102 44.06 15.45 -20.16
CA ASN C 102 43.97 14.74 -21.43
C ASN C 102 42.56 14.77 -21.96
N LYS C 103 41.67 15.52 -21.32
CA LYS C 103 40.31 15.69 -21.83
C LYS C 103 39.59 14.39 -22.14
N LEU C 104 39.68 13.45 -21.23
CA LEU C 104 39.10 12.15 -21.43
C LEU C 104 37.62 12.20 -21.07
N SER C 105 36.83 11.80 -22.03
CA SER C 105 35.44 11.70 -21.90
C SER C 105 35.07 10.32 -21.31
N PHE C 106 34.12 10.30 -20.36
CA PHE C 106 33.68 9.08 -19.76
C PHE C 106 32.24 9.21 -19.26
N ASP C 107 31.59 8.08 -19.17
CA ASP C 107 30.31 7.98 -18.50
C ASP C 107 30.46 7.42 -17.09
N TYR C 108 31.46 6.57 -16.91
CA TYR C 108 31.75 5.92 -15.63
C TYR C 108 33.24 5.91 -15.36
N LEU C 109 33.59 5.90 -14.09
CA LEU C 109 34.93 5.49 -13.66
C LEU C 109 34.84 4.15 -12.97
N LEU C 110 35.83 3.30 -13.17
CA LEU C 110 35.78 1.99 -12.57
C LEU C 110 37.02 1.75 -11.80
N GLY C 111 36.85 1.44 -10.52
CA GLY C 111 37.99 1.16 -9.65
C GLY C 111 38.26 -0.31 -9.63
N ALA C 112 39.43 -0.70 -10.06
CA ALA C 112 39.86 -2.15 -10.15
C ALA C 112 39.92 -2.76 -8.79
N SER C 113 39.24 -3.85 -8.59
CA SER C 113 39.25 -4.49 -7.27
C SER C 113 40.65 -5.05 -6.94
N TYR C 114 41.16 -4.91 -5.72
CA TYR C 114 40.54 -4.15 -4.64
C TYR C 114 41.12 -2.74 -4.60
N LYS C 115 42.36 -2.58 -5.03
CA LYS C 115 43.18 -1.39 -4.74
C LYS C 115 42.63 -0.11 -5.33
N GLY C 116 42.01 -0.24 -6.50
CA GLY C 116 41.32 0.87 -7.12
C GLY C 116 40.00 1.31 -6.49
N ILE C 117 39.38 0.50 -5.66
CA ILE C 117 38.07 0.82 -5.15
C ILE C 117 38.09 2.05 -4.26
N PRO C 118 39.00 2.15 -3.28
CA PRO C 118 38.91 3.36 -2.43
C PRO C 118 39.39 4.54 -3.22
N MET C 119 40.20 4.29 -4.23
CA MET C 119 40.63 5.36 -5.08
C MET C 119 39.52 5.96 -5.97
N VAL C 120 38.52 5.15 -6.34
CA VAL C 120 37.62 5.61 -7.37
C VAL C 120 36.63 6.64 -6.81
N SER C 121 36.16 6.43 -5.59
CA SER C 121 35.29 7.41 -4.99
C SER C 121 35.97 8.74 -4.73
N LEU C 122 37.17 8.66 -4.22
CA LEU C 122 37.89 9.87 -3.90
C LEU C 122 38.33 10.61 -5.16
N THR C 123 38.71 9.88 -6.19
CA THR C 123 39.06 10.49 -7.45
C THR C 123 37.82 11.17 -8.01
N SER C 124 36.69 10.48 -7.93
CA SER C 124 35.42 11.10 -8.31
C SER C 124 35.18 12.41 -7.57
N HIS C 125 35.51 12.42 -6.30
CA HIS C 125 35.40 13.65 -5.54
C HIS C 125 36.25 14.79 -6.13
N PHE C 126 37.51 14.53 -6.43
CA PHE C 126 38.33 15.61 -7.00
C PHE C 126 37.86 16.04 -8.40
N LEU C 127 37.42 15.11 -9.24
CA LEU C 127 36.88 15.43 -10.54
C LEU C 127 35.68 16.34 -10.39
N PHE C 128 34.83 16.03 -9.42
CA PHE C 128 33.59 16.79 -9.22
C PHE C 128 33.85 18.24 -8.89
N GLU C 129 35.01 18.54 -8.29
CA GLU C 129 35.37 19.95 -7.98
C GLU C 129 35.59 20.82 -9.21
N SER C 130 35.90 20.22 -10.35
CA SER C 130 36.04 20.97 -11.59
C SER C 130 34.80 21.69 -12.03
N LYS C 131 33.65 21.32 -11.46
CA LYS C 131 32.36 21.89 -11.89
C LYS C 131 31.97 21.60 -13.33
N LYS C 132 32.64 20.68 -13.98
CA LYS C 132 32.24 20.29 -15.30
C LYS C 132 31.14 19.24 -15.31
N TYR C 133 30.74 18.70 -14.16
CA TYR C 133 29.90 17.50 -14.18
C TYR C 133 28.72 17.71 -13.29
N SER C 134 27.57 17.18 -13.67
CA SER C 134 26.42 17.30 -12.80
C SER C 134 26.44 16.15 -11.75
N ASN C 135 27.12 15.07 -12.11
CA ASN C 135 27.40 13.94 -11.21
C ASN C 135 28.56 13.13 -11.81
N ILE C 136 29.10 12.20 -11.03
CA ILE C 136 30.09 11.22 -11.47
C ILE C 136 29.67 9.87 -10.95
N PHE C 137 29.53 8.94 -11.85
CA PHE C 137 29.10 7.61 -11.55
C PHE C 137 30.29 6.67 -11.56
N TYR C 138 30.49 5.92 -10.50
CA TYR C 138 31.61 5.00 -10.46
C TYR C 138 31.19 3.56 -10.22
N LEU C 139 32.06 2.66 -10.64
CA LEU C 139 31.81 1.23 -10.68
C LEU C 139 32.94 0.51 -10.00
N TYR C 140 32.68 -0.73 -9.63
CA TYR C 140 33.76 -1.63 -9.29
C TYR C 140 33.40 -3.04 -9.67
N ASP C 141 34.43 -3.87 -9.85
CA ASP C 141 34.25 -5.29 -10.16
C ASP C 141 34.45 -6.13 -8.93
N ARG C 142 33.65 -7.17 -8.76
CA ARG C 142 33.90 -8.19 -7.74
C ARG C 142 34.87 -9.28 -8.25
N LYS C 143 35.33 -10.20 -7.42
CA LYS C 143 36.23 -11.32 -7.91
C LYS C 143 35.73 -12.76 -8.02
N ASN C 152 26.34 -10.89 -10.46
CA ASN C 152 26.51 -9.50 -10.90
C ASN C 152 27.88 -8.91 -10.64
N VAL C 153 28.75 -9.08 -11.61
CA VAL C 153 30.15 -8.86 -11.37
C VAL C 153 30.58 -7.40 -11.40
N ILE C 154 29.82 -6.54 -12.07
CA ILE C 154 30.09 -5.11 -12.07
C ILE C 154 29.00 -4.37 -11.28
N VAL C 155 29.41 -3.56 -10.32
CA VAL C 155 28.49 -2.92 -9.42
C VAL C 155 28.49 -1.41 -9.68
N GLY C 156 27.30 -0.82 -9.67
CA GLY C 156 27.13 0.61 -9.77
C GLY C 156 25.83 1.01 -10.50
N ASN C 157 25.77 2.24 -11.00
CA ASN C 157 24.55 2.74 -11.62
C ASN C 157 24.46 2.28 -13.06
N LEU C 158 24.25 0.99 -13.26
CA LEU C 158 24.10 0.43 -14.61
C LEU C 158 22.66 0.24 -15.10
N ASP C 159 22.40 0.39 -16.43
CA ASP C 159 21.28 -0.35 -17.15
C ASP C 159 21.28 -1.83 -16.64
N GLU C 179 25.63 5.42 -28.12
CA GLU C 179 25.00 4.14 -27.77
C GLU C 179 25.73 3.34 -26.65
N LYS C 180 27.05 3.23 -26.77
CA LYS C 180 27.86 2.58 -25.74
C LYS C 180 28.32 3.57 -24.66
N LYS C 181 28.29 3.12 -23.41
CA LYS C 181 28.80 3.92 -22.30
C LYS C 181 30.27 3.68 -22.09
N ASN C 182 31.01 4.76 -21.89
CA ASN C 182 32.44 4.74 -21.76
C ASN C 182 32.97 4.69 -20.32
N ILE C 183 33.94 3.81 -20.11
CA ILE C 183 34.55 3.58 -18.85
C ILE C 183 36.03 3.89 -18.86
N ILE C 184 36.49 4.61 -17.85
CA ILE C 184 37.91 4.74 -17.55
C ILE C 184 38.22 3.88 -16.32
N ILE C 185 39.27 3.05 -16.40
CA ILE C 185 39.61 2.13 -15.33
C ILE C 185 40.79 2.66 -14.59
N ILE C 186 40.69 2.63 -13.26
CA ILE C 186 41.73 3.08 -12.35
C ILE C 186 42.32 1.92 -11.54
N ASP C 187 43.64 1.87 -11.45
CA ASP C 187 44.32 0.81 -10.73
C ASP C 187 45.68 1.34 -10.26
N ASP C 188 46.38 0.58 -9.42
CA ASP C 188 47.59 1.12 -8.76
C ASP C 188 48.83 0.94 -9.60
N VAL C 189 49.07 -0.26 -10.11
CA VAL C 189 50.32 -0.57 -10.77
C VAL C 189 50.10 -1.29 -12.09
N PHE C 190 50.85 -0.91 -13.11
CA PHE C 190 50.87 -1.66 -14.36
C PHE C 190 52.23 -2.30 -14.54
N THR C 191 52.22 -3.60 -14.76
CA THR C 191 53.44 -4.33 -15.12
C THR C 191 53.32 -4.86 -16.57
N CYS C 192 52.49 -5.89 -16.76
CA CYS C 192 52.20 -6.49 -18.11
C CYS C 192 50.79 -6.28 -18.55
N GLY C 193 49.91 -5.96 -17.62
CA GLY C 193 48.51 -5.77 -17.92
C GLY C 193 47.62 -6.94 -17.59
N THR C 194 48.13 -7.87 -16.81
CA THR C 194 47.36 -9.06 -16.52
C THR C 194 46.08 -8.73 -15.78
N ALA C 195 46.18 -7.89 -14.77
CA ALA C 195 44.99 -7.50 -13.99
C ALA C 195 43.94 -6.70 -14.79
N LEU C 196 44.41 -5.79 -15.62
CA LEU C 196 43.49 -5.05 -16.50
C LEU C 196 42.82 -5.98 -17.52
N THR C 197 43.56 -6.94 -18.04
CA THR C 197 43.01 -7.89 -18.98
C THR C 197 41.86 -8.68 -18.34
N GLU C 198 42.00 -9.03 -17.07
CA GLU C 198 40.96 -9.79 -16.40
C GLU C 198 39.66 -8.95 -16.28
N ILE C 199 39.81 -7.66 -16.04
CA ILE C 199 38.66 -6.79 -15.92
C ILE C 199 38.00 -6.63 -17.28
N LEU C 200 38.80 -6.52 -18.31
CA LEU C 200 38.27 -6.51 -19.69
C LEU C 200 37.46 -7.76 -20.01
N ALA C 201 37.91 -8.91 -19.54
CA ALA C 201 37.15 -10.16 -19.71
C ALA C 201 35.79 -10.05 -19.06
N LYS C 202 35.75 -9.51 -17.86
CA LYS C 202 34.47 -9.37 -17.16
C LYS C 202 33.53 -8.42 -17.89
N LEU C 203 34.11 -7.38 -18.50
CA LEU C 203 33.32 -6.37 -19.15
C LEU C 203 32.85 -6.76 -20.54
N LYS C 204 33.48 -7.77 -21.18
CA LYS C 204 33.07 -8.15 -22.55
C LYS C 204 31.63 -8.59 -22.56
N THR C 205 31.16 -9.22 -21.47
CA THR C 205 29.77 -9.72 -21.39
C THR C 205 28.76 -8.58 -21.43
N TYR C 206 29.13 -7.40 -20.95
CA TYR C 206 28.23 -6.26 -20.94
C TYR C 206 28.33 -5.57 -22.32
N GLU C 207 27.29 -5.76 -23.12
CA GLU C 207 27.29 -5.25 -24.49
C GLU C 207 27.37 -3.73 -24.65
N HIS C 208 26.74 -2.97 -23.75
CA HIS C 208 26.65 -1.50 -23.83
C HIS C 208 27.78 -0.75 -23.13
N LEU C 209 28.82 -1.47 -22.69
CA LEU C 209 29.99 -0.84 -22.09
C LEU C 209 31.25 -0.96 -22.93
N LYS C 210 32.08 0.06 -22.86
CA LYS C 210 33.34 0.14 -23.60
C LYS C 210 34.40 0.84 -22.72
N VAL C 211 35.62 0.33 -22.71
CA VAL C 211 36.66 0.95 -21.96
C VAL C 211 37.47 1.84 -22.85
N VAL C 212 37.66 3.08 -22.45
CA VAL C 212 38.36 4.06 -23.32
C VAL C 212 39.70 4.50 -22.79
N ALA C 213 40.02 4.15 -21.56
CA ALA C 213 41.33 4.49 -20.98
C ALA C 213 41.61 3.74 -19.69
N PHE C 214 42.89 3.54 -19.39
CA PHE C 214 43.35 3.01 -18.14
C PHE C 214 44.21 4.10 -17.51
N ILE C 215 43.98 4.36 -16.22
CA ILE C 215 44.82 5.27 -15.49
C ILE C 215 45.36 4.56 -14.26
N VAL C 216 46.62 4.80 -13.97
CA VAL C 216 47.36 4.01 -13.03
C VAL C 216 48.37 4.88 -12.25
N LEU C 217 48.64 4.51 -11.01
CA LEU C 217 49.57 5.27 -10.17
C LEU C 217 51.00 5.09 -10.62
N LEU C 218 51.35 3.85 -10.95
CA LEU C 218 52.71 3.53 -11.40
C LEU C 218 52.76 2.56 -12.58
N ASN C 219 53.52 2.94 -13.61
CA ASN C 219 53.88 2.05 -14.69
C ASN C 219 55.30 1.63 -14.49
N ARG C 220 55.52 0.34 -14.30
CA ARG C 220 56.89 -0.15 -14.08
C ARG C 220 57.82 -0.13 -15.30
N ASN C 221 57.28 0.15 -16.49
CA ASN C 221 58.08 0.16 -17.73
C ASN C 221 58.84 -1.16 -18.00
N GLU C 222 58.16 -2.28 -17.77
CA GLU C 222 58.76 -3.56 -18.01
C GLU C 222 58.94 -3.72 -19.51
N TYR C 223 59.99 -4.45 -19.89
CA TYR C 223 60.25 -4.76 -21.26
C TYR C 223 60.96 -6.08 -21.47
N GLU C 224 60.99 -6.55 -22.71
CA GLU C 224 61.91 -7.67 -23.05
C GLU C 224 62.70 -7.26 -24.22
N ILE C 225 63.90 -7.80 -24.35
CA ILE C 225 64.73 -7.51 -25.53
C ILE C 225 64.47 -8.55 -26.56
N ASN C 226 64.30 -8.10 -27.81
CA ASN C 226 63.93 -9.00 -28.88
C ASN C 226 65.12 -9.40 -29.72
N GLU C 227 64.83 -10.10 -30.81
CA GLU C 227 65.86 -10.68 -31.60
C GLU C 227 66.78 -9.66 -32.25
N ASN C 228 66.36 -8.40 -32.30
CA ASN C 228 67.11 -7.32 -32.92
C ASN C 228 67.77 -6.40 -31.89
N ASN C 229 67.80 -6.86 -30.65
CA ASN C 229 68.42 -6.13 -29.55
C ASN C 229 67.70 -4.84 -29.29
N GLN C 230 66.38 -4.89 -29.41
CA GLN C 230 65.48 -3.78 -29.08
C GLN C 230 64.63 -4.04 -27.82
N LYS C 231 64.45 -3.02 -27.01
CA LYS C 231 63.53 -3.09 -25.90
C LYS C 231 62.12 -2.94 -26.38
N ILE C 232 61.29 -3.94 -26.10
CA ILE C 232 59.90 -3.95 -26.45
C ILE C 232 59.18 -3.89 -25.13
N TYR C 233 58.50 -2.78 -24.90
CA TYR C 233 57.82 -2.53 -23.63
C TYR C 233 56.43 -3.19 -23.59
N PHE C 234 56.10 -3.80 -22.47
CA PHE C 234 54.77 -4.41 -22.31
C PHE C 234 53.65 -3.43 -22.44
N LYS C 235 53.88 -2.18 -22.04
CA LYS C 235 52.84 -1.21 -22.23
C LYS C 235 52.43 -1.14 -23.73
N ASP C 236 53.42 -1.07 -24.62
CA ASP C 236 53.15 -0.91 -26.04
C ASP C 236 52.43 -2.12 -26.62
N ILE C 237 52.86 -3.29 -26.21
CA ILE C 237 52.23 -4.53 -26.64
C ILE C 237 50.78 -4.58 -26.17
N PHE C 238 50.58 -4.25 -24.90
CA PHE C 238 49.24 -4.23 -24.30
C PHE C 238 48.30 -3.22 -24.99
N GLU C 239 48.78 -2.00 -25.21
CA GLU C 239 47.97 -1.00 -25.84
C GLU C 239 47.54 -1.46 -27.23
N LYS C 240 48.46 -2.11 -27.95
CA LYS C 240 48.18 -2.55 -29.28
C LYS C 240 47.16 -3.70 -29.28
N ARG C 241 47.36 -4.68 -28.43
CA ARG C 241 46.45 -5.79 -28.34
C ARG C 241 45.02 -5.37 -27.98
N VAL C 242 44.82 -4.43 -27.04
CA VAL C 242 43.46 -4.13 -26.60
C VAL C 242 42.89 -2.85 -27.20
N GLY C 243 43.73 -2.07 -27.88
CA GLY C 243 43.30 -0.82 -28.53
C GLY C 243 42.83 0.28 -27.57
N ILE C 244 43.43 0.34 -26.37
CA ILE C 244 43.07 1.33 -25.37
C ILE C 244 44.32 1.94 -24.71
N PRO C 245 44.36 3.26 -24.56
CA PRO C 245 45.56 3.90 -24.02
C PRO C 245 45.68 3.76 -22.53
N LEU C 246 46.92 3.65 -22.08
CA LEU C 246 47.21 3.67 -20.67
C LEU C 246 47.93 4.96 -20.32
N TYR C 247 47.50 5.59 -19.21
CA TYR C 247 48.21 6.74 -18.59
C TYR C 247 48.69 6.42 -17.18
N SER C 248 49.77 7.07 -16.76
CA SER C 248 50.24 6.85 -15.39
C SER C 248 50.71 8.08 -14.68
N ILE C 249 50.53 8.12 -13.37
CA ILE C 249 51.02 9.29 -12.64
C ILE C 249 52.53 9.22 -12.61
N LEU C 250 53.06 8.09 -12.20
CA LEU C 250 54.50 7.88 -12.10
C LEU C 250 54.99 6.76 -13.00
N SER C 251 56.28 6.79 -13.33
CA SER C 251 56.85 5.71 -14.08
C SER C 251 58.19 5.36 -13.50
N TYR C 252 58.61 4.12 -13.70
CA TYR C 252 59.94 3.70 -13.27
C TYR C 252 61.02 4.57 -13.89
N LYS C 253 60.95 4.79 -15.19
CA LYS C 253 62.03 5.51 -15.91
C LYS C 253 62.12 6.95 -15.42
N ASP C 254 61.01 7.66 -15.42
CA ASP C 254 61.03 9.09 -15.03
C ASP C 254 61.15 9.36 -13.55
N ASP C 255 60.69 8.44 -12.71
CA ASP C 255 60.48 8.77 -11.29
C ASP C 255 61.17 7.86 -10.29
N ILE C 256 61.26 6.56 -10.56
CA ILE C 256 61.78 5.63 -9.56
C ILE C 256 63.26 5.33 -9.72
N GLN C 257 63.76 5.31 -10.95
CA GLN C 257 65.15 4.95 -11.19
C GLN C 257 66.13 5.87 -10.47
N SER C 258 65.86 7.18 -10.47
CA SER C 258 66.70 8.15 -9.77
C SER C 258 66.69 8.02 -8.25
N MET C 259 65.80 7.23 -7.67
CA MET C 259 65.79 6.98 -6.22
C MET C 259 66.79 5.88 -5.82
N ILE C 260 67.51 5.34 -6.82
CA ILE C 260 68.42 4.20 -6.66
C ILE C 260 69.92 4.64 -6.59
N GLU D 9 9.17 12.07 -10.91
CA GLU D 9 10.21 13.16 -11.05
C GLU D 9 10.72 13.84 -9.73
N PHE D 10 12.02 14.06 -9.74
CA PHE D 10 12.76 14.28 -8.56
C PHE D 10 13.68 15.45 -8.79
N LEU D 11 14.19 16.02 -7.71
CA LEU D 11 15.21 17.01 -7.81
C LEU D 11 16.28 16.52 -8.76
N CYS D 12 16.82 17.41 -9.52
CA CYS D 12 17.95 17.13 -10.36
C CYS D 12 19.21 17.15 -9.53
N ASP D 13 20.24 16.45 -10.02
CA ASP D 13 21.53 16.36 -9.31
C ASP D 13 22.13 17.72 -8.96
N GLU D 14 21.95 18.73 -9.79
CA GLU D 14 22.57 20.02 -9.43
C GLU D 14 21.93 20.57 -8.17
N GLU D 15 20.63 20.44 -8.08
CA GLU D 15 19.86 20.97 -6.96
C GLU D 15 20.17 20.15 -5.72
N ILE D 16 20.32 18.82 -5.87
CA ILE D 16 20.67 17.98 -4.74
C ILE D 16 22.01 18.39 -4.16
N TYR D 17 22.96 18.65 -5.03
CA TYR D 17 24.27 19.10 -4.57
C TYR D 17 24.17 20.42 -3.81
N LYS D 18 23.47 21.39 -4.39
CA LYS D 18 23.35 22.75 -3.78
C LYS D 18 22.74 22.63 -2.39
N SER D 19 21.76 21.78 -2.26
CA SER D 19 21.14 21.57 -0.99
C SER D 19 22.07 20.84 -0.01
N PHE D 20 22.78 19.82 -0.51
CA PHE D 20 23.82 19.17 0.27
C PHE D 20 24.81 20.19 0.84
N VAL D 21 25.32 21.09 0.02
CA VAL D 21 26.35 22.02 0.45
C VAL D 21 25.77 22.89 1.58
N HIS D 22 24.58 23.44 1.34
CA HIS D 22 23.94 24.32 2.30
C HIS D 22 23.77 23.57 3.63
N LEU D 23 23.24 22.35 3.58
CA LEU D 23 22.97 21.61 4.78
C LEU D 23 24.23 21.17 5.48
N LYS D 24 25.25 20.83 4.71
CA LYS D 24 26.55 20.45 5.30
C LYS D 24 27.14 21.62 6.10
N ASP D 25 27.06 22.82 5.55
CA ASP D 25 27.62 23.98 6.24
C ASP D 25 26.87 24.21 7.55
N LYS D 26 25.54 24.17 7.51
CA LYS D 26 24.75 24.42 8.71
C LYS D 26 25.01 23.34 9.74
N ILE D 27 25.13 22.09 9.31
CA ILE D 27 25.33 21.02 10.28
C ILE D 27 26.64 21.20 11.00
N CYS D 28 27.70 21.48 10.25
CA CYS D 28 29.01 21.70 10.86
C CYS D 28 28.98 22.91 11.80
N GLU D 29 28.38 23.99 11.34
CA GLU D 29 28.26 25.22 12.13
C GLU D 29 27.58 24.92 13.46
N GLU D 30 26.47 24.21 13.42
CA GLU D 30 25.69 23.96 14.64
C GLU D 30 26.37 22.97 15.56
N ARG D 31 27.13 22.04 15.00
CA ARG D 31 27.94 21.15 15.86
C ARG D 31 29.00 21.98 16.57
N LYS D 32 29.66 22.91 15.86
CA LYS D 32 30.72 23.69 16.49
C LYS D 32 30.16 24.58 17.57
N LYS D 33 28.98 25.15 17.35
CA LYS D 33 28.32 25.98 18.35
C LYS D 33 27.63 25.21 19.47
N LYS D 34 27.68 23.88 19.42
CA LYS D 34 27.02 23.04 20.41
C LYS D 34 25.52 23.39 20.57
N GLU D 35 24.85 23.80 19.50
CA GLU D 35 23.41 24.03 19.51
C GLU D 35 22.67 22.77 19.10
N LEU D 36 22.28 21.96 20.07
CA LEU D 36 21.90 20.56 19.83
C LEU D 36 20.59 20.39 19.10
N VAL D 37 19.64 21.25 19.42
CA VAL D 37 18.36 21.20 18.76
C VAL D 37 18.48 21.55 17.25
N SER D 38 19.27 22.56 16.93
CA SER D 38 19.43 23.00 15.58
C SER D 38 20.21 21.96 14.80
N TYR D 39 21.25 21.39 15.42
CA TYR D 39 22.06 20.34 14.80
C TYR D 39 21.13 19.22 14.42
N SER D 40 20.36 18.73 15.37
CA SER D 40 19.45 17.62 15.08
C SER D 40 18.50 17.93 13.96
N SER D 41 18.08 19.16 13.89
CA SER D 41 17.10 19.55 12.90
C SER D 41 17.76 19.57 11.53
N TYR D 42 18.95 20.09 11.42
CA TYR D 42 19.61 20.14 10.12
C TYR D 42 20.05 18.73 9.65
N ILE D 43 20.40 17.86 10.60
CA ILE D 43 20.64 16.47 10.29
C ILE D 43 19.39 15.84 9.72
N LYS D 44 18.26 16.13 10.32
CA LYS D 44 17.01 15.59 9.84
C LYS D 44 16.74 16.13 8.41
N GLU D 45 17.10 17.37 8.09
CA GLU D 45 16.95 17.85 6.71
C GLU D 45 17.81 17.07 5.71
N MET D 46 19.05 16.84 6.09
CA MET D 46 19.94 16.10 5.24
C MET D 46 19.38 14.71 5.03
N LYS D 47 18.82 14.11 6.08
CA LYS D 47 18.20 12.79 5.92
C LYS D 47 17.01 12.82 4.96
N LYS D 48 16.26 13.91 4.94
CA LYS D 48 15.24 14.07 3.93
C LYS D 48 15.81 14.15 2.54
N LEU D 49 16.90 14.87 2.38
CA LEU D 49 17.51 14.95 1.10
C LEU D 49 17.98 13.54 0.66
N LEU D 50 18.63 12.83 1.59
CA LEU D 50 19.08 11.50 1.33
C LEU D 50 17.93 10.60 0.87
N LYS D 51 16.78 10.71 1.52
CA LYS D 51 15.70 9.83 1.18
C LYS D 51 15.22 10.14 -0.27
N VAL D 52 15.22 11.40 -0.65
CA VAL D 52 14.87 11.75 -2.01
C VAL D 52 15.85 11.06 -2.98
N VAL D 53 17.11 11.08 -2.62
CA VAL D 53 18.15 10.41 -3.38
C VAL D 53 17.91 8.91 -3.52
N LEU D 54 17.54 8.28 -2.44
CA LEU D 54 17.33 6.83 -2.43
C LEU D 54 16.20 6.50 -3.35
N LEU D 55 15.17 7.35 -3.36
CA LEU D 55 14.06 7.15 -4.30
C LEU D 55 14.42 7.48 -5.74
N LYS D 56 15.12 8.58 -5.93
CA LYS D 56 15.43 8.99 -7.25
C LYS D 56 16.29 7.90 -7.96
N TYR D 57 17.26 7.30 -7.26
CA TYR D 57 18.19 6.36 -7.87
C TYR D 57 17.69 4.95 -7.71
N LYS D 58 16.52 4.81 -7.11
CA LYS D 58 15.86 3.53 -6.97
C LYS D 58 16.63 2.56 -6.11
N ALA D 59 17.28 3.09 -5.10
CA ALA D 59 17.92 2.26 -4.10
C ALA D 59 16.85 1.58 -3.29
N LEU D 60 15.71 2.27 -3.15
CA LEU D 60 14.52 1.74 -2.52
C LEU D 60 13.49 1.41 -3.55
N LYS D 61 12.94 0.22 -3.51
CA LYS D 61 11.83 -0.19 -4.39
C LYS D 61 10.73 -0.86 -3.59
N PHE D 62 9.50 -0.60 -4.01
CA PHE D 62 8.33 -0.94 -3.24
C PHE D 62 7.38 -1.86 -3.93
N GLY D 63 6.82 -2.76 -3.15
CA GLY D 63 5.81 -3.67 -3.75
C GLY D 63 6.21 -4.51 -4.99
N GLU D 64 7.50 -4.77 -5.21
CA GLU D 64 7.92 -5.60 -6.36
C GLU D 64 7.92 -7.09 -6.02
N PHE D 65 7.71 -7.89 -7.06
CA PHE D 65 7.61 -9.36 -6.88
C PHE D 65 8.94 -9.89 -6.43
N ILE D 66 8.91 -10.54 -5.28
CA ILE D 66 10.05 -11.36 -4.83
C ILE D 66 10.47 -12.37 -5.90
N LEU D 67 11.76 -12.58 -6.08
CA LEU D 67 12.23 -13.43 -7.18
C LEU D 67 11.80 -14.89 -7.01
N LYS D 68 11.45 -15.53 -8.12
CA LYS D 68 10.88 -16.88 -8.14
C LYS D 68 9.81 -17.06 -7.05
N SER D 69 8.77 -16.23 -7.17
CA SER D 69 7.70 -16.14 -6.18
C SER D 69 6.62 -15.20 -6.72
N LYS D 70 5.37 -15.34 -6.30
CA LYS D 70 4.27 -14.38 -6.64
C LYS D 70 3.92 -13.51 -5.42
N ARG D 71 4.63 -13.70 -4.30
CA ARG D 71 4.51 -12.76 -3.15
C ARG D 71 5.31 -11.45 -3.46
N LYS D 72 5.02 -10.37 -2.74
CA LYS D 72 5.63 -9.04 -2.93
C LYS D 72 6.32 -8.60 -1.65
N SER D 73 7.38 -7.81 -1.76
CA SER D 73 8.10 -7.29 -0.60
C SER D 73 7.48 -5.94 -0.26
N ASN D 74 7.28 -5.64 1.01
CA ASN D 74 6.87 -4.28 1.36
C ASN D 74 7.95 -3.36 0.64
N TYR D 75 9.23 -3.70 0.85
CA TYR D 75 10.35 -3.01 0.17
C TYR D 75 11.57 -3.85 0.03
N PHE D 76 12.47 -3.39 -0.83
CA PHE D 76 13.87 -3.86 -0.74
C PHE D 76 14.89 -2.75 -1.16
N PHE D 77 16.13 -2.99 -0.72
CA PHE D 77 17.15 -1.96 -0.72
C PHE D 77 18.41 -2.42 -1.38
N SER D 78 18.92 -1.64 -2.34
CA SER D 78 20.21 -1.96 -2.92
C SER D 78 21.04 -0.71 -2.99
N SER D 79 22.30 -0.83 -2.58
CA SER D 79 23.18 0.32 -2.51
C SER D 79 24.00 0.54 -3.77
N GLY D 80 23.87 -0.31 -4.77
CA GLY D 80 24.76 -0.20 -5.93
C GLY D 80 24.52 1.09 -6.68
N VAL D 81 23.28 1.49 -6.72
CA VAL D 81 22.90 2.74 -7.39
C VAL D 81 23.31 3.98 -6.63
N LEU D 82 23.99 3.81 -5.50
CA LEU D 82 24.48 4.96 -4.71
C LEU D 82 25.98 5.24 -4.93
N ASN D 83 26.58 4.54 -5.89
CA ASN D 83 27.98 4.76 -6.22
C ASN D 83 28.16 5.87 -7.24
N ASN D 84 27.74 7.04 -6.80
CA ASN D 84 27.90 8.27 -7.57
C ASN D 84 28.09 9.39 -6.59
N ILE D 85 28.93 10.35 -6.94
CA ILE D 85 29.49 11.24 -5.94
C ILE D 85 28.43 12.14 -5.32
N VAL D 86 27.41 12.54 -6.08
CA VAL D 86 26.33 13.31 -5.48
C VAL D 86 25.65 12.54 -4.33
N SER D 87 25.39 11.23 -4.55
CA SER D 87 24.77 10.44 -3.52
C SER D 87 25.77 10.13 -2.39
N SER D 88 26.98 9.71 -2.73
CA SER D 88 27.87 9.24 -1.68
C SER D 88 28.44 10.40 -0.88
N ASN D 89 28.45 11.60 -1.42
CA ASN D 89 28.73 12.78 -0.57
C ASN D 89 27.83 12.83 0.65
N ILE D 90 26.54 12.64 0.42
CA ILE D 90 25.56 12.79 1.47
C ILE D 90 25.75 11.68 2.48
N ILE D 91 25.83 10.46 1.99
CA ILE D 91 26.00 9.29 2.81
C ILE D 91 27.25 9.39 3.65
N CYS D 92 28.39 9.64 3.00
CA CYS D 92 29.67 9.63 3.68
C CYS D 92 29.83 10.83 4.62
N PHE D 93 29.24 11.97 4.26
CA PHE D 93 29.22 13.10 5.18
C PHE D 93 28.50 12.70 6.49
N LEU D 94 27.34 12.07 6.36
CA LEU D 94 26.55 11.69 7.50
C LEU D 94 27.22 10.58 8.32
N LEU D 95 27.96 9.69 7.67
CA LEU D 95 28.74 8.70 8.44
C LEU D 95 29.80 9.38 9.26
N SER D 96 30.46 10.35 8.65
CA SER D 96 31.43 11.14 9.37
C SER D 96 30.75 11.87 10.55
N GLU D 97 29.55 12.40 10.37
CA GLU D 97 28.90 13.09 11.48
C GLU D 97 28.55 12.16 12.63
N LEU D 98 28.19 10.90 12.33
CA LEU D 98 27.86 9.97 13.40
C LEU D 98 29.11 9.75 14.26
N ILE D 99 30.25 9.72 13.64
CA ILE D 99 31.48 9.50 14.37
C ILE D 99 31.77 10.69 15.25
N LEU D 100 31.65 11.89 14.70
CA LEU D 100 31.96 13.10 15.48
C LEU D 100 30.94 13.34 16.60
N LYS D 101 29.67 13.26 16.29
CA LYS D 101 28.62 13.56 17.25
C LYS D 101 28.73 12.63 18.42
N ASN D 102 28.97 11.35 18.16
CA ASN D 102 29.07 10.41 19.24
C ASN D 102 30.47 10.34 19.82
N LYS D 103 31.36 11.25 19.42
CA LYS D 103 32.71 11.32 19.97
C LYS D 103 33.42 9.95 19.98
N LEU D 104 33.35 9.22 18.87
CA LEU D 104 33.96 7.92 18.76
C LEU D 104 35.44 8.04 18.43
N SER D 105 36.24 7.46 19.28
CA SER D 105 37.65 7.46 19.17
C SER D 105 38.09 6.25 18.31
N PHE D 106 39.03 6.46 17.39
CA PHE D 106 39.49 5.38 16.54
C PHE D 106 40.91 5.64 16.05
N ASP D 107 41.57 4.55 15.73
CA ASP D 107 42.85 4.58 15.04
C ASP D 107 42.72 4.29 13.58
N TYR D 108 41.71 3.47 13.23
CA TYR D 108 41.43 3.12 11.84
C TYR D 108 39.94 3.16 11.55
N LEU D 109 39.57 3.46 10.31
CA LEU D 109 38.26 3.16 9.78
C LEU D 109 38.37 1.99 8.83
N LEU D 110 37.42 1.08 8.87
CA LEU D 110 37.48 -0.07 8.00
C LEU D 110 36.25 -0.12 7.14
N GLY D 111 36.45 -0.18 5.83
CA GLY D 111 35.31 -0.33 4.91
C GLY D 111 35.04 -1.78 4.58
N ALA D 112 33.87 -2.27 4.94
CA ALA D 112 33.43 -3.66 4.67
C ALA D 112 33.36 -4.00 3.21
N SER D 113 33.99 -5.10 2.80
CA SER D 113 34.07 -5.40 1.35
C SER D 113 32.73 -5.91 0.91
N TYR D 114 32.26 -5.56 -0.29
CA TYR D 114 32.82 -4.53 -1.12
C TYR D 114 32.22 -3.11 -0.89
N LYS D 115 30.96 -3.07 -0.47
CA LYS D 115 30.15 -1.82 -0.48
C LYS D 115 30.70 -0.70 0.38
N GLY D 116 31.35 -1.07 1.47
CA GLY D 116 32.02 -0.12 2.33
C GLY D 116 33.30 0.46 1.82
N ILE D 117 33.91 -0.16 0.82
CA ILE D 117 35.24 0.26 0.43
C ILE D 117 35.26 1.64 -0.20
N PRO D 118 34.34 1.92 -1.13
CA PRO D 118 34.37 3.31 -1.68
C PRO D 118 33.90 4.28 -0.66
N MET D 119 33.07 3.81 0.26
CA MET D 119 32.60 4.72 1.33
C MET D 119 33.71 5.12 2.31
N VAL D 120 34.71 4.25 2.51
CA VAL D 120 35.64 4.49 3.64
C VAL D 120 36.65 5.60 3.33
N SER D 121 37.10 5.65 2.09
CA SER D 121 37.94 6.76 1.73
C SER D 121 37.19 8.08 1.82
N LEU D 122 36.00 8.12 1.27
CA LEU D 122 35.30 9.37 1.13
C LEU D 122 34.86 9.84 2.54
N THR D 123 34.48 8.90 3.40
CA THR D 123 34.11 9.25 4.74
C THR D 123 35.35 9.81 5.42
N SER D 124 36.50 9.17 5.19
CA SER D 124 37.76 9.68 5.72
C SER D 124 38.00 11.12 5.27
N HIS D 125 37.65 11.41 4.03
CA HIS D 125 37.79 12.77 3.54
C HIS D 125 36.91 13.75 4.33
N PHE D 126 35.65 13.41 4.61
CA PHE D 126 34.80 14.31 5.40
C PHE D 126 35.23 14.45 6.87
N LEU D 127 35.68 13.37 7.48
CA LEU D 127 36.24 13.42 8.83
C LEU D 127 37.46 14.32 8.90
N PHE D 128 38.30 14.24 7.87
CA PHE D 128 39.50 15.04 7.84
C PHE D 128 39.22 16.52 7.85
N GLU D 129 38.08 16.93 7.29
CA GLU D 129 37.72 18.35 7.25
C GLU D 129 37.48 18.96 8.63
N SER D 130 37.22 18.15 9.65
CA SER D 130 37.08 18.62 11.01
C SER D 130 38.34 19.19 11.60
N LYS D 131 39.48 18.95 10.97
CA LYS D 131 40.79 19.41 11.45
C LYS D 131 41.18 18.81 12.78
N LYS D 132 40.48 17.80 13.25
CA LYS D 132 40.86 17.15 14.50
C LYS D 132 41.97 16.14 14.32
N TYR D 133 42.37 15.86 13.08
CA TYR D 133 43.21 14.70 12.84
C TYR D 133 44.41 15.08 11.96
N SER D 134 45.58 14.50 12.22
CA SER D 134 46.73 14.82 11.40
C SER D 134 46.69 13.93 10.12
N ASN D 135 46.01 12.78 10.24
CA ASN D 135 45.74 11.86 9.16
C ASN D 135 44.59 10.96 9.55
N ILE D 136 44.07 10.21 8.58
CA ILE D 136 43.09 9.17 8.84
C ILE D 136 43.47 7.95 8.06
N PHE D 137 43.61 6.86 8.77
CA PHE D 137 44.07 5.64 8.21
C PHE D 137 42.89 4.72 8.02
N TYR D 138 42.68 4.23 6.81
CA TYR D 138 41.60 3.32 6.56
C TYR D 138 42.06 1.95 6.05
N LEU D 139 41.19 0.97 6.28
CA LEU D 139 41.44 -0.41 5.99
C LEU D 139 40.32 -0.99 5.17
N TYR D 140 40.60 -2.11 4.53
CA TYR D 140 39.52 -2.95 4.02
C TYR D 140 39.91 -4.41 4.14
N ASP D 141 38.91 -5.27 4.18
CA ASP D 141 39.07 -6.73 4.15
C ASP D 141 38.89 -7.31 2.75
N ARG D 142 39.71 -8.27 2.37
CA ARG D 142 39.45 -9.05 1.13
C ARG D 142 38.53 -10.25 1.42
N LYS D 143 38.06 -10.98 0.41
CA LYS D 143 37.19 -12.18 0.65
C LYS D 143 37.75 -13.59 0.59
N ASN D 152 47.39 -11.77 3.13
CA ASN D 152 46.98 -10.77 4.11
C ASN D 152 45.55 -10.19 3.88
N VAL D 153 44.64 -10.59 4.78
CA VAL D 153 43.21 -10.38 4.57
C VAL D 153 42.76 -9.00 4.93
N ILE D 154 43.52 -8.28 5.76
CA ILE D 154 43.24 -6.87 6.05
C ILE D 154 44.32 -6.01 5.40
N VAL D 155 43.91 -5.04 4.59
CA VAL D 155 44.84 -4.17 3.84
C VAL D 155 44.81 -2.75 4.42
N GLY D 156 46.00 -2.16 4.57
CA GLY D 156 46.16 -0.80 5.01
C GLY D 156 47.42 -0.57 5.86
N ASN D 157 47.50 0.53 6.59
CA ASN D 157 48.72 0.90 7.30
C ASN D 157 48.80 0.17 8.62
N LEU D 158 49.01 -1.13 8.56
CA LEU D 158 49.13 -1.96 9.74
C LEU D 158 50.55 -2.21 10.20
N ASP D 159 50.76 -2.32 11.49
CA ASP D 159 52.04 -2.72 12.06
C ASP D 159 52.18 -4.29 12.05
N ASP D 160 52.83 -4.84 13.10
CA ASP D 160 53.42 -6.20 13.01
C ASP D 160 52.94 -7.18 14.09
N GLU D 179 47.55 0.25 23.94
CA GLU D 179 48.19 -0.94 23.36
C GLU D 179 47.44 -1.49 22.11
N LYS D 180 46.12 -1.62 22.20
CA LYS D 180 45.31 -2.08 21.07
C LYS D 180 44.85 -0.92 20.18
N LYS D 181 44.87 -1.14 18.88
CA LYS D 181 44.39 -0.14 17.94
C LYS D 181 42.91 -0.36 17.66
N ASN D 182 42.16 0.74 17.69
CA ASN D 182 40.71 0.73 17.56
C ASN D 182 40.20 0.98 16.15
N ILE D 183 39.23 0.16 15.77
CA ILE D 183 38.65 0.19 14.47
C ILE D 183 37.17 0.45 14.51
N ILE D 184 36.71 1.35 13.61
CA ILE D 184 35.27 1.54 13.37
C ILE D 184 35.00 0.95 12.02
N ILE D 185 33.99 0.09 11.94
CA ILE D 185 33.64 -0.54 10.68
C ILE D 185 32.46 0.14 10.06
N ILE D 186 32.57 0.36 8.75
CA ILE D 186 31.53 1.01 7.95
C ILE D 186 30.95 0.03 6.93
N ASP D 187 29.64 -0.01 6.83
CA ASP D 187 28.98 -0.85 5.84
C ASP D 187 27.66 -0.20 5.40
N ASP D 188 26.98 -0.77 4.43
CA ASP D 188 25.75 -0.17 3.96
C ASP D 188 24.53 -0.52 4.73
N VAL D 189 24.30 -1.79 4.97
CA VAL D 189 23.04 -2.26 5.53
C VAL D 189 23.30 -3.20 6.64
N PHE D 190 22.56 -3.07 7.74
CA PHE D 190 22.54 -4.07 8.80
C PHE D 190 21.18 -4.78 8.82
N THR D 191 21.22 -6.11 8.65
CA THR D 191 20.02 -6.92 8.72
C THR D 191 20.16 -7.79 10.00
N CYS D 192 21.01 -8.83 9.97
CA CYS D 192 21.29 -9.71 11.14
C CYS D 192 22.67 -9.57 11.68
N GLY D 193 23.54 -8.98 10.90
CA GLY D 193 24.92 -8.86 11.32
C GLY D 193 25.84 -9.93 10.75
N THR D 194 25.35 -10.71 9.79
CA THR D 194 26.10 -11.82 9.28
C THR D 194 27.43 -11.33 8.68
N ALA D 195 27.34 -10.30 7.87
CA ALA D 195 28.52 -9.74 7.25
C ALA D 195 29.53 -9.17 8.27
N LEU D 196 29.04 -8.43 9.26
CA LEU D 196 29.91 -7.84 10.24
C LEU D 196 30.58 -8.96 11.05
N THR D 197 29.83 -10.02 11.35
CA THR D 197 30.36 -11.16 12.08
C THR D 197 31.52 -11.82 11.29
N GLU D 198 31.41 -11.91 9.98
CA GLU D 198 32.53 -12.49 9.22
C GLU D 198 33.79 -11.61 9.34
N ILE D 199 33.62 -10.29 9.34
CA ILE D 199 34.75 -9.38 9.41
C ILE D 199 35.38 -9.51 10.76
N LEU D 200 34.56 -9.61 11.80
CA LEU D 200 35.08 -9.90 13.16
C LEU D 200 35.92 -11.18 13.21
N ALA D 201 35.46 -12.23 12.51
CA ALA D 201 36.24 -13.50 12.44
C ALA D 201 37.61 -13.24 11.81
N LYS D 202 37.66 -12.45 10.74
CA LYS D 202 38.93 -12.13 10.09
C LYS D 202 39.82 -11.31 10.97
N LEU D 203 39.23 -10.45 11.79
CA LEU D 203 40.02 -9.60 12.67
C LEU D 203 40.51 -10.31 13.94
N LYS D 204 39.91 -11.43 14.31
CA LYS D 204 40.27 -12.15 15.54
C LYS D 204 41.74 -12.62 15.51
N THR D 205 42.21 -12.96 14.33
CA THR D 205 43.59 -13.30 14.08
C THR D 205 44.58 -12.21 14.49
N TYR D 206 44.18 -10.96 14.31
CA TYR D 206 45.07 -9.83 14.54
C TYR D 206 44.95 -9.45 15.99
N GLU D 207 46.00 -9.79 16.71
CA GLU D 207 46.17 -9.41 18.06
C GLU D 207 46.62 -8.00 17.81
N HIS D 208 46.16 -7.18 18.70
CA HIS D 208 46.46 -5.73 18.62
C HIS D 208 45.36 -4.88 17.94
N LEU D 209 44.36 -5.50 17.29
CA LEU D 209 43.20 -4.78 16.77
C LEU D 209 41.93 -5.10 17.53
N LYS D 210 41.11 -4.07 17.68
CA LYS D 210 39.87 -4.15 18.42
C LYS D 210 38.81 -3.30 17.70
N VAL D 211 37.60 -3.82 17.55
CA VAL D 211 36.53 -3.07 16.93
C VAL D 211 35.73 -2.38 17.98
N VAL D 212 35.57 -1.06 17.86
CA VAL D 212 34.83 -0.30 18.88
C VAL D 212 33.47 0.22 18.45
N ALA D 213 33.15 0.09 17.16
CA ALA D 213 31.83 0.53 16.66
C ALA D 213 31.58 0.09 15.24
N PHE D 214 30.32 -0.07 14.90
CA PHE D 214 29.88 -0.29 13.55
C PHE D 214 29.01 0.87 13.17
N ILE D 215 29.23 1.40 11.98
CA ILE D 215 28.37 2.46 11.44
C ILE D 215 27.86 2.07 10.06
N VAL D 216 26.60 2.34 9.84
CA VAL D 216 25.91 1.78 8.72
C VAL D 216 24.94 2.81 8.13
N LEU D 217 24.67 2.72 6.85
CA LEU D 217 23.67 3.60 6.22
C LEU D 217 22.27 3.28 6.64
N LEU D 218 21.92 2.00 6.68
CA LEU D 218 20.57 1.58 7.01
C LEU D 218 20.54 0.37 7.94
N ASN D 219 19.77 0.51 9.02
CA ASN D 219 19.41 -0.61 9.82
C ASN D 219 18.00 -0.99 9.47
N ARG D 220 17.80 -2.23 9.01
CA ARG D 220 16.45 -2.70 8.67
C ARG D 220 15.52 -2.99 9.84
N ASN D 221 16.02 -2.96 11.05
CA ASN D 221 15.21 -3.28 12.24
C ASN D 221 14.52 -4.65 12.16
N GLU D 222 15.25 -5.63 11.65
CA GLU D 222 14.73 -7.00 11.58
C GLU D 222 14.63 -7.61 12.95
N TYR D 223 13.66 -8.48 13.07
CA TYR D 223 13.44 -9.19 14.30
C TYR D 223 12.94 -10.61 14.04
N GLU D 224 12.97 -11.43 15.07
CA GLU D 224 12.29 -12.72 14.97
C GLU D 224 11.35 -12.74 16.13
N ILE D 225 10.25 -13.46 15.96
CA ILE D 225 9.34 -13.71 17.07
C ILE D 225 9.81 -14.98 17.79
N ASN D 226 9.87 -14.94 19.11
CA ASN D 226 10.45 -16.03 19.86
C ASN D 226 9.36 -16.97 20.38
N GLU D 227 9.77 -17.87 21.24
CA GLU D 227 8.95 -18.91 21.79
C GLU D 227 7.82 -18.34 22.74
N ASN D 228 7.93 -17.08 23.14
CA ASN D 228 6.99 -16.38 23.99
C ASN D 228 6.18 -15.29 23.24
N ASN D 229 6.25 -15.31 21.92
CA ASN D 229 5.52 -14.41 21.07
C ASN D 229 5.99 -12.97 21.22
N GLN D 230 7.28 -12.79 21.40
CA GLN D 230 7.89 -11.49 21.53
C GLN D 230 8.85 -11.14 20.40
N LYS D 231 8.88 -9.87 19.97
CA LYS D 231 9.81 -9.43 18.90
C LYS D 231 11.18 -9.24 19.52
N ILE D 232 12.15 -9.96 19.04
CA ILE D 232 13.52 -9.85 19.49
C ILE D 232 14.30 -9.32 18.31
N TYR D 233 14.91 -8.13 18.45
CA TYR D 233 15.59 -7.50 17.33
C TYR D 233 16.99 -7.99 17.16
N PHE D 234 17.36 -8.27 15.92
CA PHE D 234 18.69 -8.73 15.65
C PHE D 234 19.77 -7.74 16.08
N LYS D 235 19.49 -6.46 16.04
CA LYS D 235 20.46 -5.48 16.46
C LYS D 235 20.84 -5.73 17.91
N ASP D 236 19.83 -5.96 18.75
CA ASP D 236 20.07 -6.16 20.20
C ASP D 236 20.82 -7.44 20.50
N ILE D 237 20.46 -8.51 19.82
CA ILE D 237 21.13 -9.80 19.93
C ILE D 237 22.57 -9.67 19.52
N PHE D 238 22.77 -9.03 18.38
CA PHE D 238 24.11 -8.84 17.86
C PHE D 238 24.97 -8.00 18.82
N GLU D 239 24.43 -6.89 19.33
CA GLU D 239 25.24 -6.01 20.18
C GLU D 239 25.64 -6.73 21.45
N LYS D 240 24.72 -7.54 21.97
CA LYS D 240 25.00 -8.30 23.18
C LYS D 240 26.08 -9.38 22.95
N ARG D 241 25.95 -10.16 21.89
CA ARG D 241 26.89 -11.20 21.58
C ARG D 241 28.31 -10.67 21.33
N VAL D 242 28.48 -9.56 20.62
CA VAL D 242 29.82 -9.11 20.30
C VAL D 242 30.34 -7.96 21.17
N GLY D 243 29.48 -7.36 22.00
CA GLY D 243 29.85 -6.28 22.91
C GLY D 243 30.28 -4.98 22.26
N ILE D 244 29.72 -4.67 21.09
CA ILE D 244 30.10 -3.49 20.33
C ILE D 244 28.84 -2.78 19.79
N PRO D 245 28.80 -1.44 19.91
CA PRO D 245 27.59 -0.70 19.48
C PRO D 245 27.49 -0.53 17.99
N LEU D 246 26.27 -0.61 17.49
CA LEU D 246 25.95 -0.30 16.12
C LEU D 246 25.18 1.01 15.99
N TYR D 247 25.60 1.87 15.05
CA TYR D 247 24.94 3.14 14.73
C TYR D 247 24.46 3.15 13.30
N SER D 248 23.40 3.88 13.03
CA SER D 248 22.92 3.95 11.63
C SER D 248 22.43 5.31 11.21
N ILE D 249 22.62 5.65 9.97
CA ILE D 249 22.14 6.93 9.47
C ILE D 249 20.61 6.87 9.45
N LEU D 250 20.08 5.82 8.84
CA LEU D 250 18.66 5.64 8.68
C LEU D 250 18.20 4.33 9.29
N SER D 251 16.92 4.26 9.55
CA SER D 251 16.33 2.99 10.00
C SER D 251 15.00 2.79 9.32
N TYR D 252 14.59 1.54 9.21
CA TYR D 252 13.28 1.21 8.70
C TYR D 252 12.19 1.90 9.51
N LYS D 253 12.25 1.78 10.84
CA LYS D 253 11.17 2.31 11.70
C LYS D 253 11.05 3.84 11.56
N ASP D 254 12.15 4.55 11.73
CA ASP D 254 12.11 6.02 11.71
C ASP D 254 11.98 6.61 10.33
N ASP D 255 12.48 5.95 9.28
CA ASP D 255 12.69 6.63 8.00
C ASP D 255 12.06 5.98 6.80
N ILE D 256 12.00 4.65 6.78
CA ILE D 256 11.47 3.99 5.60
C ILE D 256 9.98 3.66 5.69
N GLN D 257 9.50 3.34 6.88
CA GLN D 257 8.10 2.92 7.02
C GLN D 257 7.09 3.97 6.53
N SER D 258 7.34 5.23 6.84
CA SER D 258 6.51 6.33 6.38
C SER D 258 6.54 6.57 4.85
N MET D 259 7.42 5.91 4.12
CA MET D 259 7.40 5.98 2.66
C MET D 259 6.41 4.98 2.07
N ILE D 260 5.86 4.10 2.90
CA ILE D 260 5.13 2.93 2.35
C ILE D 260 3.66 3.13 1.89
N HIS D 261 2.75 3.51 2.81
CA HIS D 261 1.32 3.78 2.42
C HIS D 261 0.43 2.51 2.25
N PHE E 10 -10.42 -32.46 21.14
CA PHE E 10 -9.18 -33.27 20.86
C PHE E 10 -9.17 -34.67 21.39
N LEU E 11 -8.51 -35.55 20.66
CA LEU E 11 -8.28 -36.90 21.05
C LEU E 11 -7.73 -36.91 22.51
N CYS E 12 -8.23 -37.84 23.31
CA CYS E 12 -7.78 -38.01 24.68
C CYS E 12 -6.41 -38.68 24.75
N ASP E 13 -5.62 -38.45 25.80
CA ASP E 13 -4.28 -39.04 25.91
C ASP E 13 -4.27 -40.57 25.76
N GLU E 14 -5.29 -41.27 26.25
CA GLU E 14 -5.29 -42.74 26.16
C GLU E 14 -5.35 -43.15 24.70
N GLU E 15 -6.15 -42.42 23.91
CA GLU E 15 -6.30 -42.70 22.48
C GLU E 15 -5.05 -42.32 21.71
N ILE E 16 -4.44 -41.18 22.07
CA ILE E 16 -3.20 -40.75 21.43
C ILE E 16 -2.13 -41.83 21.62
N TYR E 17 -2.03 -42.36 22.83
CA TYR E 17 -1.03 -43.38 23.10
C TYR E 17 -1.28 -44.65 22.27
N LYS E 18 -2.55 -45.10 22.27
CA LYS E 18 -2.92 -46.30 21.50
C LYS E 18 -2.54 -46.13 20.03
N SER E 19 -2.79 -44.95 19.46
CA SER E 19 -2.44 -44.75 18.03
C SER E 19 -0.95 -44.70 17.90
N PHE E 20 -0.27 -44.02 18.83
CA PHE E 20 1.17 -43.98 18.83
C PHE E 20 1.75 -45.39 18.77
N VAL E 21 1.26 -46.29 19.63
CA VAL E 21 1.80 -47.66 19.70
C VAL E 21 1.57 -48.39 18.38
N HIS E 22 0.36 -48.31 17.87
CA HIS E 22 0.04 -48.94 16.58
C HIS E 22 0.95 -48.40 15.47
N LEU E 23 1.06 -47.07 15.34
CA LEU E 23 1.85 -46.47 14.28
C LEU E 23 3.33 -46.77 14.43
N LYS E 24 3.81 -46.81 15.67
CA LYS E 24 5.20 -47.09 15.93
C LYS E 24 5.55 -48.51 15.46
N ASP E 25 4.69 -49.48 15.78
CA ASP E 25 4.92 -50.86 15.38
C ASP E 25 4.96 -50.96 13.86
N LYS E 26 3.98 -50.35 13.17
CA LYS E 26 3.96 -50.38 11.71
C LYS E 26 5.18 -49.69 11.12
N ILE E 27 5.58 -48.55 11.66
CA ILE E 27 6.72 -47.84 11.10
C ILE E 27 7.99 -48.70 11.19
N CYS E 28 8.24 -49.30 12.35
CA CYS E 28 9.41 -50.15 12.54
C CYS E 28 9.37 -51.38 11.63
N GLU E 29 8.21 -52.05 11.58
CA GLU E 29 7.97 -53.22 10.68
C GLU E 29 8.34 -52.83 9.25
N GLU E 30 7.82 -51.70 8.76
CA GLU E 30 8.01 -51.35 7.36
C GLU E 30 9.44 -50.93 7.07
N ARG E 31 10.09 -50.32 8.04
CA ARG E 31 11.50 -49.98 7.84
C ARG E 31 12.32 -51.25 7.74
N LYS E 32 12.05 -52.24 8.59
CA LYS E 32 12.83 -53.49 8.56
C LYS E 32 12.60 -54.23 7.27
N LYS E 33 11.38 -54.24 6.77
CA LYS E 33 11.07 -54.86 5.47
C LYS E 33 11.50 -54.03 4.25
N LYS E 34 12.06 -52.85 4.47
CA LYS E 34 12.48 -51.97 3.38
C LYS E 34 11.32 -51.67 2.41
N GLU E 35 10.08 -51.61 2.91
CA GLU E 35 8.94 -51.18 2.12
C GLU E 35 8.81 -49.66 2.26
N LEU E 36 9.42 -48.91 1.34
CA LEU E 36 9.52 -47.48 1.47
C LEU E 36 8.21 -46.71 1.37
N VAL E 37 7.32 -47.13 0.50
CA VAL E 37 6.06 -46.41 0.31
C VAL E 37 5.18 -46.55 1.55
N SER E 38 5.13 -47.76 2.10
CA SER E 38 4.36 -48.03 3.31
C SER E 38 4.98 -47.32 4.54
N TYR E 39 6.30 -47.36 4.63
CA TYR E 39 7.01 -46.60 5.66
C TYR E 39 6.62 -45.11 5.60
N SER E 40 6.79 -44.49 4.44
CA SER E 40 6.46 -43.08 4.29
C SER E 40 5.04 -42.78 4.70
N SER E 41 4.15 -43.70 4.40
CA SER E 41 2.75 -43.48 4.64
C SER E 41 2.45 -43.53 6.12
N TYR E 42 3.02 -44.51 6.81
CA TYR E 42 2.85 -44.57 8.25
C TYR E 42 3.54 -43.37 9.00
N ILE E 43 4.67 -42.89 8.49
CA ILE E 43 5.32 -41.69 9.05
C ILE E 43 4.40 -40.52 8.97
N LYS E 44 3.73 -40.39 7.84
CA LYS E 44 2.83 -39.23 7.64
C LYS E 44 1.67 -39.36 8.62
N GLU E 45 1.20 -40.57 8.92
CA GLU E 45 0.16 -40.74 9.96
C GLU E 45 0.61 -40.35 11.34
N MET E 46 1.84 -40.68 11.69
CA MET E 46 2.41 -40.28 12.98
C MET E 46 2.57 -38.77 13.05
N LYS E 47 3.00 -38.15 11.96
CA LYS E 47 3.04 -36.68 11.92
C LYS E 47 1.67 -36.06 12.13
N LYS E 48 0.62 -36.66 11.57
CA LYS E 48 -0.74 -36.16 11.81
C LYS E 48 -1.08 -36.25 13.29
N LEU E 49 -0.69 -37.34 13.92
CA LEU E 49 -0.98 -37.51 15.34
C LEU E 49 -0.21 -36.47 16.14
N LEU E 50 1.04 -36.24 15.76
CA LEU E 50 1.84 -35.21 16.38
C LEU E 50 1.21 -33.83 16.27
N LYS E 51 0.65 -33.52 15.11
CA LYS E 51 0.07 -32.19 14.92
C LYS E 51 -1.14 -32.02 15.83
N VAL E 52 -1.88 -33.12 16.03
CA VAL E 52 -3.02 -33.09 16.96
C VAL E 52 -2.55 -32.79 18.38
N VAL E 53 -1.43 -33.41 18.72
CA VAL E 53 -0.80 -33.17 20.02
C VAL E 53 -0.35 -31.70 20.18
N LEU E 54 0.28 -31.14 19.15
CA LEU E 54 0.76 -29.78 19.22
C LEU E 54 -0.40 -28.81 19.46
N LEU E 55 -1.54 -29.08 18.81
CA LEU E 55 -2.70 -28.25 19.02
C LEU E 55 -3.35 -28.50 20.38
N LYS E 56 -3.45 -29.76 20.76
CA LYS E 56 -4.11 -30.09 22.01
C LYS E 56 -3.41 -29.43 23.20
N TYR E 57 -2.07 -29.46 23.21
CA TYR E 57 -1.31 -28.94 24.34
C TYR E 57 -0.93 -27.48 24.14
N LYS E 58 -1.38 -26.92 23.02
CA LYS E 58 -1.19 -25.51 22.72
C LYS E 58 0.25 -25.13 22.53
N ALA E 59 1.01 -26.04 21.92
CA ALA E 59 2.38 -25.78 21.55
C ALA E 59 2.39 -24.83 20.38
N LEU E 60 1.34 -24.91 19.59
CA LEU E 60 1.10 -23.98 18.50
C LEU E 60 -0.05 -23.08 18.88
N LYS E 61 0.16 -21.76 18.74
CA LYS E 61 -0.92 -20.77 18.93
C LYS E 61 -1.00 -19.82 17.74
N PHE E 62 -2.22 -19.42 17.41
CA PHE E 62 -2.48 -18.65 16.20
C PHE E 62 -3.03 -17.27 16.45
N GLY E 63 -2.63 -16.33 15.62
CA GLY E 63 -3.27 -14.98 15.68
C GLY E 63 -3.28 -14.25 17.04
N GLU E 64 -2.35 -14.57 17.95
CA GLU E 64 -2.30 -13.91 19.27
C GLU E 64 -1.47 -12.66 19.23
N PHE E 65 -1.84 -11.72 20.12
CA PHE E 65 -1.17 -10.42 20.15
C PHE E 65 0.27 -10.61 20.57
N ILE E 66 1.19 -10.17 19.72
CA ILE E 66 2.60 -10.07 20.07
C ILE E 66 2.80 -9.22 21.35
N LEU E 67 3.73 -9.61 22.22
CA LEU E 67 3.92 -8.92 23.50
C LEU E 67 4.39 -7.45 23.31
N LYS E 68 3.84 -6.56 24.15
CA LYS E 68 3.87 -5.05 24.03
C LYS E 68 2.82 -4.51 23.04
N SER E 69 2.98 -4.90 21.77
CA SER E 69 2.25 -4.32 20.63
C SER E 69 0.77 -4.78 20.43
N LYS E 70 0.13 -4.15 19.45
CA LYS E 70 -1.24 -4.49 19.04
C LYS E 70 -1.20 -5.23 17.70
N ARG E 71 0.01 -5.53 17.18
CA ARG E 71 0.15 -6.44 16.03
C ARG E 71 -0.04 -7.94 16.49
N LYS E 72 -0.30 -8.85 15.54
CA LYS E 72 -0.56 -10.28 15.78
C LYS E 72 0.44 -11.14 15.00
N SER E 73 0.75 -12.33 15.52
CA SER E 73 1.64 -13.25 14.87
C SER E 73 0.80 -14.18 14.03
N ASN E 74 1.24 -14.54 12.83
CA ASN E 74 0.55 -15.65 12.18
C ASN E 74 0.44 -16.79 13.24
N TYR E 75 1.62 -17.15 13.77
CA TYR E 75 1.73 -18.19 14.78
C TYR E 75 2.89 -18.01 15.69
N PHE E 76 2.84 -18.72 16.81
CA PHE E 76 4.09 -18.97 17.54
C PHE E 76 4.10 -20.36 18.26
N PHE E 77 5.31 -20.78 18.56
CA PHE E 77 5.56 -22.15 18.96
C PHE E 77 6.29 -22.20 20.25
N SER E 78 5.78 -22.99 21.21
CA SER E 78 6.53 -23.24 22.46
C SER E 78 6.55 -24.73 22.75
N SER E 79 7.72 -25.23 23.11
CA SER E 79 7.89 -26.66 23.35
C SER E 79 7.72 -27.05 24.84
N GLY E 80 7.54 -26.09 25.74
CA GLY E 80 7.44 -26.42 27.15
C GLY E 80 6.29 -27.35 27.46
N VAL E 81 5.18 -27.15 26.75
CA VAL E 81 4.00 -27.96 26.93
C VAL E 81 4.11 -29.36 26.34
N LEU E 82 5.27 -29.68 25.75
CA LEU E 82 5.53 -31.04 25.21
C LEU E 82 6.34 -31.91 26.14
N ASN E 83 6.62 -31.43 27.35
CA ASN E 83 7.34 -32.20 28.38
C ASN E 83 6.38 -33.13 29.16
N ASN E 84 5.75 -34.00 28.40
CA ASN E 84 4.91 -35.03 28.95
C ASN E 84 5.07 -36.25 28.06
N ILE E 85 5.02 -37.42 28.68
CA ILE E 85 5.55 -38.61 28.02
C ILE E 85 4.73 -38.98 26.82
N VAL E 86 3.42 -38.75 26.86
CA VAL E 86 2.61 -39.06 25.68
C VAL E 86 3.07 -38.25 24.47
N SER E 87 3.37 -36.97 24.69
CA SER E 87 3.83 -36.13 23.59
C SER E 87 5.27 -36.45 23.23
N SER E 88 6.16 -36.57 24.22
CA SER E 88 7.57 -36.76 23.87
C SER E 88 7.84 -38.13 23.26
N ASN E 89 7.00 -39.12 23.57
CA ASN E 89 7.13 -40.41 22.89
C ASN E 89 7.08 -40.27 21.40
N ILE E 90 6.11 -39.48 20.94
CA ILE E 90 5.92 -39.30 19.51
C ILE E 90 7.12 -38.56 18.93
N ILE E 91 7.45 -37.42 19.55
CA ILE E 91 8.53 -36.58 19.08
C ILE E 91 9.85 -37.36 19.03
N CYS E 92 10.19 -38.02 20.13
CA CYS E 92 11.47 -38.68 20.23
C CYS E 92 11.55 -39.94 19.36
N PHE E 93 10.42 -40.64 19.23
CA PHE E 93 10.37 -41.71 18.30
C PHE E 93 10.70 -41.24 16.88
N LEU E 94 10.08 -40.14 16.47
CA LEU E 94 10.32 -39.60 15.12
C LEU E 94 11.72 -39.04 14.94
N LEU E 95 12.33 -38.49 15.99
CA LEU E 95 13.73 -38.09 15.89
C LEU E 95 14.58 -39.31 15.64
N SER E 96 14.31 -40.35 16.37
CA SER E 96 15.04 -41.57 16.19
C SER E 96 14.84 -42.10 14.77
N GLU E 97 13.62 -42.04 14.26
CA GLU E 97 13.41 -42.47 12.85
C GLU E 97 14.18 -41.63 11.78
N LEU E 98 14.35 -40.33 11.99
CA LEU E 98 15.15 -39.53 11.09
C LEU E 98 16.57 -40.04 11.05
N ILE E 99 17.10 -40.41 12.20
CA ILE E 99 18.47 -40.86 12.28
C ILE E 99 18.60 -42.16 11.52
N LEU E 100 17.67 -43.09 11.76
CA LEU E 100 17.71 -44.40 11.12
C LEU E 100 17.45 -44.33 9.61
N LYS E 101 16.38 -43.65 9.23
CA LYS E 101 16.02 -43.58 7.83
C LYS E 101 17.16 -42.99 7.02
N ASN E 102 17.79 -41.94 7.51
CA ASN E 102 18.89 -41.30 6.78
C ASN E 102 20.21 -41.96 7.04
N LYS E 103 20.21 -43.09 7.71
CA LYS E 103 21.43 -43.88 7.93
C LYS E 103 22.56 -42.99 8.52
N LEU E 104 22.26 -42.18 9.50
CA LEU E 104 23.26 -41.28 10.10
C LEU E 104 24.10 -42.01 11.12
N SER E 105 25.40 -41.94 10.88
CA SER E 105 26.37 -42.57 11.73
C SER E 105 26.75 -41.61 12.87
N PHE E 106 26.84 -42.10 14.10
CA PHE E 106 27.23 -41.25 15.23
C PHE E 106 27.85 -42.06 16.35
N ASP E 107 28.67 -41.37 17.13
CA ASP E 107 29.20 -41.91 18.36
C ASP E 107 28.42 -41.41 19.58
N TYR E 108 27.91 -40.18 19.49
CA TYR E 108 27.17 -39.55 20.56
C TYR E 108 25.97 -38.84 20.02
N LEU E 109 24.94 -38.74 20.84
CA LEU E 109 23.87 -37.77 20.62
C LEU E 109 24.01 -36.68 21.64
N LEU E 110 23.76 -35.44 21.24
CA LEU E 110 23.85 -34.36 22.19
C LEU E 110 22.54 -33.62 22.25
N GLY E 111 21.99 -33.48 23.46
CA GLY E 111 20.76 -32.71 23.64
C GLY E 111 21.08 -31.25 23.99
N ALA E 112 20.64 -30.33 23.15
CA ALA E 112 20.89 -28.90 23.34
C ALA E 112 20.21 -28.40 24.58
N SER E 113 20.95 -27.71 25.44
CA SER E 113 20.36 -27.23 26.67
C SER E 113 19.36 -26.14 26.34
N TYR E 114 18.20 -26.08 27.00
CA TYR E 114 17.71 -27.07 27.92
C TYR E 114 16.78 -28.04 27.25
N LYS E 115 16.10 -27.58 26.20
CA LYS E 115 14.91 -28.27 25.64
C LYS E 115 15.23 -29.61 25.07
N GLY E 116 16.44 -29.72 24.51
CA GLY E 116 16.96 -31.00 23.99
C GLY E 116 17.35 -32.03 25.02
N ILE E 117 17.56 -31.64 26.28
CA ILE E 117 18.08 -32.57 27.28
C ILE E 117 17.11 -33.69 27.63
N PRO E 118 15.86 -33.38 27.95
CA PRO E 118 14.98 -34.54 28.17
C PRO E 118 14.70 -35.33 26.91
N MET E 119 14.79 -34.67 25.78
CA MET E 119 14.62 -35.37 24.49
C MET E 119 15.75 -36.38 24.16
N VAL E 120 16.96 -36.10 24.61
CA VAL E 120 18.09 -36.87 24.13
C VAL E 120 18.12 -38.29 24.76
N SER E 121 17.78 -38.39 26.05
CA SER E 121 17.69 -39.69 26.65
C SER E 121 16.59 -40.52 26.02
N LEU E 122 15.44 -39.91 25.84
CA LEU E 122 14.30 -40.67 25.36
C LEU E 122 14.49 -41.05 23.89
N THR E 123 15.08 -40.16 23.10
CA THR E 123 15.41 -40.50 21.77
C THR E 123 16.38 -41.65 21.72
N SER E 124 17.40 -41.57 22.60
CA SER E 124 18.34 -42.70 22.76
C SER E 124 17.61 -44.00 23.04
N HIS E 125 16.59 -43.93 23.90
CA HIS E 125 15.79 -45.11 24.17
C HIS E 125 15.16 -45.68 22.89
N PHE E 126 14.54 -44.84 22.07
CA PHE E 126 13.92 -45.35 20.83
C PHE E 126 14.91 -45.85 19.79
N LEU E 127 16.05 -45.19 19.66
CA LEU E 127 17.14 -45.73 18.84
C LEU E 127 17.59 -47.12 19.28
N PHE E 128 17.73 -47.29 20.60
CA PHE E 128 18.23 -48.51 21.16
C PHE E 128 17.33 -49.69 20.81
N GLU E 129 16.04 -49.44 20.62
CA GLU E 129 15.12 -50.49 20.24
C GLU E 129 15.36 -51.10 18.86
N SER E 130 16.08 -50.40 17.99
CA SER E 130 16.47 -50.95 16.70
C SER E 130 17.40 -52.15 16.77
N LYS E 131 18.01 -52.39 17.93
CA LYS E 131 19.01 -53.45 18.11
C LYS E 131 20.26 -53.30 17.24
N LYS E 132 20.46 -52.13 16.65
CA LYS E 132 21.69 -51.90 15.89
C LYS E 132 22.85 -51.44 16.75
N TYR E 133 22.63 -51.26 18.05
CA TYR E 133 23.63 -50.63 18.89
C TYR E 133 23.82 -51.38 20.16
N SER E 134 25.04 -51.43 20.64
CA SER E 134 25.29 -52.13 21.89
C SER E 134 25.02 -51.19 23.07
N ASN E 135 25.15 -49.90 22.80
CA ASN E 135 24.82 -48.84 23.73
C ASN E 135 24.59 -47.55 22.92
N ILE E 136 24.09 -46.52 23.58
CA ILE E 136 24.01 -45.19 23.03
C ILE E 136 24.43 -44.22 24.08
N PHE E 137 25.41 -43.44 23.72
CA PHE E 137 26.00 -42.48 24.60
C PHE E 137 25.46 -41.10 24.25
N TYR E 138 24.91 -40.40 25.25
CA TYR E 138 24.43 -39.06 25.02
C TYR E 138 25.15 -38.04 25.85
N LEU E 139 25.14 -36.81 25.34
CA LEU E 139 25.79 -35.66 25.95
C LEU E 139 24.82 -34.50 26.14
N TYR E 140 25.21 -33.55 26.99
CA TYR E 140 24.53 -32.25 26.99
C TYR E 140 25.52 -31.17 27.32
N ASP E 141 25.20 -29.95 26.92
CA ASP E 141 26.00 -28.78 27.24
C ASP E 141 25.39 -27.96 28.40
N ARG E 142 26.21 -27.44 29.28
CA ARG E 142 25.74 -26.48 30.28
C ARG E 142 25.79 -25.04 29.70
N LYS E 143 25.27 -24.02 30.40
CA LYS E 143 25.34 -22.60 29.89
C LYS E 143 26.34 -21.55 30.44
N ASN E 152 33.64 -28.01 33.30
CA ASN E 152 33.42 -28.84 32.10
C ASN E 152 32.05 -28.65 31.41
N VAL E 153 32.10 -28.01 30.23
CA VAL E 153 30.90 -27.53 29.60
C VAL E 153 30.11 -28.59 28.86
N ILE E 154 30.76 -29.68 28.44
CA ILE E 154 30.06 -30.81 27.85
C ILE E 154 30.08 -32.00 28.84
N VAL E 155 28.90 -32.59 29.10
CA VAL E 155 28.77 -33.64 30.09
C VAL E 155 28.40 -34.94 29.40
N GLY E 156 29.05 -36.03 29.83
CA GLY E 156 28.74 -37.37 29.37
C GLY E 156 29.94 -38.26 29.31
N ASN E 157 29.87 -39.36 28.55
CA ASN E 157 30.95 -40.35 28.53
C ASN E 157 32.05 -39.91 27.57
N LEU E 158 32.79 -38.89 27.95
CA LEU E 158 33.92 -38.42 27.14
C LEU E 158 35.29 -38.97 27.53
N ASP E 159 36.16 -39.22 26.49
CA ASP E 159 37.55 -39.84 26.43
C ASP E 159 37.47 -41.17 25.67
N LYS E 180 38.39 -39.05 15.26
CA LYS E 180 37.35 -38.16 15.77
C LYS E 180 36.01 -38.86 16.05
N LYS E 181 35.38 -38.46 17.17
CA LYS E 181 34.05 -38.94 17.53
C LYS E 181 32.93 -38.02 16.99
N ASN E 182 31.91 -38.63 16.42
CA ASN E 182 30.82 -37.93 15.76
C ASN E 182 29.60 -37.71 16.63
N ILE E 183 29.10 -36.48 16.57
CA ILE E 183 27.95 -36.05 17.36
C ILE E 183 26.79 -35.60 16.48
N ILE E 184 25.60 -36.06 16.79
CA ILE E 184 24.34 -35.51 16.25
C ILE E 184 23.68 -34.68 17.35
N ILE E 185 23.31 -33.45 17.03
CA ILE E 185 22.75 -32.54 18.00
C ILE E 185 21.24 -32.48 17.80
N ILE E 186 20.51 -32.54 18.90
CA ILE E 186 19.05 -32.55 18.92
C ILE E 186 18.53 -31.30 19.65
N ASP E 187 17.51 -30.67 19.06
CA ASP E 187 16.97 -29.46 19.60
C ASP E 187 15.52 -29.34 19.15
N ASP E 188 14.77 -28.40 19.71
CA ASP E 188 13.33 -28.33 19.42
C ASP E 188 13.02 -27.54 18.17
N VAL E 189 13.57 -26.34 18.06
CA VAL E 189 13.19 -25.43 16.98
C VAL E 189 14.42 -24.86 16.33
N PHE E 190 14.43 -24.80 15.00
CA PHE E 190 15.45 -24.07 14.27
C PHE E 190 14.82 -22.82 13.68
N THR E 191 15.40 -21.68 14.02
CA THR E 191 15.00 -20.42 13.43
C THR E 191 16.15 -19.88 12.56
N CYS E 192 17.21 -19.36 13.20
CA CYS E 192 18.44 -18.89 12.53
C CYS E 192 19.67 -19.72 12.78
N GLY E 193 19.60 -20.56 13.80
CA GLY E 193 20.74 -21.36 14.16
C GLY E 193 21.59 -20.77 15.27
N THR E 194 21.09 -19.73 15.94
CA THR E 194 21.89 -19.04 16.91
C THR E 194 22.30 -19.99 17.99
N ALA E 195 21.34 -20.76 18.51
CA ALA E 195 21.61 -21.67 19.62
C ALA E 195 22.57 -22.78 19.17
N LEU E 196 22.37 -23.35 17.99
CA LEU E 196 23.27 -24.37 17.50
C LEU E 196 24.70 -23.82 17.32
N THR E 197 24.82 -22.59 16.87
CA THR E 197 26.14 -21.96 16.69
C THR E 197 26.86 -21.87 18.02
N GLU E 198 26.12 -21.59 19.09
CA GLU E 198 26.72 -21.41 20.40
C GLU E 198 27.26 -22.75 20.88
N ILE E 199 26.55 -23.82 20.57
CA ILE E 199 26.99 -25.17 20.96
C ILE E 199 28.23 -25.53 20.16
N LEU E 200 28.25 -25.18 18.89
CA LEU E 200 29.47 -25.39 18.09
C LEU E 200 30.68 -24.66 18.64
N ALA E 201 30.49 -23.45 19.15
CA ALA E 201 31.59 -22.71 19.78
C ALA E 201 32.13 -23.49 21.03
N LYS E 202 31.23 -24.02 21.85
CA LYS E 202 31.64 -24.81 23.01
C LYS E 202 32.38 -26.06 22.60
N LEU E 203 31.97 -26.67 21.48
CA LEU E 203 32.57 -27.93 21.03
C LEU E 203 33.89 -27.74 20.31
N LYS E 204 34.19 -26.53 19.84
CA LYS E 204 35.44 -26.28 19.14
C LYS E 204 36.68 -26.57 19.99
N THR E 205 36.59 -26.29 21.30
CA THR E 205 37.70 -26.55 22.25
C THR E 205 38.00 -28.05 22.35
N TYR E 206 37.02 -28.92 22.13
CA TYR E 206 37.24 -30.37 22.22
C TYR E 206 37.77 -30.85 20.87
N GLU E 207 39.06 -31.18 20.85
CA GLU E 207 39.69 -31.52 19.57
C GLU E 207 39.28 -32.84 18.92
N HIS E 208 38.87 -33.85 19.68
CA HIS E 208 38.46 -35.16 19.14
C HIS E 208 36.94 -35.29 18.87
N LEU E 209 36.18 -34.19 18.92
CA LEU E 209 34.73 -34.20 18.58
C LEU E 209 34.37 -33.42 17.34
N LYS E 210 33.37 -33.92 16.62
CA LYS E 210 32.92 -33.37 15.37
C LYS E 210 31.42 -33.53 15.28
N VAL E 211 30.72 -32.52 14.81
CA VAL E 211 29.28 -32.61 14.65
C VAL E 211 28.98 -32.99 13.21
N VAL E 212 28.16 -34.00 13.02
CA VAL E 212 27.81 -34.43 11.67
C VAL E 212 26.37 -34.19 11.26
N ALA E 213 25.51 -33.79 12.19
CA ALA E 213 24.09 -33.51 11.85
C ALA E 213 23.34 -32.83 12.98
N PHE E 214 22.34 -32.05 12.63
CA PHE E 214 21.43 -31.43 13.56
C PHE E 214 20.06 -31.98 13.25
N ILE E 215 19.35 -32.41 14.29
CA ILE E 215 17.97 -32.87 14.14
C ILE E 215 17.05 -32.10 15.07
N VAL E 216 15.90 -31.73 14.55
CA VAL E 216 15.10 -30.74 15.19
C VAL E 216 13.63 -31.11 15.00
N LEU E 217 12.80 -30.70 15.95
CA LEU E 217 11.34 -30.99 15.81
C LEU E 217 10.70 -30.10 14.75
N LEU E 218 11.07 -28.82 14.74
CA LEU E 218 10.48 -27.87 13.83
C LEU E 218 11.51 -26.93 13.22
N ASN E 219 11.49 -26.83 11.89
CA ASN E 219 12.21 -25.80 11.19
C ASN E 219 11.21 -24.73 10.78
N ARG E 220 11.38 -23.50 11.29
CA ARG E 220 10.46 -22.42 10.94
C ARG E 220 10.57 -21.86 9.51
N ASN E 221 11.57 -22.28 8.73
CA ASN E 221 11.75 -21.80 7.37
C ASN E 221 11.84 -20.26 7.29
N GLU E 222 12.57 -19.67 8.25
CA GLU E 222 12.77 -18.25 8.24
C GLU E 222 13.69 -17.85 7.15
N TYR E 223 13.50 -16.62 6.69
CA TYR E 223 14.34 -16.07 5.66
C TYR E 223 14.50 -14.55 5.84
N GLU E 224 15.45 -13.99 5.11
CA GLU E 224 15.50 -12.55 5.01
C GLU E 224 15.46 -12.26 3.51
N ILE E 225 14.96 -11.11 3.16
CA ILE E 225 15.02 -10.68 1.79
C ILE E 225 16.28 -9.86 1.60
N ASN E 226 16.98 -10.11 0.52
CA ASN E 226 18.26 -9.49 0.29
C ASN E 226 18.15 -8.30 -0.64
N GLU E 227 19.30 -7.83 -1.06
CA GLU E 227 19.47 -6.65 -1.84
C GLU E 227 18.91 -6.80 -3.31
N ASN E 228 18.61 -8.03 -3.73
CA ASN E 228 17.98 -8.37 -5.03
C ASN E 228 16.54 -8.87 -4.92
N ASN E 229 15.93 -8.67 -3.77
CA ASN E 229 14.53 -8.98 -3.53
C ASN E 229 14.28 -10.45 -3.57
N GLN E 230 15.25 -11.19 -3.08
CA GLN E 230 15.20 -12.64 -3.04
C GLN E 230 15.14 -13.19 -1.63
N LYS E 231 14.36 -14.24 -1.41
CA LYS E 231 14.29 -14.86 -0.08
C LYS E 231 15.54 -15.74 0.08
N ILE E 232 16.33 -15.44 1.11
CA ILE E 232 17.48 -16.22 1.47
C ILE E 232 17.16 -16.87 2.79
N TYR E 233 17.08 -18.21 2.81
CA TYR E 233 16.64 -18.95 4.02
C TYR E 233 17.79 -19.14 4.98
N PHE E 234 17.54 -18.91 6.26
CA PHE E 234 18.58 -19.09 7.26
C PHE E 234 19.10 -20.52 7.32
N LYS E 235 18.25 -21.50 7.03
CA LYS E 235 18.74 -22.86 7.03
C LYS E 235 19.89 -23.02 6.05
N ASP E 236 19.73 -22.46 4.86
CA ASP E 236 20.73 -22.64 3.82
C ASP E 236 22.03 -21.93 4.14
N ILE E 237 21.92 -20.70 4.63
CA ILE E 237 23.07 -19.89 5.05
C ILE E 237 23.82 -20.62 6.15
N PHE E 238 23.06 -21.08 7.13
CA PHE E 238 23.62 -21.84 8.23
C PHE E 238 24.34 -23.12 7.76
N GLU E 239 23.70 -23.91 6.90
CA GLU E 239 24.31 -25.19 6.46
C GLU E 239 25.61 -24.91 5.74
N LYS E 240 25.62 -23.84 4.95
CA LYS E 240 26.81 -23.50 4.17
C LYS E 240 27.94 -23.06 5.07
N ARG E 241 27.64 -22.18 6.02
CA ARG E 241 28.67 -21.66 6.91
C ARG E 241 29.31 -22.75 7.75
N VAL E 242 28.52 -23.70 8.27
CA VAL E 242 29.10 -24.68 9.23
C VAL E 242 29.35 -26.04 8.62
N GLY E 243 28.87 -26.28 7.39
CA GLY E 243 29.15 -27.52 6.64
C GLY E 243 28.50 -28.75 7.23
N ILE E 244 27.33 -28.60 7.84
CA ILE E 244 26.64 -29.69 8.50
C ILE E 244 25.13 -29.64 8.18
N PRO E 245 24.52 -30.79 7.89
CA PRO E 245 23.13 -30.80 7.48
C PRO E 245 22.20 -30.70 8.66
N LEU E 246 21.08 -30.02 8.42
CA LEU E 246 19.98 -29.97 9.36
C LEU E 246 18.75 -30.73 8.85
N TYR E 247 18.16 -31.58 9.71
CA TYR E 247 16.94 -32.34 9.45
C TYR E 247 15.84 -31.93 10.43
N SER E 248 14.60 -32.04 10.00
CA SER E 248 13.52 -31.70 10.89
C SER E 248 12.32 -32.63 10.77
N ILE E 249 11.63 -32.86 11.86
CA ILE E 249 10.43 -33.68 11.79
C ILE E 249 9.38 -32.94 11.00
N LEU E 250 9.16 -31.67 11.37
CA LEU E 250 8.14 -30.82 10.79
C LEU E 250 8.75 -29.52 10.25
N SER E 251 8.05 -28.87 9.33
CA SER E 251 8.49 -27.57 8.84
C SER E 251 7.28 -26.65 8.70
N TYR E 252 7.53 -25.35 8.78
CA TYR E 252 6.48 -24.37 8.60
C TYR E 252 5.81 -24.55 7.25
N LYS E 253 6.61 -24.65 6.18
CA LYS E 253 6.07 -24.74 4.82
C LYS E 253 5.20 -26.01 4.65
N ASP E 254 5.74 -27.17 4.99
CA ASP E 254 5.00 -28.42 4.76
C ASP E 254 3.87 -28.69 5.76
N ASP E 255 3.96 -28.19 6.98
CA ASP E 255 3.14 -28.73 8.05
C ASP E 255 2.33 -27.70 8.77
N ILE E 256 2.87 -26.50 8.95
CA ILE E 256 2.20 -25.50 9.80
C ILE E 256 1.36 -24.51 9.02
N GLN E 257 1.77 -24.18 7.80
CA GLN E 257 1.09 -23.17 7.03
C GLN E 257 -0.36 -23.52 6.76
N SER E 258 -0.62 -24.80 6.44
CA SER E 258 -1.99 -25.27 6.22
C SER E 258 -2.89 -25.23 7.48
N MET E 259 -2.34 -24.98 8.67
CA MET E 259 -3.13 -24.93 9.94
C MET E 259 -3.63 -23.56 10.35
N ASN F 8 -15.56 9.39 13.60
CA ASN F 8 -16.26 8.60 12.54
C ASN F 8 -17.73 8.92 12.56
N GLU F 9 -18.07 10.07 11.96
CA GLU F 9 -19.39 10.63 11.99
C GLU F 9 -20.04 10.85 10.60
N PHE F 10 -21.35 10.73 10.60
CA PHE F 10 -22.13 10.53 9.41
C PHE F 10 -23.37 11.37 9.51
N LEU F 11 -24.00 11.61 8.38
CA LEU F 11 -25.27 12.27 8.38
C LEU F 11 -26.21 11.61 9.36
N CYS F 12 -27.00 12.43 10.05
CA CYS F 12 -28.00 11.90 10.94
C CYS F 12 -29.18 11.42 10.12
N ASP F 13 -29.95 10.49 10.68
CA ASP F 13 -31.11 9.93 9.99
C ASP F 13 -32.07 10.98 9.48
N GLU F 14 -32.27 12.08 10.19
CA GLU F 14 -33.27 13.06 9.76
C GLU F 14 -32.81 13.66 8.45
N GLU F 15 -31.49 13.88 8.30
CA GLU F 15 -30.92 14.49 7.11
C GLU F 15 -30.92 13.51 5.98
N ILE F 16 -30.66 12.24 6.29
CA ILE F 16 -30.69 11.22 5.27
C ILE F 16 -32.08 11.17 4.67
N TYR F 17 -33.08 11.23 5.51
CA TYR F 17 -34.47 11.13 5.02
C TYR F 17 -34.79 12.32 4.12
N LYS F 18 -34.44 13.51 4.57
CA LYS F 18 -34.69 14.73 3.79
C LYS F 18 -34.04 14.63 2.42
N SER F 19 -32.83 14.12 2.37
CA SER F 19 -32.12 14.01 1.14
C SER F 19 -32.75 12.91 0.26
N PHE F 20 -33.13 11.78 0.88
CA PHE F 20 -33.90 10.77 0.17
C PHE F 20 -35.15 11.33 -0.49
N VAL F 21 -35.93 12.12 0.24
CA VAL F 21 -37.21 12.67 -0.31
C VAL F 21 -36.91 13.55 -1.52
N HIS F 22 -35.93 14.40 -1.37
CA HIS F 22 -35.55 15.30 -2.46
C HIS F 22 -35.11 14.53 -3.69
N LEU F 23 -34.22 13.56 -3.50
CA LEU F 23 -33.72 12.82 -4.62
C LEU F 23 -34.78 11.91 -5.24
N LYS F 24 -35.70 11.40 -4.42
CA LYS F 24 -36.77 10.56 -4.93
C LYS F 24 -37.64 11.38 -5.86
N ASP F 25 -37.94 12.61 -5.47
CA ASP F 25 -38.82 13.46 -6.27
C ASP F 25 -38.16 13.76 -7.60
N LYS F 26 -36.87 14.16 -7.57
CA LYS F 26 -36.14 14.44 -8.80
C LYS F 26 -36.02 13.21 -9.70
N ILE F 27 -35.78 12.05 -9.12
CA ILE F 27 -35.64 10.87 -9.93
C ILE F 27 -36.95 10.56 -10.67
N CYS F 28 -38.06 10.59 -9.95
CA CYS F 28 -39.38 10.30 -10.57
C CYS F 28 -39.71 11.36 -11.65
N GLU F 29 -39.48 12.62 -11.31
CA GLU F 29 -39.67 13.71 -12.28
C GLU F 29 -38.89 13.49 -13.56
N GLU F 30 -37.60 13.18 -13.44
CA GLU F 30 -36.76 13.04 -14.63
C GLU F 30 -37.11 11.79 -15.42
N ARG F 31 -37.57 10.74 -14.75
CA ARG F 31 -38.01 9.53 -15.48
C ARG F 31 -39.23 9.89 -16.28
N LYS F 32 -40.17 10.65 -15.69
CA LYS F 32 -41.41 10.99 -16.39
C LYS F 32 -41.11 11.87 -17.59
N LYS F 33 -40.19 12.81 -17.45
CA LYS F 33 -39.78 13.67 -18.54
C LYS F 33 -38.84 13.00 -19.54
N LYS F 34 -38.47 11.75 -19.31
CA LYS F 34 -37.54 11.04 -20.20
C LYS F 34 -36.23 11.78 -20.44
N GLU F 35 -35.76 12.54 -19.44
CA GLU F 35 -34.45 13.19 -19.49
C GLU F 35 -33.41 12.25 -18.92
N LEU F 36 -32.78 11.46 -19.78
CA LEU F 36 -31.97 10.30 -19.40
C LEU F 36 -30.69 10.67 -18.66
N VAL F 37 -30.05 11.75 -19.06
CA VAL F 37 -28.82 12.16 -18.42
C VAL F 37 -29.07 12.67 -16.99
N SER F 38 -30.14 13.43 -16.81
CA SER F 38 -30.47 13.95 -15.52
C SER F 38 -30.92 12.78 -14.60
N TYR F 39 -31.76 11.88 -15.13
CA TYR F 39 -32.20 10.71 -14.40
C TYR F 39 -31.00 9.96 -13.89
N SER F 40 -30.07 9.63 -14.78
CA SER F 40 -28.85 8.91 -14.36
C SER F 40 -28.08 9.62 -13.30
N SER F 41 -28.02 10.91 -13.41
CA SER F 41 -27.26 11.68 -12.47
C SER F 41 -27.92 11.67 -11.10
N TYR F 42 -29.21 11.87 -11.04
CA TYR F 42 -29.89 11.82 -9.74
C TYR F 42 -29.87 10.40 -9.12
N ILE F 43 -29.95 9.36 -9.95
CA ILE F 43 -29.78 7.98 -9.49
C ILE F 43 -28.40 7.83 -8.86
N LYS F 44 -27.41 8.42 -9.48
CA LYS F 44 -26.07 8.38 -8.94
C LYS F 44 -26.01 9.12 -7.60
N GLU F 45 -26.73 10.21 -7.44
CA GLU F 45 -26.78 10.88 -6.09
C GLU F 45 -27.42 10.01 -5.01
N MET F 46 -28.49 9.31 -5.37
CA MET F 46 -29.16 8.45 -4.43
C MET F 46 -28.23 7.33 -4.07
N LYS F 47 -27.46 6.85 -5.02
CA LYS F 47 -26.47 5.83 -4.70
C LYS F 47 -25.42 6.34 -3.76
N LYS F 48 -25.02 7.59 -3.89
CA LYS F 48 -24.09 8.16 -2.93
C LYS F 48 -24.68 8.20 -1.52
N LEU F 49 -25.95 8.56 -1.42
CA LEU F 49 -26.58 8.61 -0.13
C LEU F 49 -26.65 7.19 0.46
N LEU F 50 -26.99 6.23 -0.39
CA LEU F 50 -26.99 4.84 0.03
C LEU F 50 -25.64 4.41 0.57
N LYS F 51 -24.55 4.84 -0.06
CA LYS F 51 -23.22 4.36 0.37
C LYS F 51 -22.90 4.96 1.73
N VAL F 52 -23.36 6.19 1.96
CA VAL F 52 -23.20 6.76 3.28
C VAL F 52 -23.94 5.94 4.31
N VAL F 53 -25.14 5.50 3.96
CA VAL F 53 -25.95 4.67 4.84
C VAL F 53 -25.23 3.34 5.12
N LEU F 54 -24.67 2.74 4.09
CA LEU F 54 -24.01 1.46 4.25
C LEU F 54 -22.85 1.61 5.24
N LEU F 55 -22.12 2.70 5.15
CA LEU F 55 -21.00 2.92 6.08
C LEU F 55 -21.50 3.30 7.47
N LYS F 56 -22.51 4.16 7.56
CA LYS F 56 -23.01 4.59 8.84
C LYS F 56 -23.54 3.39 9.67
N TYR F 57 -24.25 2.46 9.06
CA TYR F 57 -24.84 1.33 9.77
C TYR F 57 -23.92 0.12 9.76
N LYS F 58 -22.74 0.29 9.18
CA LYS F 58 -21.72 -0.77 9.16
C LYS F 58 -22.16 -2.01 8.44
N ALA F 59 -22.90 -1.80 7.35
CA ALA F 59 -23.23 -2.85 6.42
C ALA F 59 -22.00 -3.24 5.59
N LEU F 60 -21.12 -2.25 5.37
CA LEU F 60 -19.80 -2.49 4.79
C LEU F 60 -18.74 -2.36 5.86
N LYS F 61 -17.85 -3.32 5.93
CA LYS F 61 -16.66 -3.25 6.81
C LYS F 61 -15.41 -3.56 6.01
N PHE F 62 -14.30 -2.95 6.39
CA PHE F 62 -13.03 -3.10 5.65
C PHE F 62 -11.90 -3.80 6.37
N GLY F 63 -11.08 -4.55 5.60
CA GLY F 63 -9.86 -5.23 6.06
C GLY F 63 -10.03 -6.73 6.17
N GLU F 64 -9.68 -7.48 5.12
CA GLU F 64 -9.73 -8.96 5.20
C GLU F 64 -11.06 -9.51 5.73
N SER F 73 -13.56 -9.32 -0.48
CA SER F 73 -12.67 -10.17 0.35
C SER F 73 -11.66 -9.33 1.24
N ASN F 74 -11.23 -8.18 0.69
CA ASN F 74 -10.83 -6.97 1.45
C ASN F 74 -12.02 -6.17 2.06
N TYR F 75 -13.26 -6.60 1.84
CA TYR F 75 -14.41 -6.03 2.50
C TYR F 75 -15.45 -7.13 2.79
N PHE F 76 -16.30 -6.86 3.78
CA PHE F 76 -17.38 -7.76 4.23
C PHE F 76 -18.71 -6.98 4.16
N PHE F 77 -19.77 -7.64 3.71
CA PHE F 77 -21.04 -6.99 3.56
C PHE F 77 -22.10 -7.74 4.33
N SER F 78 -22.85 -7.06 5.21
CA SER F 78 -24.02 -7.68 5.86
C SER F 78 -25.23 -6.77 5.79
N SER F 79 -26.36 -7.34 5.44
CA SER F 79 -27.57 -6.56 5.21
C SER F 79 -28.51 -6.48 6.41
N GLY F 80 -28.20 -7.18 7.48
CA GLY F 80 -29.07 -7.17 8.63
C GLY F 80 -29.25 -5.77 9.20
N VAL F 81 -28.17 -4.99 9.20
CA VAL F 81 -28.21 -3.63 9.73
C VAL F 81 -28.99 -2.66 8.87
N LEU F 82 -29.52 -3.13 7.73
CA LEU F 82 -30.31 -2.28 6.85
C LEU F 82 -31.81 -2.43 7.06
N ASN F 83 -32.20 -3.19 8.07
CA ASN F 83 -33.60 -3.38 8.40
C ASN F 83 -34.11 -2.25 9.31
N ASN F 84 -34.07 -1.07 8.73
CA ASN F 84 -34.63 0.12 9.33
C ASN F 84 -35.16 0.98 8.19
N ILE F 85 -36.27 1.66 8.44
CA ILE F 85 -37.03 2.22 7.36
C ILE F 85 -36.26 3.33 6.63
N VAL F 86 -35.45 4.11 7.32
CA VAL F 86 -34.64 5.11 6.61
C VAL F 86 -33.70 4.50 5.59
N SER F 87 -33.06 3.39 5.96
CA SER F 87 -32.22 2.69 5.02
C SER F 87 -33.06 1.96 3.95
N SER F 88 -34.07 1.21 4.34
CA SER F 88 -34.74 0.35 3.38
C SER F 88 -35.58 1.19 2.42
N ASN F 89 -35.98 2.40 2.81
CA ASN F 89 -36.60 3.30 1.86
C ASN F 89 -35.74 3.52 0.62
N ILE F 90 -34.46 3.79 0.87
CA ILE F 90 -33.53 4.09 -0.23
C ILE F 90 -33.34 2.84 -1.10
N ILE F 91 -33.07 1.71 -0.45
CA ILE F 91 -32.83 0.46 -1.12
C ILE F 91 -34.03 0.06 -1.98
N CYS F 92 -35.20 0.02 -1.36
CA CYS F 92 -36.41 -0.47 -2.03
C CYS F 92 -36.94 0.50 -3.11
N PHE F 93 -36.73 1.81 -2.90
CA PHE F 93 -37.01 2.77 -3.92
C PHE F 93 -36.19 2.49 -5.15
N LEU F 94 -34.90 2.29 -4.94
CA LEU F 94 -33.98 2.00 -6.08
C LEU F 94 -34.28 0.65 -6.75
N LEU F 95 -34.68 -0.37 -5.98
CA LEU F 95 -35.09 -1.63 -6.62
C LEU F 95 -36.32 -1.41 -7.50
N SER F 96 -37.28 -0.65 -7.01
CA SER F 96 -38.39 -0.29 -7.82
C SER F 96 -37.95 0.48 -9.08
N GLU F 97 -37.01 1.41 -8.98
CA GLU F 97 -36.57 2.14 -10.18
C GLU F 97 -35.92 1.21 -11.22
N LEU F 98 -35.19 0.18 -10.79
CA LEU F 98 -34.58 -0.70 -11.74
C LEU F 98 -35.66 -1.39 -12.55
N ILE F 99 -36.75 -1.72 -11.92
CA ILE F 99 -37.80 -2.41 -12.58
C ILE F 99 -38.46 -1.48 -13.60
N LEU F 100 -38.73 -0.25 -13.18
CA LEU F 100 -39.35 0.73 -14.08
C LEU F 100 -38.44 1.15 -15.24
N LYS F 101 -37.21 1.49 -14.93
CA LYS F 101 -36.29 1.99 -15.94
C LYS F 101 -36.10 0.94 -17.04
N ASN F 102 -35.95 -0.31 -16.66
CA ASN F 102 -35.73 -1.35 -17.64
C ASN F 102 -37.02 -1.95 -18.14
N LYS F 103 -38.15 -1.33 -17.81
CA LYS F 103 -39.44 -1.74 -18.32
C LYS F 103 -39.71 -3.25 -18.16
N LEU F 104 -39.43 -3.80 -16.97
CA LEU F 104 -39.59 -5.21 -16.71
C LEU F 104 -41.03 -5.55 -16.36
N SER F 105 -41.60 -6.46 -17.11
CA SER F 105 -42.97 -6.86 -16.93
C SER F 105 -42.96 -8.04 -15.98
N PHE F 106 -43.92 -8.04 -15.08
CA PHE F 106 -44.00 -9.13 -14.12
C PHE F 106 -45.44 -9.31 -13.64
N ASP F 107 -45.71 -10.50 -13.20
CA ASP F 107 -46.96 -10.78 -12.53
C ASP F 107 -46.77 -10.85 -11.02
N TYR F 108 -45.58 -11.27 -10.59
CA TYR F 108 -45.24 -11.36 -9.18
C TYR F 108 -43.84 -10.82 -8.92
N LEU F 109 -43.62 -10.31 -7.72
CA LEU F 109 -42.29 -10.12 -7.19
C LEU F 109 -42.06 -11.13 -6.11
N LEU F 110 -40.85 -11.64 -6.03
CA LEU F 110 -40.57 -12.64 -5.02
C LEU F 110 -39.41 -12.21 -4.19
N GLY F 111 -39.61 -12.18 -2.90
CA GLY F 111 -38.53 -11.81 -1.98
C GLY F 111 -37.82 -13.04 -1.51
N ALA F 112 -36.53 -13.18 -1.83
CA ALA F 112 -35.71 -14.31 -1.41
C ALA F 112 -35.63 -14.42 0.13
N SER F 113 -35.91 -15.61 0.69
CA SER F 113 -35.85 -15.72 2.14
C SER F 113 -34.41 -15.64 2.57
N TYR F 114 -34.11 -15.02 3.70
CA TYR F 114 -35.03 -14.20 4.48
C TYR F 114 -34.90 -12.75 4.09
N LYS F 115 -33.71 -12.37 3.61
CA LYS F 115 -33.34 -10.95 3.49
C LYS F 115 -34.25 -10.17 2.55
N GLY F 116 -34.71 -10.85 1.49
CA GLY F 116 -35.57 -10.25 0.51
C GLY F 116 -36.98 -10.02 0.97
N ILE F 117 -37.39 -10.69 2.02
CA ILE F 117 -38.79 -10.66 2.38
C ILE F 117 -39.27 -9.27 2.85
N PRO F 118 -38.56 -8.61 3.81
CA PRO F 118 -39.00 -7.25 4.16
C PRO F 118 -38.78 -6.24 3.05
N MET F 119 -37.81 -6.54 2.18
CA MET F 119 -37.67 -5.72 0.94
C MET F 119 -38.83 -5.83 -0.10
N VAL F 120 -39.51 -6.98 -0.17
CA VAL F 120 -40.42 -7.18 -1.30
C VAL F 120 -41.71 -6.41 -1.11
N SER F 121 -42.21 -6.35 0.12
CA SER F 121 -43.40 -5.57 0.36
C SER F 121 -43.13 -4.08 0.15
N LEU F 122 -42.00 -3.60 0.66
CA LEU F 122 -41.74 -2.18 0.60
C LEU F 122 -41.41 -1.78 -0.86
N THR F 123 -40.74 -2.65 -1.58
CA THR F 123 -40.46 -2.36 -2.96
C THR F 123 -41.78 -2.27 -3.69
N SER F 124 -42.67 -3.21 -3.35
CA SER F 124 -44.01 -3.20 -3.94
C SER F 124 -44.68 -1.86 -3.70
N HIS F 125 -44.49 -1.34 -2.51
CA HIS F 125 -45.07 -0.04 -2.17
C HIS F 125 -44.52 1.07 -3.08
N PHE F 126 -43.23 1.10 -3.32
CA PHE F 126 -42.71 2.14 -4.23
C PHE F 126 -43.15 1.94 -5.67
N LEU F 127 -43.21 0.71 -6.16
CA LEU F 127 -43.70 0.43 -7.51
C LEU F 127 -45.13 0.92 -7.69
N PHE F 128 -45.95 0.66 -6.69
CA PHE F 128 -47.32 1.03 -6.74
C PHE F 128 -47.50 2.52 -6.90
N GLU F 129 -46.56 3.33 -6.42
CA GLU F 129 -46.67 4.78 -6.55
C GLU F 129 -46.60 5.29 -7.98
N SER F 130 -46.06 4.47 -8.89
CA SER F 130 -46.03 4.80 -10.30
C SER F 130 -47.39 4.88 -10.96
N LYS F 131 -48.42 4.37 -10.29
CA LYS F 131 -49.78 4.34 -10.84
C LYS F 131 -49.92 3.51 -12.10
N LYS F 132 -48.92 2.72 -12.43
CA LYS F 132 -49.05 1.82 -13.58
C LYS F 132 -49.77 0.52 -13.25
N TYR F 133 -50.13 0.28 -11.99
CA TYR F 133 -50.58 -1.02 -11.60
C TYR F 133 -51.85 -0.94 -10.77
N SER F 134 -52.75 -1.89 -10.95
CA SER F 134 -53.96 -1.89 -10.15
C SER F 134 -53.71 -2.59 -8.80
N ASN F 135 -52.71 -3.49 -8.80
CA ASN F 135 -52.18 -4.14 -7.62
C ASN F 135 -50.79 -4.66 -7.92
N ILE F 136 -50.06 -5.05 -6.88
CA ILE F 136 -48.77 -5.73 -6.98
C ILE F 136 -48.78 -6.92 -6.02
N PHE F 137 -48.53 -8.09 -6.58
CA PHE F 137 -48.61 -9.31 -5.84
C PHE F 137 -47.21 -9.78 -5.56
N TYR F 138 -46.92 -10.04 -4.31
CA TYR F 138 -45.60 -10.55 -3.96
C TYR F 138 -45.62 -11.93 -3.28
N LEU F 139 -44.49 -12.61 -3.39
CA LEU F 139 -44.31 -13.98 -2.93
C LEU F 139 -43.08 -14.05 -2.04
N TYR F 140 -42.99 -15.13 -1.28
CA TYR F 140 -41.70 -15.51 -0.70
C TYR F 140 -41.61 -17.00 -0.58
N ASP F 141 -40.38 -17.48 -0.50
CA ASP F 141 -40.10 -18.91 -0.36
C ASP F 141 -39.76 -19.23 1.07
N ARG F 142 -40.20 -20.38 1.55
CA ARG F 142 -39.67 -20.90 2.81
C ARG F 142 -38.45 -21.77 2.52
N ASN F 152 -47.13 -25.18 -0.89
CA ASN F 152 -46.79 -24.41 0.30
C ASN F 152 -45.28 -23.97 0.43
N VAL F 153 -44.31 -24.34 -0.41
CA VAL F 153 -42.92 -23.83 -0.29
C VAL F 153 -42.83 -22.37 -0.84
N ILE F 154 -43.74 -22.02 -1.75
CA ILE F 154 -43.92 -20.64 -2.21
C ILE F 154 -45.24 -20.09 -1.67
N VAL F 155 -45.19 -18.93 -1.02
CA VAL F 155 -46.34 -18.36 -0.35
C VAL F 155 -46.77 -17.09 -1.04
N GLY F 156 -48.07 -16.93 -1.25
CA GLY F 156 -48.66 -15.74 -1.85
C GLY F 156 -49.91 -16.03 -2.68
N ASN F 157 -50.31 -15.09 -3.56
CA ASN F 157 -51.54 -15.21 -4.30
C ASN F 157 -51.35 -16.08 -5.51
N LEU F 158 -51.15 -17.36 -5.28
CA LEU F 158 -51.08 -18.36 -6.35
C LEU F 158 -52.53 -19.01 -6.32
N LYS F 180 -47.95 -18.71 -18.78
CA LYS F 180 -47.06 -18.66 -17.61
C LYS F 180 -46.98 -17.29 -16.91
N LYS F 181 -46.97 -17.32 -15.58
CA LYS F 181 -46.85 -16.11 -14.79
C LYS F 181 -45.40 -15.79 -14.52
N ASN F 182 -45.06 -14.50 -14.69
CA ASN F 182 -43.69 -14.02 -14.57
C ASN F 182 -43.32 -13.47 -13.20
N ILE F 183 -42.14 -13.89 -12.74
CA ILE F 183 -41.62 -13.52 -11.47
C ILE F 183 -40.29 -12.78 -11.60
N ILE F 184 -40.15 -11.69 -10.85
CA ILE F 184 -38.86 -11.03 -10.60
C ILE F 184 -38.45 -11.39 -9.18
N ILE F 185 -37.23 -11.88 -9.02
CA ILE F 185 -36.72 -12.21 -7.73
C ILE F 185 -35.82 -11.11 -7.18
N ILE F 186 -36.03 -10.77 -5.91
CA ILE F 186 -35.30 -9.70 -5.23
C ILE F 186 -34.44 -10.37 -4.16
N ASP F 187 -33.17 -10.01 -4.10
CA ASP F 187 -32.28 -10.45 -3.01
C ASP F 187 -31.23 -9.39 -2.67
N ASP F 188 -30.44 -9.59 -1.62
CA ASP F 188 -29.51 -8.55 -1.18
C ASP F 188 -28.19 -8.59 -1.96
N VAL F 189 -27.56 -9.77 -2.08
CA VAL F 189 -26.18 -9.85 -2.60
C VAL F 189 -26.02 -10.98 -3.59
N PHE F 190 -25.32 -10.71 -4.68
CA PHE F 190 -25.00 -11.72 -5.66
C PHE F 190 -23.48 -11.94 -5.70
N THR F 191 -23.08 -13.19 -5.49
CA THR F 191 -21.68 -13.57 -5.55
C THR F 191 -21.49 -14.51 -6.75
N CYS F 192 -21.93 -15.75 -6.60
CA CYS F 192 -21.91 -16.80 -7.68
C CYS F 192 -23.29 -17.22 -8.13
N GLY F 193 -24.31 -16.91 -7.34
CA GLY F 193 -25.66 -17.27 -7.70
C GLY F 193 -26.17 -18.53 -7.00
N THR F 194 -25.44 -19.01 -5.98
CA THR F 194 -25.79 -20.30 -5.29
C THR F 194 -27.22 -20.12 -4.67
N ALA F 195 -27.49 -18.99 -4.01
CA ALA F 195 -28.82 -18.77 -3.39
C ALA F 195 -29.98 -18.64 -4.39
N LEU F 196 -29.75 -17.91 -5.48
CA LEU F 196 -30.77 -17.76 -6.51
C LEU F 196 -31.03 -19.11 -7.18
N THR F 197 -29.98 -19.90 -7.38
CA THR F 197 -30.16 -21.25 -7.96
C THR F 197 -31.10 -22.10 -7.08
N GLU F 198 -31.00 -21.98 -5.76
CA GLU F 198 -31.88 -22.80 -4.90
C GLU F 198 -33.32 -22.41 -5.03
N ILE F 199 -33.56 -21.10 -5.16
CA ILE F 199 -34.92 -20.63 -5.35
C ILE F 199 -35.46 -21.11 -6.70
N LEU F 200 -34.62 -21.07 -7.74
CA LEU F 200 -35.02 -21.64 -9.02
C LEU F 200 -35.41 -23.12 -8.90
N ALA F 201 -34.65 -23.88 -8.10
CA ALA F 201 -34.96 -25.31 -7.88
C ALA F 201 -36.36 -25.44 -7.27
N LYS F 202 -36.66 -24.62 -6.28
CA LYS F 202 -37.98 -24.67 -5.65
C LYS F 202 -39.08 -24.31 -6.64
N LEU F 203 -38.78 -23.39 -7.56
CA LEU F 203 -39.78 -22.93 -8.52
C LEU F 203 -39.98 -23.87 -9.72
N LYS F 204 -39.03 -24.78 -9.99
CA LYS F 204 -39.16 -25.71 -11.16
C LYS F 204 -40.40 -26.57 -11.00
N THR F 205 -40.75 -26.96 -9.77
CA THR F 205 -41.93 -27.80 -9.51
C THR F 205 -43.23 -27.08 -9.94
N TYR F 206 -43.27 -25.74 -9.89
CA TYR F 206 -44.48 -24.99 -10.23
C TYR F 206 -44.48 -24.79 -11.73
N GLU F 207 -45.37 -25.51 -12.40
CA GLU F 207 -45.43 -25.53 -13.86
C GLU F 207 -45.78 -24.19 -14.53
N HIS F 208 -46.66 -23.41 -13.91
CA HIS F 208 -47.15 -22.14 -14.49
C HIS F 208 -46.32 -20.88 -14.10
N LEU F 209 -45.16 -21.06 -13.46
CA LEU F 209 -44.29 -19.93 -13.09
C LEU F 209 -42.97 -19.90 -13.82
N LYS F 210 -42.50 -18.68 -14.10
CA LYS F 210 -41.27 -18.44 -14.83
C LYS F 210 -40.58 -17.22 -14.23
N VAL F 211 -39.27 -17.32 -14.00
CA VAL F 211 -38.51 -16.18 -13.46
C VAL F 211 -37.91 -15.39 -14.66
N VAL F 212 -38.20 -14.09 -14.75
CA VAL F 212 -37.75 -13.26 -15.88
C VAL F 212 -36.65 -12.28 -15.52
N ALA F 213 -36.34 -12.13 -14.23
CA ALA F 213 -35.24 -11.23 -13.81
C ALA F 213 -34.89 -11.42 -12.34
N PHE F 214 -33.63 -11.12 -12.02
CA PHE F 214 -33.17 -11.04 -10.68
C PHE F 214 -32.73 -9.61 -10.43
N ILE F 215 -33.14 -9.06 -9.29
CA ILE F 215 -32.66 -7.73 -8.85
C ILE F 215 -32.09 -7.80 -7.46
N VAL F 216 -30.99 -7.11 -7.29
CA VAL F 216 -30.17 -7.32 -6.17
C VAL F 216 -29.57 -5.98 -5.72
N LEU F 217 -29.31 -5.85 -4.44
CA LEU F 217 -28.71 -4.61 -3.93
C LEU F 217 -27.26 -4.50 -4.30
N LEU F 218 -26.53 -5.59 -4.18
CA LEU F 218 -25.10 -5.57 -4.50
C LEU F 218 -24.63 -6.78 -5.29
N ASN F 219 -23.94 -6.51 -6.40
CA ASN F 219 -23.22 -7.53 -7.13
C ASN F 219 -21.75 -7.40 -6.80
N ARG F 220 -21.17 -8.44 -6.21
CA ARG F 220 -19.74 -8.39 -5.86
C ARG F 220 -18.77 -8.44 -7.03
N ASN F 221 -19.25 -8.70 -8.25
CA ASN F 221 -18.36 -8.82 -9.41
C ASN F 221 -17.23 -9.83 -9.23
N GLU F 222 -17.58 -10.99 -8.67
CA GLU F 222 -16.61 -12.07 -8.54
C GLU F 222 -16.29 -12.66 -9.92
N TYR F 223 -15.06 -13.16 -10.08
CA TYR F 223 -14.61 -13.73 -11.36
C TYR F 223 -13.63 -14.91 -11.25
N GLN F 230 -7.43 -12.14 -18.62
CA GLN F 230 -8.83 -12.47 -18.94
C GLN F 230 -9.62 -12.86 -17.64
N LYS F 231 -10.52 -11.98 -17.22
CA LYS F 231 -11.50 -12.26 -16.16
C LYS F 231 -12.82 -12.72 -16.72
N ILE F 232 -13.33 -13.83 -16.21
CA ILE F 232 -14.65 -14.32 -16.55
C ILE F 232 -15.50 -14.16 -15.30
N TYR F 233 -16.55 -13.35 -15.41
CA TYR F 233 -17.38 -13.00 -14.24
C TYR F 233 -18.49 -14.02 -13.99
N PHE F 234 -18.68 -14.38 -12.72
CA PHE F 234 -19.71 -15.35 -12.37
C PHE F 234 -21.08 -14.85 -12.82
N LYS F 235 -21.30 -13.54 -12.83
CA LYS F 235 -22.58 -13.00 -13.30
C LYS F 235 -22.87 -13.45 -14.72
N ASP F 236 -21.87 -13.35 -15.60
CA ASP F 236 -22.06 -13.73 -17.01
C ASP F 236 -22.28 -15.22 -17.19
N ILE F 237 -21.52 -16.03 -16.44
CA ILE F 237 -21.67 -17.48 -16.46
C ILE F 237 -23.07 -17.88 -15.97
N PHE F 238 -23.48 -17.28 -14.87
CA PHE F 238 -24.79 -17.54 -14.29
C PHE F 238 -25.91 -17.15 -15.25
N GLU F 239 -25.81 -15.97 -15.85
CA GLU F 239 -26.87 -15.50 -16.77
C GLU F 239 -27.00 -16.45 -17.94
N LYS F 240 -25.87 -16.94 -18.44
CA LYS F 240 -25.87 -17.85 -19.57
C LYS F 240 -26.46 -19.22 -19.22
N ARG F 241 -26.05 -19.80 -18.09
CA ARG F 241 -26.61 -21.10 -17.65
C ARG F 241 -28.11 -21.06 -17.43
N VAL F 242 -28.64 -20.01 -16.82
CA VAL F 242 -30.06 -20.03 -16.46
C VAL F 242 -30.97 -19.23 -17.39
N GLY F 243 -30.37 -18.45 -18.28
CA GLY F 243 -31.10 -17.67 -19.27
C GLY F 243 -31.94 -16.53 -18.73
N ILE F 244 -31.49 -15.92 -17.63
CA ILE F 244 -32.25 -14.86 -16.97
C ILE F 244 -31.31 -13.74 -16.60
N PRO F 245 -31.65 -12.49 -16.94
CA PRO F 245 -30.80 -11.32 -16.57
C PRO F 245 -30.78 -10.97 -15.09
N LEU F 246 -29.61 -10.58 -14.61
CA LEU F 246 -29.44 -10.04 -13.27
C LEU F 246 -29.10 -8.54 -13.29
N TYR F 247 -29.79 -7.78 -12.44
CA TYR F 247 -29.56 -6.35 -12.29
C TYR F 247 -29.17 -6.05 -10.87
N SER F 248 -28.40 -4.98 -10.70
CA SER F 248 -28.03 -4.60 -9.34
C SER F 248 -28.04 -3.11 -9.10
N ILE F 249 -28.35 -2.72 -7.88
CA ILE F 249 -28.28 -1.31 -7.53
C ILE F 249 -26.81 -0.90 -7.52
N LEU F 250 -25.98 -1.66 -6.82
CA LEU F 250 -24.58 -1.34 -6.65
C LEU F 250 -23.73 -2.46 -7.15
N SER F 251 -22.49 -2.13 -7.48
CA SER F 251 -21.53 -3.14 -7.81
C SER F 251 -20.20 -2.83 -7.18
N TYR F 252 -19.42 -3.86 -6.93
CA TYR F 252 -18.09 -3.68 -6.37
C TYR F 252 -17.27 -2.74 -7.24
N LYS F 253 -17.27 -2.99 -8.54
CA LYS F 253 -16.42 -2.23 -9.46
C LYS F 253 -16.81 -0.77 -9.53
N ASP F 254 -18.08 -0.49 -9.77
CA ASP F 254 -18.55 0.90 -9.88
C ASP F 254 -18.67 1.65 -8.57
N ASP F 255 -18.90 0.97 -7.46
CA ASP F 255 -19.31 1.66 -6.23
C ASP F 255 -18.50 1.38 -4.99
N ILE F 256 -17.99 0.17 -4.82
CA ILE F 256 -17.32 -0.17 -3.58
C ILE F 256 -15.82 0.02 -3.66
N GLN F 257 -15.22 -0.21 -4.82
CA GLN F 257 -13.75 -0.23 -4.90
C GLN F 257 -13.16 1.16 -4.58
N SER F 258 -13.84 2.22 -5.00
CA SER F 258 -13.43 3.58 -4.66
C SER F 258 -13.57 3.94 -3.16
N MET F 259 -14.21 3.11 -2.33
CA MET F 259 -14.21 3.31 -0.86
C MET F 259 -12.90 2.80 -0.22
N ILE F 260 -12.05 2.16 -1.04
CA ILE F 260 -10.75 1.60 -0.67
C ILE F 260 -9.64 2.28 -1.50
N GLU G 9 -68.69 -8.72 -8.70
CA GLU G 9 -68.99 -9.35 -7.38
C GLU G 9 -68.35 -8.68 -6.12
N PHE G 10 -67.05 -8.35 -6.17
CA PHE G 10 -66.38 -7.64 -5.10
C PHE G 10 -65.83 -6.37 -5.72
N LEU G 11 -65.65 -5.35 -4.90
CA LEU G 11 -64.97 -4.15 -5.34
C LEU G 11 -63.68 -4.52 -6.06
N CYS G 12 -63.39 -3.81 -7.14
CA CYS G 12 -62.15 -4.01 -7.85
C CYS G 12 -61.02 -3.32 -7.07
N ASP G 13 -59.78 -3.80 -7.27
CA ASP G 13 -58.63 -3.26 -6.59
C ASP G 13 -58.47 -1.74 -6.71
N GLU G 14 -58.82 -1.17 -7.85
CA GLU G 14 -58.68 0.28 -7.96
C GLU G 14 -59.60 1.02 -7.01
N GLU G 15 -60.82 0.51 -6.85
CA GLU G 15 -61.80 1.11 -5.96
C GLU G 15 -61.42 0.89 -4.49
N ILE G 16 -60.88 -0.27 -4.19
CA ILE G 16 -60.43 -0.55 -2.84
C ILE G 16 -59.36 0.46 -2.46
N TYR G 17 -58.42 0.69 -3.38
CA TYR G 17 -57.32 1.58 -3.07
C TYR G 17 -57.86 2.98 -2.83
N LYS G 18 -58.75 3.44 -3.71
CA LYS G 18 -59.34 4.79 -3.57
C LYS G 18 -60.01 4.94 -2.20
N SER G 19 -60.72 3.91 -1.78
CA SER G 19 -61.39 3.97 -0.53
C SER G 19 -60.38 3.93 0.64
N PHE G 20 -59.35 3.09 0.51
CA PHE G 20 -58.25 3.07 1.48
C PHE G 20 -57.67 4.47 1.65
N VAL G 21 -57.39 5.17 0.56
CA VAL G 21 -56.72 6.45 0.64
C VAL G 21 -57.62 7.42 1.38
N HIS G 22 -58.87 7.45 0.99
CA HIS G 22 -59.81 8.36 1.62
C HIS G 22 -59.87 8.10 3.11
N LEU G 23 -60.05 6.84 3.48
CA LEU G 23 -60.22 6.50 4.90
C LEU G 23 -58.94 6.75 5.68
N LYS G 24 -57.79 6.50 5.04
CA LYS G 24 -56.52 6.69 5.72
C LYS G 24 -56.37 8.18 6.07
N ASP G 25 -56.74 9.06 5.14
CA ASP G 25 -56.61 10.49 5.37
C ASP G 25 -57.51 10.91 6.52
N LYS G 26 -58.75 10.48 6.50
CA LYS G 26 -59.66 10.83 7.58
C LYS G 26 -59.17 10.30 8.90
N ILE G 27 -58.67 9.07 8.93
CA ILE G 27 -58.26 8.47 10.19
C ILE G 27 -57.10 9.27 10.82
N CYS G 28 -56.12 9.60 10.01
CA CYS G 28 -54.97 10.39 10.49
C CYS G 28 -55.40 11.80 10.93
N GLU G 29 -56.24 12.44 10.13
CA GLU G 29 -56.78 13.72 10.50
C GLU G 29 -57.47 13.66 11.86
N GLU G 30 -58.37 12.70 12.06
CA GLU G 30 -59.16 12.67 13.29
C GLU G 30 -58.29 12.32 14.48
N ARG G 31 -57.25 11.50 14.27
CA ARG G 31 -56.33 11.20 15.37
C ARG G 31 -55.59 12.48 15.74
N LYS G 32 -55.14 13.27 14.76
CA LYS G 32 -54.39 14.48 15.07
C LYS G 32 -55.29 15.47 15.83
N LYS G 33 -56.55 15.58 15.42
CA LYS G 33 -57.51 16.48 16.07
C LYS G 33 -58.05 15.94 17.38
N LYS G 34 -57.66 14.73 17.76
CA LYS G 34 -58.14 14.12 19.00
C LYS G 34 -59.66 14.01 19.06
N GLU G 35 -60.31 13.83 17.91
CA GLU G 35 -61.74 13.61 17.84
C GLU G 35 -61.99 12.11 17.91
N LEU G 36 -62.19 11.58 19.10
CA LEU G 36 -62.19 10.13 19.31
C LEU G 36 -63.35 9.41 18.67
N VAL G 37 -64.52 10.02 18.68
CA VAL G 37 -65.70 9.34 18.15
C VAL G 37 -65.60 9.21 16.62
N SER G 38 -65.13 10.26 15.97
CA SER G 38 -64.98 10.17 14.54
C SER G 38 -63.86 9.22 14.18
N TYR G 39 -62.75 9.27 14.93
CA TYR G 39 -61.64 8.35 14.69
C TYR G 39 -62.17 6.92 14.73
N SER G 40 -62.86 6.57 15.80
CA SER G 40 -63.39 5.23 15.92
C SER G 40 -64.27 4.85 14.77
N SER G 41 -65.05 5.80 14.31
CA SER G 41 -66.01 5.52 13.28
C SER G 41 -65.28 5.27 11.94
N TYR G 42 -64.30 6.09 11.61
CA TYR G 42 -63.54 5.87 10.41
C TYR G 42 -62.71 4.56 10.46
N ILE G 43 -62.20 4.22 11.64
CA ILE G 43 -61.50 2.95 11.83
C ILE G 43 -62.45 1.82 11.49
N LYS G 44 -63.67 1.96 11.96
CA LYS G 44 -64.67 0.93 11.70
C LYS G 44 -64.91 0.84 10.17
N GLU G 45 -64.89 1.96 9.45
CA GLU G 45 -65.05 1.88 7.99
C GLU G 45 -63.91 1.17 7.30
N MET G 46 -62.71 1.43 7.78
CA MET G 46 -61.54 0.76 7.22
C MET G 46 -61.62 -0.73 7.49
N LYS G 47 -62.10 -1.09 8.68
CA LYS G 47 -62.31 -2.53 9.00
C LYS G 47 -63.33 -3.16 8.07
N LYS G 48 -64.38 -2.42 7.71
CA LYS G 48 -65.34 -2.94 6.71
C LYS G 48 -64.68 -3.15 5.37
N LEU G 49 -63.81 -2.22 4.98
CA LEU G 49 -63.10 -2.40 3.73
C LEU G 49 -62.20 -3.63 3.79
N LEU G 50 -61.52 -3.79 4.92
CA LEU G 50 -60.63 -4.91 5.10
C LEU G 50 -61.41 -6.21 4.94
N LYS G 51 -62.62 -6.24 5.48
CA LYS G 51 -63.36 -7.48 5.50
C LYS G 51 -63.72 -7.83 4.06
N VAL G 52 -64.00 -6.80 3.26
CA VAL G 52 -64.30 -7.03 1.87
C VAL G 52 -63.08 -7.66 1.18
N VAL G 53 -61.91 -7.15 1.55
CA VAL G 53 -60.67 -7.69 1.03
C VAL G 53 -60.48 -9.15 1.43
N LEU G 54 -60.76 -9.45 2.70
CA LEU G 54 -60.54 -10.80 3.20
C LEU G 54 -61.41 -11.78 2.43
N LEU G 55 -62.64 -11.36 2.11
CA LEU G 55 -63.52 -12.21 1.33
C LEU G 55 -63.08 -12.27 -0.11
N LYS G 56 -62.72 -11.13 -0.69
CA LYS G 56 -62.38 -11.11 -2.10
C LYS G 56 -61.21 -12.03 -2.41
N TYR G 57 -60.20 -12.02 -1.57
CA TYR G 57 -58.99 -12.80 -1.82
C TYR G 57 -59.08 -14.17 -1.17
N LYS G 58 -60.22 -14.44 -0.54
CA LYS G 58 -60.46 -15.72 0.07
C LYS G 58 -59.51 -16.05 1.20
N ALA G 59 -59.17 -15.03 1.97
CA ALA G 59 -58.44 -15.21 3.19
C ALA G 59 -59.32 -15.85 4.26
N LEU G 60 -60.62 -15.56 4.14
CA LEU G 60 -61.65 -16.15 4.95
C LEU G 60 -62.45 -17.15 4.12
N LYS G 61 -62.58 -18.39 4.60
CA LYS G 61 -63.44 -19.38 3.97
C LYS G 61 -64.37 -20.03 4.98
N PHE G 62 -65.57 -20.41 4.52
CA PHE G 62 -66.61 -20.97 5.39
C PHE G 62 -66.97 -22.40 5.01
N ARG G 71 -65.23 -27.43 7.78
CA ARG G 71 -63.80 -27.50 7.72
C ARG G 71 -63.17 -28.24 8.91
N LYS G 72 -61.86 -28.07 9.05
CA LYS G 72 -61.19 -28.31 10.36
C LYS G 72 -61.81 -27.45 11.58
N SER G 73 -62.46 -26.31 11.27
CA SER G 73 -63.36 -25.48 12.19
C SER G 73 -64.69 -24.98 11.41
N ASN G 74 -65.57 -24.09 11.91
CA ASN G 74 -66.64 -23.40 11.04
C ASN G 74 -66.11 -22.35 9.99
N TYR G 75 -64.88 -21.90 10.20
CA TYR G 75 -64.21 -21.04 9.26
C TYR G 75 -62.70 -21.30 9.31
N PHE G 76 -62.04 -20.98 8.20
CA PHE G 76 -60.62 -21.10 8.01
C PHE G 76 -60.04 -19.73 7.61
N PHE G 77 -58.88 -19.41 8.13
CA PHE G 77 -58.26 -18.13 7.86
C PHE G 77 -56.84 -18.32 7.37
N SER G 78 -56.50 -17.80 6.19
CA SER G 78 -55.13 -17.91 5.70
C SER G 78 -54.69 -16.55 5.21
N SER G 79 -53.51 -16.15 5.62
CA SER G 79 -53.01 -14.83 5.32
C SER G 79 -52.14 -14.78 4.07
N GLY G 80 -51.87 -15.91 3.45
CA GLY G 80 -50.96 -15.92 2.29
C GLY G 80 -51.53 -15.07 1.17
N VAL G 81 -52.85 -15.09 1.01
CA VAL G 81 -53.51 -14.37 -0.05
C VAL G 81 -53.57 -12.88 0.21
N LEU G 82 -53.02 -12.44 1.34
CA LEU G 82 -52.95 -10.99 1.67
C LEU G 82 -51.60 -10.39 1.35
N ASN G 83 -50.71 -11.14 0.72
CA ASN G 83 -49.43 -10.63 0.25
C ASN G 83 -49.52 -9.91 -1.10
N ASN G 84 -50.30 -8.83 -1.09
CA ASN G 84 -50.41 -7.96 -2.21
C ASN G 84 -50.63 -6.59 -1.66
N ILE G 85 -50.07 -5.61 -2.35
CA ILE G 85 -49.91 -4.29 -1.71
C ILE G 85 -51.27 -3.62 -1.39
N VAL G 86 -52.28 -3.84 -2.21
CA VAL G 86 -53.58 -3.25 -1.91
C VAL G 86 -54.13 -3.78 -0.60
N SER G 87 -53.96 -5.08 -0.36
CA SER G 87 -54.42 -5.64 0.88
C SER G 87 -53.49 -5.25 2.03
N SER G 88 -52.18 -5.39 1.87
CA SER G 88 -51.31 -5.19 3.00
C SER G 88 -51.27 -3.74 3.40
N ASN G 89 -51.54 -2.84 2.48
CA ASN G 89 -51.67 -1.41 2.85
C ASN G 89 -52.67 -1.20 3.97
N ILE G 90 -53.82 -1.84 3.80
CA ILE G 90 -54.88 -1.69 4.79
C ILE G 90 -54.45 -2.29 6.12
N ILE G 91 -53.99 -3.53 6.06
CA ILE G 91 -53.61 -4.26 7.25
C ILE G 91 -52.52 -3.47 8.00
N CYS G 92 -51.46 -3.12 7.30
CA CYS G 92 -50.29 -2.53 7.95
C CYS G 92 -50.56 -1.12 8.43
N PHE G 93 -51.40 -0.39 7.70
CA PHE G 93 -51.85 0.89 8.16
C PHE G 93 -52.54 0.75 9.50
N LEU G 94 -53.45 -0.20 9.58
CA LEU G 94 -54.18 -0.43 10.83
C LEU G 94 -53.30 -0.95 11.97
N LEU G 95 -52.29 -1.77 11.65
CA LEU G 95 -51.36 -2.17 12.71
C LEU G 95 -50.67 -0.93 13.25
N SER G 96 -50.26 -0.06 12.35
CA SER G 96 -49.59 1.17 12.76
C SER G 96 -50.55 2.01 13.61
N GLU G 97 -51.82 2.09 13.24
CA GLU G 97 -52.76 2.85 14.05
C GLU G 97 -52.95 2.27 15.47
N LEU G 98 -52.90 0.95 15.63
CA LEU G 98 -53.02 0.38 16.96
C LEU G 98 -51.86 0.82 17.82
N ILE G 99 -50.68 0.89 17.25
CA ILE G 99 -49.51 1.31 18.01
C ILE G 99 -49.67 2.78 18.42
N LEU G 100 -50.08 3.64 17.49
CA LEU G 100 -50.25 5.04 17.78
C LEU G 100 -51.40 5.35 18.73
N LYS G 101 -52.57 4.81 18.45
CA LYS G 101 -53.73 5.08 19.27
C LYS G 101 -53.48 4.68 20.70
N ASN G 102 -52.85 3.53 20.92
CA ASN G 102 -52.56 3.07 22.27
C ASN G 102 -51.23 3.61 22.80
N LYS G 103 -50.61 4.53 22.08
CA LYS G 103 -49.37 5.19 22.55
C LYS G 103 -48.30 4.23 23.02
N LEU G 104 -48.07 3.19 22.25
CA LEU G 104 -47.11 2.18 22.62
C LEU G 104 -45.72 2.63 22.29
N SER G 105 -44.89 2.60 23.30
CA SER G 105 -43.50 2.92 23.17
C SER G 105 -42.69 1.69 22.75
N PHE G 106 -41.78 1.85 21.81
CA PHE G 106 -40.93 0.76 21.40
C PHE G 106 -39.57 1.25 20.88
N ASP G 107 -38.57 0.37 20.95
CA ASP G 107 -37.32 0.56 20.26
C ASP G 107 -37.25 -0.25 18.92
N TYR G 108 -37.93 -1.37 18.86
CA TYR G 108 -37.96 -2.23 17.72
C TYR G 108 -39.33 -2.79 17.46
N LEU G 109 -39.63 -3.06 16.21
CA LEU G 109 -40.79 -3.87 15.81
C LEU G 109 -40.24 -5.18 15.33
N LEU G 110 -40.87 -6.27 15.69
CA LEU G 110 -40.41 -7.57 15.26
C LEU G 110 -41.50 -8.33 14.52
N GLY G 111 -41.19 -8.74 13.31
CA GLY G 111 -42.17 -9.42 12.47
C GLY G 111 -41.96 -10.90 12.68
N ALA G 112 -42.98 -11.56 13.21
CA ALA G 112 -42.96 -13.03 13.43
C ALA G 112 -42.76 -13.81 12.12
N SER G 113 -41.79 -14.69 12.09
CA SER G 113 -41.55 -15.42 10.86
C SER G 113 -42.71 -16.41 10.62
N TYR G 114 -43.18 -16.60 9.41
CA TYR G 114 -42.78 -15.83 8.23
C TYR G 114 -43.76 -14.68 7.97
N LYS G 115 -45.00 -14.87 8.39
CA LYS G 115 -46.14 -14.06 7.95
C LYS G 115 -46.02 -12.60 8.36
N GLY G 116 -45.43 -12.37 9.54
CA GLY G 116 -45.14 -11.01 10.01
C GLY G 116 -44.01 -10.27 9.32
N ILE G 117 -43.14 -10.96 8.58
CA ILE G 117 -41.97 -10.31 8.03
C ILE G 117 -42.31 -9.28 6.98
N PRO G 118 -43.10 -9.63 5.96
CA PRO G 118 -43.43 -8.54 5.00
C PRO G 118 -44.31 -7.46 5.61
N MET G 119 -45.06 -7.81 6.66
CA MET G 119 -45.83 -6.82 7.38
C MET G 119 -45.01 -5.80 8.16
N VAL G 120 -43.83 -6.19 8.63
CA VAL G 120 -43.14 -5.35 9.60
C VAL G 120 -42.52 -4.16 8.91
N SER G 121 -41.97 -4.38 7.72
CA SER G 121 -41.38 -3.25 6.99
C SER G 121 -42.45 -2.25 6.56
N LEU G 122 -43.57 -2.76 6.07
CA LEU G 122 -44.60 -1.88 5.57
C LEU G 122 -45.31 -1.19 6.74
N THR G 123 -45.46 -1.88 7.88
CA THR G 123 -46.02 -1.24 9.03
C THR G 123 -45.07 -0.11 9.49
N SER G 124 -43.79 -0.42 9.47
CA SER G 124 -42.79 0.59 9.78
C SER G 124 -42.98 1.81 8.90
N HIS G 125 -43.26 1.57 7.63
CA HIS G 125 -43.45 2.68 6.72
C HIS G 125 -44.63 3.55 7.16
N PHE G 126 -45.76 2.95 7.49
CA PHE G 126 -46.90 3.75 7.93
C PHE G 126 -46.65 4.50 9.26
N LEU G 127 -45.98 3.86 10.19
CA LEU G 127 -45.60 4.53 11.44
C LEU G 127 -44.74 5.73 11.16
N PHE G 128 -43.79 5.56 10.25
CA PHE G 128 -42.85 6.62 9.96
C PHE G 128 -43.55 7.88 9.44
N GLU G 129 -44.71 7.72 8.80
CA GLU G 129 -45.46 8.86 8.30
C GLU G 129 -45.99 9.77 9.37
N SER G 130 -46.12 9.28 10.61
CA SER G 130 -46.54 10.10 11.74
C SER G 130 -45.58 11.21 12.08
N LYS G 131 -44.37 11.17 11.54
CA LYS G 131 -43.32 12.19 11.83
C LYS G 131 -42.90 12.17 13.31
N LYS G 132 -43.30 11.17 14.10
CA LYS G 132 -42.85 11.09 15.47
C LYS G 132 -41.48 10.47 15.63
N TYR G 133 -40.90 9.94 14.55
CA TYR G 133 -39.72 9.07 14.71
C TYR G 133 -38.64 9.48 13.75
N SER G 134 -37.39 9.40 14.19
CA SER G 134 -36.31 9.74 13.30
C SER G 134 -35.95 8.53 12.41
N ASN G 135 -36.26 7.35 12.94
CA ASN G 135 -36.13 6.08 12.22
C ASN G 135 -37.00 5.05 12.96
N ILE G 136 -37.19 3.91 12.31
CA ILE G 136 -37.90 2.77 12.87
C ILE G 136 -37.08 1.53 12.51
N PHE G 137 -36.69 0.81 13.53
CA PHE G 137 -35.84 -0.33 13.42
C PHE G 137 -36.70 -1.56 13.56
N TYR G 138 -36.62 -2.47 12.59
CA TYR G 138 -37.38 -3.72 12.68
C TYR G 138 -36.51 -4.97 12.63
N LEU G 139 -37.05 -6.03 13.23
CA LEU G 139 -36.36 -7.28 13.44
C LEU G 139 -37.20 -8.41 12.87
N TYR G 140 -36.56 -9.54 12.66
CA TYR G 140 -37.30 -10.77 12.45
C TYR G 140 -36.51 -11.93 13.01
N ASP G 141 -37.23 -13.00 13.33
CA ASP G 141 -36.63 -14.25 13.81
C ASP G 141 -36.50 -15.26 12.70
N ARG G 142 -35.41 -16.00 12.67
CA ARG G 142 -35.33 -17.19 11.78
C ARG G 142 -36.00 -18.47 12.36
N VAL G 153 -29.86 -15.56 14.96
CA VAL G 153 -31.34 -15.93 15.16
C VAL G 153 -32.43 -14.84 15.16
N ILE G 154 -32.08 -13.72 15.80
CA ILE G 154 -32.84 -12.49 15.64
C ILE G 154 -31.98 -11.58 14.74
N VAL G 155 -32.58 -11.09 13.67
CA VAL G 155 -31.86 -10.33 12.69
C VAL G 155 -32.34 -8.87 12.74
N GLY G 156 -31.39 -7.93 12.65
CA GLY G 156 -31.68 -6.50 12.57
C GLY G 156 -30.61 -5.64 13.23
N ASN G 157 -30.96 -4.41 13.56
CA ASN G 157 -29.98 -3.47 14.13
C ASN G 157 -29.79 -3.70 15.63
N LEU G 158 -29.19 -4.82 15.99
CA LEU G 158 -28.93 -5.16 17.39
C LEU G 158 -27.54 -4.83 17.85
N ASP G 159 -27.41 -4.43 19.11
CA ASP G 159 -26.10 -4.27 19.74
C ASP G 159 -25.52 -5.65 20.14
N ASP G 160 -24.19 -5.80 20.04
CA ASP G 160 -23.50 -7.04 20.51
C ASP G 160 -23.06 -7.00 21.98
N GLU G 179 -31.30 0.08 30.68
CA GLU G 179 -30.54 -0.94 29.99
C GLU G 179 -31.36 -1.76 28.96
N LYS G 180 -32.71 -1.79 28.99
CA LYS G 180 -33.49 -2.71 28.13
C LYS G 180 -34.23 -2.12 26.95
N LYS G 181 -34.05 -2.74 25.79
CA LYS G 181 -34.74 -2.31 24.57
C LYS G 181 -36.08 -3.02 24.40
N ASN G 182 -37.09 -2.25 24.03
CA ASN G 182 -38.44 -2.72 23.91
C ASN G 182 -38.89 -3.11 22.52
N ILE G 183 -39.55 -4.27 22.45
CA ILE G 183 -40.00 -4.85 21.21
C ILE G 183 -41.50 -5.04 21.17
N ILE G 184 -42.14 -4.64 20.08
CA ILE G 184 -43.50 -4.98 19.78
C ILE G 184 -43.46 -6.07 18.71
N ILE G 185 -44.17 -7.17 18.92
CA ILE G 185 -44.20 -8.28 17.98
C ILE G 185 -45.48 -8.27 17.17
N ILE G 186 -45.33 -8.45 15.87
CA ILE G 186 -46.41 -8.42 14.92
C ILE G 186 -46.60 -9.80 14.34
N ASP G 187 -47.83 -10.27 14.28
CA ASP G 187 -48.13 -11.55 13.63
C ASP G 187 -49.55 -11.51 13.05
N ASP G 188 -49.92 -12.55 12.32
CA ASP G 188 -51.21 -12.51 11.64
C ASP G 188 -52.37 -12.95 12.52
N VAL G 189 -52.24 -14.09 13.18
CA VAL G 189 -53.38 -14.71 13.88
C VAL G 189 -52.99 -15.17 15.25
N PHE G 190 -53.83 -14.88 16.23
CA PHE G 190 -53.64 -15.42 17.59
C PHE G 190 -54.75 -16.43 17.88
N THR G 191 -54.34 -17.64 18.25
CA THR G 191 -55.29 -18.69 18.70
C THR G 191 -55.10 -19.00 20.18
N CYS G 192 -54.00 -19.71 20.52
CA CYS G 192 -53.57 -20.00 21.94
C CYS G 192 -52.28 -19.30 22.34
N GLY G 193 -51.52 -18.84 21.38
CA GLY G 193 -50.27 -18.16 21.68
C GLY G 193 -49.07 -19.05 21.53
N THR G 194 -49.23 -20.20 20.91
CA THR G 194 -48.14 -21.10 20.75
C THR G 194 -47.01 -20.47 19.96
N ALA G 195 -47.33 -19.87 18.83
CA ALA G 195 -46.29 -19.23 18.01
C ALA G 195 -45.56 -18.06 18.73
N LEU G 196 -46.33 -17.21 19.42
CA LEU G 196 -45.72 -16.09 20.12
C LEU G 196 -44.83 -16.60 21.24
N THR G 197 -45.25 -17.69 21.88
CA THR G 197 -44.46 -18.29 22.96
C THR G 197 -43.08 -18.75 22.42
N GLU G 198 -43.05 -19.27 21.20
CA GLU G 198 -41.82 -19.77 20.63
C GLU G 198 -40.86 -18.60 20.36
N ILE G 199 -41.39 -17.48 19.89
CA ILE G 199 -40.58 -16.29 19.71
C ILE G 199 -40.05 -15.79 21.06
N LEU G 200 -40.87 -15.81 22.10
CA LEU G 200 -40.42 -15.43 23.45
C LEU G 200 -39.28 -16.27 23.93
N ALA G 201 -39.33 -17.56 23.60
CA ALA G 201 -38.25 -18.48 23.96
C ALA G 201 -36.95 -18.05 23.27
N LYS G 202 -37.03 -17.73 21.99
CA LYS G 202 -35.82 -17.26 21.26
C LYS G 202 -35.27 -15.98 21.82
N LEU G 203 -36.16 -15.11 22.29
CA LEU G 203 -35.75 -13.81 22.82
C LEU G 203 -35.21 -13.85 24.24
N LYS G 204 -35.52 -14.90 24.99
CA LYS G 204 -35.10 -14.99 26.39
C LYS G 204 -33.58 -14.98 26.53
N THR G 205 -32.91 -15.55 25.54
CA THR G 205 -31.46 -15.63 25.50
C THR G 205 -30.82 -14.24 25.35
N TYR G 206 -31.53 -13.30 24.74
CA TYR G 206 -31.05 -11.93 24.62
C TYR G 206 -31.41 -11.18 25.89
N GLU G 207 -30.37 -10.94 26.69
CA GLU G 207 -30.45 -10.13 27.82
C GLU G 207 -30.41 -8.81 27.08
N HIS G 208 -31.18 -7.91 27.61
CA HIS G 208 -31.27 -6.53 27.06
C HIS G 208 -32.48 -6.29 26.15
N LEU G 209 -33.17 -7.36 25.73
CA LEU G 209 -34.43 -7.20 25.03
C LEU G 209 -35.65 -7.60 25.87
N LYS G 210 -36.75 -6.88 25.68
CA LYS G 210 -37.97 -7.08 26.40
C LYS G 210 -39.14 -6.87 25.42
N VAL G 211 -40.13 -7.75 25.47
CA VAL G 211 -41.28 -7.57 24.65
C VAL G 211 -42.33 -6.82 25.46
N VAL G 212 -42.86 -5.73 24.90
CA VAL G 212 -43.90 -4.95 25.59
C VAL G 212 -45.31 -5.02 25.00
N ALA G 213 -45.47 -5.64 23.84
CA ALA G 213 -46.80 -5.83 23.25
C ALA G 213 -46.78 -6.80 22.10
N PHE G 214 -47.91 -7.44 21.86
CA PHE G 214 -48.15 -8.18 20.65
C PHE G 214 -49.27 -7.51 19.89
N ILE G 215 -49.09 -7.36 18.59
CA ILE G 215 -50.16 -6.88 17.74
C ILE G 215 -50.42 -7.89 16.60
N VAL G 216 -51.69 -8.08 16.30
CA VAL G 216 -52.09 -9.16 15.46
C VAL G 216 -53.26 -8.74 14.56
N LEU G 217 -53.37 -9.36 13.39
CA LEU G 217 -54.48 -9.05 12.48
C LEU G 217 -55.78 -9.61 12.96
N LEU G 218 -55.74 -10.83 13.48
CA LEU G 218 -56.92 -11.49 13.96
C LEU G 218 -56.71 -12.25 15.26
N ASN G 219 -57.59 -12.01 16.23
CA ASN G 219 -57.70 -12.83 17.40
C ASN G 219 -58.90 -13.73 17.23
N ARG G 220 -58.71 -15.05 17.20
CA ARG G 220 -59.84 -15.96 17.11
C ARG G 220 -60.76 -16.09 18.34
N ASN G 221 -60.39 -15.52 19.49
CA ASN G 221 -61.21 -15.59 20.70
C ASN G 221 -61.52 -17.03 21.16
N GLU G 222 -60.51 -17.88 21.07
CA GLU G 222 -60.67 -19.24 21.48
C GLU G 222 -60.81 -19.27 22.98
N TYR G 223 -61.57 -20.29 23.47
CA TYR G 223 -61.77 -20.47 24.89
C TYR G 223 -61.94 -21.97 25.27
N GLU G 224 -61.81 -22.25 26.55
CA GLU G 224 -62.18 -23.53 27.07
C GLU G 224 -63.15 -23.31 28.18
N ILE G 225 -64.06 -24.24 28.40
CA ILE G 225 -64.94 -24.17 29.50
C ILE G 225 -64.33 -24.89 30.66
N ASN G 226 -64.41 -24.28 31.85
CA ASN G 226 -63.74 -24.78 32.99
C ASN G 226 -64.69 -25.50 33.89
N GLU G 227 -64.21 -25.87 35.07
CA GLU G 227 -64.98 -26.71 35.95
C GLU G 227 -66.23 -26.03 36.48
N ASN G 228 -66.33 -24.73 36.32
CA ASN G 228 -67.46 -23.93 36.81
C ASN G 228 -68.36 -23.47 35.67
N ASN G 229 -68.15 -24.05 34.51
CA ASN G 229 -68.97 -23.80 33.35
C ASN G 229 -68.83 -22.40 32.89
N GLN G 230 -67.61 -21.89 32.99
CA GLN G 230 -67.23 -20.58 32.50
C GLN G 230 -66.33 -20.66 31.30
N LYS G 231 -66.48 -19.73 30.36
CA LYS G 231 -65.54 -19.62 29.26
C LYS G 231 -64.29 -18.89 29.71
N ILE G 232 -63.14 -19.52 29.56
CA ILE G 232 -61.87 -18.95 29.91
C ILE G 232 -61.14 -18.82 28.62
N TYR G 233 -60.82 -17.57 28.25
CA TYR G 233 -60.26 -17.28 26.92
C TYR G 233 -58.76 -17.46 26.95
N PHE G 234 -58.22 -18.05 25.91
CA PHE G 234 -56.77 -18.21 25.82
C PHE G 234 -56.00 -16.91 25.78
N LYS G 235 -56.60 -15.86 25.26
CA LYS G 235 -55.96 -14.58 25.30
C LYS G 235 -55.66 -14.20 26.72
N ASP G 236 -56.63 -14.35 27.62
CA ASP G 236 -56.46 -13.91 29.03
C ASP G 236 -55.43 -14.74 29.74
N ILE G 237 -55.44 -16.05 29.51
CA ILE G 237 -54.49 -16.98 30.11
C ILE G 237 -53.10 -16.62 29.65
N PHE G 238 -52.97 -16.43 28.36
CA PHE G 238 -51.69 -16.08 27.76
C PHE G 238 -51.16 -14.76 28.30
N GLU G 239 -52.01 -13.75 28.34
CA GLU G 239 -51.57 -12.44 28.84
C GLU G 239 -51.08 -12.54 30.29
N LYS G 240 -51.77 -13.34 31.09
CA LYS G 240 -51.40 -13.50 32.47
C LYS G 240 -50.08 -14.25 32.62
N ARG G 241 -49.92 -15.35 31.90
CA ARG G 241 -48.70 -16.14 31.97
C ARG G 241 -47.46 -15.35 31.54
N VAL G 242 -47.53 -14.54 30.48
CA VAL G 242 -46.32 -13.89 30.01
C VAL G 242 -46.21 -12.41 30.42
N GLY G 243 -47.27 -11.84 30.99
CA GLY G 243 -47.28 -10.44 31.46
C GLY G 243 -47.16 -9.38 30.37
N ILE G 244 -47.74 -9.63 29.18
CA ILE G 244 -47.65 -8.71 28.06
C ILE G 244 -49.00 -8.65 27.35
N PRO G 245 -49.43 -7.45 26.98
CA PRO G 245 -50.75 -7.29 26.36
C PRO G 245 -50.75 -7.65 24.90
N LEU G 246 -51.87 -8.19 24.44
CA LEU G 246 -52.11 -8.45 23.06
C LEU G 246 -53.21 -7.54 22.53
N TYR G 247 -52.97 -6.96 21.36
CA TYR G 247 -53.97 -6.19 20.61
C TYR G 247 -54.28 -6.81 19.25
N SER G 248 -55.49 -6.59 18.76
CA SER G 248 -55.81 -7.11 17.45
C SER G 248 -56.63 -6.18 16.55
N ILE G 249 -56.43 -6.27 15.24
CA ILE G 249 -57.22 -5.41 14.35
C ILE G 249 -58.63 -5.95 14.35
N LEU G 250 -58.78 -7.26 14.14
CA LEU G 250 -60.07 -7.93 14.04
C LEU G 250 -60.20 -9.04 15.06
N SER G 251 -61.43 -9.37 15.40
CA SER G 251 -61.65 -10.45 16.31
C SER G 251 -62.80 -11.27 15.79
N TYR G 252 -62.83 -12.55 16.17
CA TYR G 252 -63.92 -13.41 15.82
C TYR G 252 -65.24 -12.83 16.31
N LYS G 253 -65.29 -12.41 17.57
CA LYS G 253 -66.56 -11.97 18.18
C LYS G 253 -67.09 -10.73 17.53
N ASP G 254 -66.25 -9.72 17.42
CA ASP G 254 -66.69 -8.43 16.83
C ASP G 254 -66.84 -8.43 15.32
N ASP G 255 -66.09 -9.27 14.60
CA ASP G 255 -65.96 -9.08 13.18
C ASP G 255 -66.28 -10.27 12.33
N ILE G 256 -65.95 -11.47 12.77
CA ILE G 256 -66.10 -12.65 11.91
C ILE G 256 -67.42 -13.36 12.10
N GLN G 257 -67.95 -13.35 13.31
CA GLN G 257 -69.15 -14.12 13.59
C GLN G 257 -70.32 -13.70 12.73
N SER G 258 -70.49 -12.39 12.56
CA SER G 258 -71.56 -11.84 11.73
C SER G 258 -71.42 -12.16 10.22
N MET G 259 -70.29 -12.71 9.79
CA MET G 259 -70.11 -13.16 8.41
C MET G 259 -70.59 -14.62 8.25
N ILE G 260 -71.09 -15.21 9.34
CA ILE G 260 -71.70 -16.54 9.35
C ILE G 260 -73.13 -16.32 9.72
N PHE H 10 35.02 -56.58 33.10
CA PHE H 10 33.56 -56.29 33.26
C PHE H 10 32.68 -56.88 32.19
N LEU H 11 31.46 -57.21 32.56
CA LEU H 11 30.43 -57.54 31.59
C LEU H 11 30.37 -56.53 30.44
N CYS H 12 30.20 -57.03 29.23
CA CYS H 12 30.01 -56.17 28.08
C CYS H 12 28.57 -55.64 28.06
N ASP H 13 28.38 -54.51 27.41
CA ASP H 13 27.08 -53.88 27.33
C ASP H 13 25.96 -54.79 26.84
N GLU H 14 26.23 -55.70 25.91
CA GLU H 14 25.14 -56.55 25.45
C GLU H 14 24.66 -57.43 26.57
N GLU H 15 25.59 -57.91 27.41
CA GLU H 15 25.26 -58.83 28.50
C GLU H 15 24.53 -58.09 29.60
N ILE H 16 24.98 -56.85 29.86
CA ILE H 16 24.32 -56.02 30.86
C ILE H 16 22.87 -55.81 30.48
N TYR H 17 22.64 -55.50 29.21
CA TYR H 17 21.28 -55.28 28.75
C TYR H 17 20.43 -56.55 28.93
N LYS H 18 20.98 -57.71 28.52
CA LYS H 18 20.23 -58.96 28.64
C LYS H 18 19.84 -59.23 30.08
N SER H 19 20.75 -58.96 31.02
CA SER H 19 20.37 -59.18 32.43
C SER H 19 19.37 -58.15 32.88
N PHE H 20 19.56 -56.89 32.47
CA PHE H 20 18.58 -55.86 32.75
C PHE H 20 17.18 -56.32 32.33
N VAL H 21 17.02 -56.82 31.09
CA VAL H 21 15.71 -57.20 30.56
C VAL H 21 15.12 -58.32 31.41
N HIS H 22 15.94 -59.33 31.69
CA HIS H 22 15.48 -60.43 32.50
C HIS H 22 15.03 -59.95 33.89
N LEU H 23 15.87 -59.15 34.56
CA LEU H 23 15.54 -58.68 35.91
C LEU H 23 14.35 -57.73 35.93
N LYS H 24 14.22 -56.92 34.89
CA LYS H 24 13.10 -55.98 34.79
C LYS H 24 11.80 -56.78 34.72
N ASP H 25 11.79 -57.85 33.93
CA ASP H 25 10.57 -58.65 33.76
C ASP H 25 10.19 -59.33 35.07
N LYS H 26 11.17 -59.92 35.75
CA LYS H 26 10.91 -60.53 37.06
C LYS H 26 10.45 -59.50 38.11
N ILE H 27 11.06 -58.33 38.14
CA ILE H 27 10.66 -57.32 39.13
C ILE H 27 9.22 -56.87 38.94
N CYS H 28 8.84 -56.59 37.69
CA CYS H 28 7.47 -56.19 37.37
C CYS H 28 6.48 -57.32 37.70
N GLU H 29 6.80 -58.53 37.28
CA GLU H 29 5.98 -59.70 37.59
C GLU H 29 5.75 -59.86 39.08
N GLU H 30 6.81 -59.80 39.89
CA GLU H 30 6.67 -60.00 41.33
C GLU H 30 5.94 -58.84 42.02
N ARG H 31 6.08 -57.62 41.50
CA ARG H 31 5.30 -56.51 42.04
C ARG H 31 3.82 -56.76 41.75
N LYS H 32 3.48 -57.20 40.54
CA LYS H 32 2.07 -57.39 40.18
C LYS H 32 1.47 -58.52 41.02
N LYS H 33 2.23 -59.58 41.26
CA LYS H 33 1.78 -60.69 42.12
C LYS H 33 1.86 -60.38 43.61
N LYS H 34 2.35 -59.20 43.99
CA LYS H 34 2.40 -58.80 45.38
C LYS H 34 3.23 -59.82 46.22
N GLU H 35 4.23 -60.47 45.59
CA GLU H 35 5.17 -61.37 46.30
C GLU H 35 6.38 -60.53 46.77
N LEU H 36 6.31 -60.02 47.99
CA LEU H 36 7.24 -59.00 48.48
C LEU H 36 8.68 -59.49 48.65
N VAL H 37 8.85 -60.72 49.11
CA VAL H 37 10.22 -61.24 49.34
C VAL H 37 10.94 -61.44 48.02
N SER H 38 10.23 -61.95 47.01
CA SER H 38 10.80 -62.19 45.70
C SER H 38 11.09 -60.83 45.01
N TYR H 39 10.16 -59.88 45.14
CA TYR H 39 10.36 -58.55 44.60
C TYR H 39 11.64 -57.97 45.17
N SER H 40 11.76 -57.95 46.49
CA SER H 40 12.93 -57.38 47.13
C SER H 40 14.22 -58.08 46.69
N SER H 41 14.14 -59.37 46.45
CA SER H 41 15.29 -60.13 46.04
C SER H 41 15.73 -59.79 44.61
N TYR H 42 14.79 -59.72 43.69
CA TYR H 42 15.13 -59.30 42.33
C TYR H 42 15.59 -57.82 42.24
N ILE H 43 15.04 -56.94 43.07
CA ILE H 43 15.53 -55.57 43.16
C ILE H 43 16.99 -55.59 43.56
N LYS H 44 17.34 -56.44 44.51
CA LYS H 44 18.75 -56.51 44.91
C LYS H 44 19.62 -57.00 43.78
N GLU H 45 19.14 -57.95 42.96
CA GLU H 45 19.95 -58.41 41.81
C GLU H 45 20.16 -57.25 40.81
N MET H 46 19.14 -56.43 40.59
CA MET H 46 19.26 -55.29 39.70
C MET H 46 20.26 -54.28 40.28
N LYS H 47 20.24 -54.10 41.59
CA LYS H 47 21.21 -53.23 42.23
C LYS H 47 22.62 -53.78 42.06
N LYS H 48 22.80 -55.08 42.11
CA LYS H 48 24.12 -55.66 41.81
C LYS H 48 24.58 -55.34 40.39
N LEU H 49 23.65 -55.46 39.45
CA LEU H 49 23.98 -55.17 38.08
C LEU H 49 24.37 -53.69 37.95
N LEU H 50 23.60 -52.82 38.60
CA LEU H 50 23.89 -51.40 38.61
C LEU H 50 25.28 -51.11 39.16
N LYS H 51 25.69 -51.84 40.21
CA LYS H 51 26.99 -51.60 40.82
C LYS H 51 28.12 -52.00 39.86
N VAL H 52 27.90 -53.07 39.10
CA VAL H 52 28.84 -53.44 38.06
C VAL H 52 28.98 -52.33 37.02
N VAL H 53 27.84 -51.74 36.64
CA VAL H 53 27.82 -50.62 35.72
C VAL H 53 28.60 -49.43 36.28
N LEU H 54 28.37 -49.12 37.55
CA LEU H 54 29.03 -47.96 38.16
C LEU H 54 30.54 -48.15 38.12
N LEU H 55 31.01 -49.36 38.36
CA LEU H 55 32.44 -49.65 38.29
C LEU H 55 32.96 -49.68 36.86
N LYS H 56 32.21 -50.30 35.97
CA LYS H 56 32.63 -50.39 34.57
C LYS H 56 32.81 -49.01 33.94
N TYR H 57 31.89 -48.09 34.18
CA TYR H 57 31.96 -46.76 33.57
C TYR H 57 32.70 -45.76 34.47
N LYS H 58 33.19 -46.25 35.61
CA LYS H 58 34.02 -45.45 36.51
C LYS H 58 33.26 -44.27 37.10
N ALA H 59 31.98 -44.50 37.37
CA ALA H 59 31.17 -43.57 38.08
C ALA H 59 31.60 -43.56 39.54
N LEU H 60 32.11 -44.70 40.00
CA LEU H 60 32.66 -44.89 41.33
C LEU H 60 34.15 -45.03 41.21
N LYS H 61 34.90 -44.27 41.98
CA LYS H 61 36.37 -44.42 42.06
C LYS H 61 36.80 -44.54 43.52
N PHE H 62 37.89 -45.26 43.77
CA PHE H 62 38.36 -45.53 45.14
C PHE H 62 39.75 -45.01 45.50
N GLY H 63 39.90 -44.63 46.78
CA GLY H 63 41.09 -44.19 47.45
C GLY H 63 40.70 -43.03 48.38
N GLU H 64 39.39 -42.91 48.71
CA GLU H 64 38.80 -42.00 49.74
C GLU H 64 37.51 -42.61 50.35
N PHE H 76 34.77 -41.54 45.52
CA PHE H 76 34.30 -40.42 44.68
C PHE H 76 33.25 -40.87 43.66
N PHE H 77 32.21 -40.07 43.46
CA PHE H 77 31.10 -40.46 42.59
C PHE H 77 30.81 -39.40 41.54
N SER H 78 30.79 -39.78 40.26
CA SER H 78 30.35 -38.85 39.19
C SER H 78 29.34 -39.51 38.28
N SER H 79 28.26 -38.80 37.98
CA SER H 79 27.18 -39.38 37.22
C SER H 79 27.28 -39.09 35.71
N GLY H 80 28.28 -38.34 35.27
CA GLY H 80 28.34 -37.95 33.87
C GLY H 80 28.55 -39.15 32.98
N VAL H 81 29.30 -40.11 33.48
CA VAL H 81 29.56 -41.34 32.75
C VAL H 81 28.37 -42.32 32.73
N LEU H 82 27.24 -41.94 33.33
CA LEU H 82 26.02 -42.76 33.28
C LEU H 82 25.02 -42.28 32.21
N ASN H 83 25.43 -41.32 31.38
CA ASN H 83 24.58 -40.82 30.29
C ASN H 83 24.68 -41.67 29.03
N ASN H 84 24.32 -42.93 29.21
CA ASN H 84 24.25 -43.86 28.12
C ASN H 84 23.12 -44.81 28.43
N ILE H 85 22.44 -45.25 27.39
CA ILE H 85 21.13 -45.82 27.57
C ILE H 85 21.18 -47.13 28.32
N VAL H 86 22.23 -47.92 28.13
CA VAL H 86 22.35 -49.14 28.89
C VAL H 86 22.39 -48.87 30.40
N SER H 87 23.12 -47.85 30.80
CA SER H 87 23.21 -47.50 32.22
C SER H 87 21.95 -46.78 32.70
N SER H 88 21.46 -45.80 31.94
CA SER H 88 20.32 -45.05 32.42
C SER H 88 19.04 -45.88 32.42
N ASN H 89 18.95 -46.92 31.58
CA ASN H 89 17.80 -47.87 31.66
C ASN H 89 17.66 -48.43 33.05
N ILE H 90 18.78 -48.83 33.63
CA ILE H 90 18.77 -49.47 34.91
C ILE H 90 18.37 -48.45 35.95
N ILE H 91 19.05 -47.32 35.93
CA ILE H 91 18.84 -46.27 36.90
C ILE H 91 17.39 -45.82 36.88
N CYS H 92 16.91 -45.46 35.69
CA CYS H 92 15.58 -44.86 35.57
C CYS H 92 14.47 -45.90 35.80
N PHE H 93 14.73 -47.15 35.44
CA PHE H 93 13.80 -48.22 35.79
C PHE H 93 13.62 -48.31 37.32
N LEU H 94 14.75 -48.30 38.03
CA LEU H 94 14.73 -48.37 39.48
C LEU H 94 14.14 -47.10 40.14
N LEU H 95 14.34 -45.92 39.57
CA LEU H 95 13.65 -44.74 40.07
C LEU H 95 12.14 -44.91 39.93
N SER H 96 11.73 -45.42 38.78
CA SER H 96 10.32 -45.67 38.57
C SER H 96 9.80 -46.72 39.58
N GLU H 97 10.57 -47.77 39.87
CA GLU H 97 10.14 -48.74 40.89
C GLU H 97 10.00 -48.15 42.31
N LEU H 98 10.86 -47.21 42.69
CA LEU H 98 10.70 -46.57 43.98
C LEU H 98 9.37 -45.82 44.08
N ILE H 99 8.97 -45.17 43.00
CA ILE H 99 7.72 -44.43 42.99
C ILE H 99 6.55 -45.40 43.13
N LEU H 100 6.57 -46.49 42.36
CA LEU H 100 5.51 -47.48 42.42
C LEU H 100 5.43 -48.26 43.71
N LYS H 101 6.57 -48.79 44.15
CA LYS H 101 6.59 -49.57 45.36
C LYS H 101 6.09 -48.78 46.55
N ASN H 102 6.50 -47.52 46.67
CA ASN H 102 6.06 -46.67 47.78
C ASN H 102 4.75 -45.97 47.49
N LYS H 103 4.07 -46.35 46.41
CA LYS H 103 2.74 -45.82 46.07
C LYS H 103 2.68 -44.28 46.19
N LEU H 104 3.69 -43.61 45.61
CA LEU H 104 3.78 -42.15 45.66
C LEU H 104 2.89 -41.49 44.62
N SER H 105 2.05 -40.62 45.12
CA SER H 105 1.11 -39.90 44.31
C SER H 105 1.75 -38.60 43.82
N PHE H 106 1.55 -38.27 42.54
CA PHE H 106 2.14 -37.06 41.98
C PHE H 106 1.34 -36.56 40.81
N ASP H 107 1.46 -35.27 40.57
CA ASP H 107 0.97 -34.65 39.33
C ASP H 107 2.09 -34.38 38.33
N TYR H 108 3.29 -34.12 38.85
CA TYR H 108 4.48 -33.86 38.03
C TYR H 108 5.69 -34.56 38.56
N LEU H 109 6.62 -34.91 37.69
CA LEU H 109 7.97 -35.25 38.06
C LEU H 109 8.86 -34.11 37.65
N LEU H 110 9.86 -33.80 38.46
CA LEU H 110 10.76 -32.75 38.11
C LEU H 110 12.17 -33.28 38.13
N GLY H 111 12.87 -33.05 37.03
CA GLY H 111 14.28 -33.42 36.95
C GLY H 111 15.17 -32.24 37.33
N ALA H 112 15.98 -32.40 38.38
CA ALA H 112 16.90 -31.37 38.87
C ALA H 112 17.95 -31.04 37.84
N SER H 113 18.13 -29.76 37.53
CA SER H 113 19.10 -29.38 36.51
C SER H 113 20.49 -29.60 37.05
N TYR H 114 21.43 -30.08 36.26
CA TYR H 114 21.20 -30.64 34.95
C TYR H 114 20.99 -32.17 34.97
N LYS H 115 21.58 -32.83 35.95
CA LYS H 115 21.77 -34.30 35.94
C LYS H 115 20.47 -35.07 35.95
N GLY H 116 19.46 -34.52 36.60
CA GLY H 116 18.12 -35.08 36.61
C GLY H 116 17.29 -34.91 35.34
N ILE H 117 17.69 -34.01 34.44
CA ILE H 117 16.88 -33.73 33.27
C ILE H 117 16.79 -34.91 32.30
N PRO H 118 17.93 -35.48 31.88
CA PRO H 118 17.75 -36.69 31.02
C PRO H 118 17.11 -37.86 31.74
N MET H 119 17.27 -37.89 33.06
CA MET H 119 16.64 -38.95 33.86
C MET H 119 15.12 -38.84 33.95
N VAL H 120 14.60 -37.62 33.90
CA VAL H 120 13.18 -37.45 34.20
C VAL H 120 12.28 -37.93 33.05
N SER H 121 12.68 -37.69 31.82
CA SER H 121 11.94 -38.23 30.69
C SER H 121 11.98 -39.76 30.69
N LEU H 122 13.14 -40.33 30.90
CA LEU H 122 13.30 -41.79 30.75
C LEU H 122 12.62 -42.50 31.92
N THR H 123 12.66 -41.88 33.09
CA THR H 123 11.93 -42.41 34.21
C THR H 123 10.43 -42.36 33.95
N SER H 124 9.99 -41.24 33.40
CA SER H 124 8.61 -41.11 32.97
C SER H 124 8.23 -42.26 32.04
N HIS H 125 9.13 -42.60 31.14
CA HIS H 125 8.86 -43.70 30.23
C HIS H 125 8.64 -45.04 30.95
N PHE H 126 9.49 -45.37 31.91
CA PHE H 126 9.28 -46.61 32.66
C PHE H 126 8.03 -46.61 33.55
N LEU H 127 7.70 -45.47 34.19
CA LEU H 127 6.47 -45.39 34.95
C LEU H 127 5.30 -45.61 34.06
N PHE H 128 5.34 -45.03 32.87
CA PHE H 128 4.18 -45.09 31.98
C PHE H 128 3.85 -46.54 31.62
N GLU H 129 4.87 -47.41 31.62
CA GLU H 129 4.66 -48.84 31.29
C GLU H 129 3.80 -49.58 32.31
N SER H 130 3.69 -49.07 33.52
CA SER H 130 2.77 -49.62 34.50
C SER H 130 1.27 -49.55 34.10
N LYS H 131 0.92 -48.74 33.10
CA LYS H 131 -0.48 -48.53 32.69
C LYS H 131 -1.36 -47.91 33.76
N LYS H 132 -0.78 -47.39 34.83
CA LYS H 132 -1.58 -46.69 35.85
C LYS H 132 -1.89 -45.26 35.50
N TYR H 133 -1.33 -44.74 34.43
CA TYR H 133 -1.36 -43.30 34.19
C TYR H 133 -1.85 -43.04 32.81
N SER H 134 -2.63 -41.98 32.65
CA SER H 134 -3.09 -41.62 31.32
C SER H 134 -2.02 -40.76 30.59
N ASN H 135 -1.21 -40.08 31.39
CA ASN H 135 -0.03 -39.35 30.93
C ASN H 135 0.91 -39.13 32.12
N ILE H 136 2.14 -38.69 31.85
CA ILE H 136 3.09 -38.26 32.86
C ILE H 136 3.71 -36.97 32.41
N PHE H 137 3.56 -35.99 33.25
CA PHE H 137 3.98 -34.65 32.97
C PHE H 137 5.24 -34.40 33.74
N TYR H 138 6.30 -33.97 33.05
CA TYR H 138 7.56 -33.68 33.73
C TYR H 138 8.01 -32.25 33.55
N LEU H 139 8.83 -31.81 34.50
CA LEU H 139 9.30 -30.45 34.59
C LEU H 139 10.81 -30.43 34.71
N TYR H 140 11.40 -29.26 34.44
CA TYR H 140 12.76 -29.03 34.88
C TYR H 140 12.92 -27.57 35.24
N ASP H 141 13.93 -27.30 36.05
CA ASP H 141 14.32 -25.95 36.43
C ASP H 141 15.52 -25.45 35.64
N ARG H 142 15.52 -24.17 35.24
CA ARG H 142 16.70 -23.55 34.63
C ARG H 142 17.60 -22.98 35.71
N LYS H 143 18.82 -22.61 35.36
CA LYS H 143 19.71 -22.00 36.33
C LYS H 143 19.35 -20.55 36.42
N GLU H 144 19.52 -19.87 35.30
CA GLU H 144 19.27 -18.45 35.19
C GLU H 144 17.89 -18.33 34.55
N LYS H 145 17.46 -17.09 34.27
CA LYS H 145 16.23 -16.79 33.50
C LYS H 145 16.66 -16.55 32.03
N LYS H 146 15.72 -16.69 31.06
CA LYS H 146 15.93 -16.35 29.58
C LYS H 146 16.03 -14.85 29.25
N ASN H 152 10.26 -17.94 32.46
CA ASN H 152 9.95 -18.94 33.48
C ASN H 152 11.13 -19.82 33.88
N VAL H 153 11.31 -19.89 35.18
CA VAL H 153 12.37 -20.69 35.78
C VAL H 153 12.02 -22.20 35.91
N ILE H 154 10.73 -22.53 35.92
CA ILE H 154 10.26 -23.91 35.83
C ILE H 154 9.57 -24.14 34.47
N VAL H 155 9.98 -25.19 33.75
CA VAL H 155 9.50 -25.41 32.40
C VAL H 155 8.68 -26.69 32.38
N GLY H 156 7.55 -26.65 31.70
CA GLY H 156 6.72 -27.83 31.47
C GLY H 156 5.25 -27.49 31.34
N ASN H 157 4.38 -28.47 31.51
CA ASN H 157 2.94 -28.25 31.36
C ASN H 157 2.33 -27.60 32.59
N LEU H 158 2.66 -26.34 32.83
CA LEU H 158 2.08 -25.54 33.90
C LEU H 158 1.13 -24.58 33.07
N LYS H 181 -0.86 -28.82 43.23
CA LYS H 181 -0.28 -29.89 42.39
C LYS H 181 1.02 -30.42 43.01
N ASN H 182 1.15 -31.74 43.05
CA ASN H 182 2.27 -32.43 43.68
C ASN H 182 3.42 -32.82 42.75
N ILE H 183 4.63 -32.53 43.22
CA ILE H 183 5.84 -32.77 42.48
C ILE H 183 6.74 -33.75 43.21
N ILE H 184 7.28 -34.74 42.48
CA ILE H 184 8.40 -35.55 42.95
C ILE H 184 9.67 -35.09 42.21
N ILE H 185 10.73 -34.83 42.96
CA ILE H 185 11.95 -34.29 42.38
C ILE H 185 12.96 -35.44 42.28
N ILE H 186 13.60 -35.54 41.13
CA ILE H 186 14.57 -36.58 40.81
C ILE H 186 15.97 -35.93 40.68
N ASP H 187 16.99 -36.51 41.29
CA ASP H 187 18.36 -36.03 41.17
C ASP H 187 19.32 -37.21 41.29
N ASP H 188 20.61 -36.98 41.05
CA ASP H 188 21.58 -38.09 41.11
C ASP H 188 22.10 -38.41 42.52
N VAL H 189 22.54 -37.41 43.27
CA VAL H 189 23.20 -37.66 44.56
C VAL H 189 22.68 -36.76 45.67
N PHE H 190 22.46 -37.33 46.85
CA PHE H 190 22.12 -36.55 48.04
C PHE H 190 23.26 -36.61 49.04
N THR H 191 23.75 -35.42 49.44
CA THR H 191 24.77 -35.31 50.49
C THR H 191 24.15 -34.64 51.73
N CYS H 192 23.95 -33.32 51.65
CA CYS H 192 23.34 -32.52 52.73
C CYS H 192 22.00 -31.86 52.29
N GLY H 193 21.70 -31.88 50.99
CA GLY H 193 20.43 -31.36 50.49
C GLY H 193 20.53 -29.94 49.97
N THR H 194 21.74 -29.44 49.79
CA THR H 194 21.85 -28.06 49.34
C THR H 194 21.18 -27.82 47.97
N ALA H 195 21.45 -28.69 47.00
CA ALA H 195 20.88 -28.52 45.66
C ALA H 195 19.34 -28.59 45.65
N LEU H 196 18.80 -29.53 46.41
CA LEU H 196 17.36 -29.66 46.50
C LEU H 196 16.78 -28.38 47.15
N THR H 197 17.48 -27.80 48.15
CA THR H 197 16.94 -26.54 48.75
C THR H 197 16.82 -25.44 47.70
N GLU H 198 17.78 -25.36 46.78
CA GLU H 198 17.68 -24.26 45.77
C GLU H 198 16.49 -24.42 44.91
N ILE H 199 16.22 -25.67 44.52
CA ILE H 199 15.05 -25.93 43.70
C ILE H 199 13.78 -25.56 44.50
N LEU H 200 13.74 -25.89 45.81
CA LEU H 200 12.59 -25.49 46.66
C LEU H 200 12.42 -23.99 46.67
N ALA H 201 13.52 -23.26 46.69
CA ALA H 201 13.44 -21.78 46.66
C ALA H 201 12.79 -21.32 45.34
N LYS H 202 13.20 -21.90 44.22
CA LYS H 202 12.59 -21.57 42.93
C LYS H 202 11.12 -21.91 42.86
N LEU H 203 10.73 -22.98 43.52
CA LEU H 203 9.34 -23.41 43.51
C LEU H 203 8.45 -22.60 44.46
N LYS H 204 9.04 -21.93 45.45
CA LYS H 204 8.24 -21.18 46.43
C LYS H 204 7.38 -20.08 45.77
N THR H 205 7.92 -19.49 44.69
CA THR H 205 7.21 -18.43 43.92
C THR H 205 5.94 -18.98 43.27
N TYR H 206 5.90 -20.28 42.96
CA TYR H 206 4.70 -20.89 42.37
C TYR H 206 3.75 -21.34 43.47
N GLU H 207 2.66 -20.60 43.61
CA GLU H 207 1.72 -20.79 44.71
C GLU H 207 0.99 -22.15 44.73
N HIS H 208 0.66 -22.71 43.56
CA HIS H 208 -0.10 -23.94 43.43
C HIS H 208 0.73 -25.23 43.31
N LEU H 209 2.06 -25.15 43.55
CA LEU H 209 2.94 -26.33 43.54
C LEU H 209 3.51 -26.70 44.89
N LYS H 210 3.65 -27.99 45.11
CA LYS H 210 4.08 -28.56 46.37
C LYS H 210 4.93 -29.78 46.09
N VAL H 211 6.05 -29.90 46.78
CA VAL H 211 6.91 -31.05 46.58
C VAL H 211 6.56 -32.11 47.59
N VAL H 212 6.31 -33.33 47.15
CA VAL H 212 5.88 -34.40 48.03
C VAL H 212 6.91 -35.52 48.19
N ALA H 213 8.00 -35.52 47.41
CA ALA H 213 9.09 -36.51 47.60
C ALA H 213 10.33 -36.16 46.77
N PHE H 214 11.50 -36.62 47.22
CA PHE H 214 12.75 -36.55 46.48
C PHE H 214 13.24 -37.97 46.26
N ILE H 215 13.63 -38.27 45.02
CA ILE H 215 14.22 -39.58 44.68
C ILE H 215 15.55 -39.39 44.02
N VAL H 216 16.49 -40.22 44.45
CA VAL H 216 17.85 -39.97 44.14
C VAL H 216 18.53 -41.32 43.86
N LEU H 217 19.56 -41.31 43.03
CA LEU H 217 20.30 -42.54 42.73
C LEU H 217 21.16 -42.98 43.92
N LEU H 218 21.82 -42.01 44.56
CA LEU H 218 22.71 -42.32 45.68
C LEU H 218 22.53 -41.35 46.84
N ASN H 219 22.32 -41.92 48.02
CA ASN H 219 22.42 -41.17 49.25
C ASN H 219 23.75 -41.50 49.89
N ARG H 220 24.60 -40.50 50.07
CA ARG H 220 25.91 -40.73 50.70
C ARG H 220 25.87 -41.04 52.22
N ASN H 221 24.71 -40.90 52.88
CA ASN H 221 24.59 -41.17 54.30
C ASN H 221 25.56 -40.34 55.12
N GLU H 222 25.71 -39.08 54.77
CA GLU H 222 26.55 -38.18 55.55
C GLU H 222 25.90 -37.92 56.91
N TYR H 223 26.75 -37.70 57.92
CA TYR H 223 26.27 -37.42 59.28
C TYR H 223 27.19 -36.48 60.04
N GLU H 224 26.69 -35.98 61.18
CA GLU H 224 27.50 -35.26 62.15
C GLU H 224 27.36 -35.97 63.48
N ILE H 225 28.35 -35.90 64.36
CA ILE H 225 28.18 -36.49 65.70
C ILE H 225 27.38 -35.46 66.53
N ASN H 226 26.59 -35.96 67.48
CA ASN H 226 25.75 -35.12 68.37
C ASN H 226 26.52 -34.77 69.62
N GLU H 227 25.96 -33.96 70.54
CA GLU H 227 26.65 -33.72 71.86
C GLU H 227 27.00 -35.14 72.35
N ASN H 228 25.94 -35.92 72.46
CA ASN H 228 26.07 -37.31 72.86
C ASN H 228 26.40 -38.09 71.62
N ASN H 229 26.85 -39.34 71.76
CA ASN H 229 26.93 -40.24 70.59
C ASN H 229 25.68 -40.11 69.64
N ILE H 232 23.99 -38.11 63.96
CA ILE H 232 22.73 -37.70 63.32
C ILE H 232 22.96 -37.46 61.79
N TYR H 233 22.11 -38.11 60.99
CA TYR H 233 22.25 -38.10 59.52
C TYR H 233 21.64 -36.86 58.86
N PHE H 234 22.33 -36.27 57.87
CA PHE H 234 21.80 -35.09 57.17
C PHE H 234 20.47 -35.37 56.51
N LYS H 235 20.25 -36.60 56.08
CA LYS H 235 18.98 -36.97 55.51
C LYS H 235 17.85 -36.69 56.50
N ASP H 236 18.01 -37.11 57.76
CA ASP H 236 16.98 -36.93 58.79
C ASP H 236 16.76 -35.47 59.12
N ILE H 237 17.85 -34.71 59.22
CA ILE H 237 17.79 -33.26 59.48
C ILE H 237 17.05 -32.55 58.35
N PHE H 238 17.44 -32.89 57.13
CA PHE H 238 16.83 -32.32 55.94
C PHE H 238 15.35 -32.66 55.83
N GLU H 239 15.01 -33.92 56.06
CA GLU H 239 13.59 -34.32 56.01
C GLU H 239 12.73 -33.56 57.04
N LYS H 240 13.29 -33.37 58.25
CA LYS H 240 12.62 -32.66 59.36
C LYS H 240 12.44 -31.17 59.00
N ARG H 241 13.50 -30.52 58.52
CA ARG H 241 13.44 -29.12 58.13
C ARG H 241 12.44 -28.82 57.01
N VAL H 242 12.37 -29.63 55.95
CA VAL H 242 11.51 -29.29 54.81
C VAL H 242 10.22 -30.10 54.74
N GLY H 243 10.08 -31.12 55.60
CA GLY H 243 8.82 -31.89 55.74
C GLY H 243 8.51 -32.77 54.54
N ILE H 244 9.55 -33.26 53.87
CA ILE H 244 9.41 -34.04 52.63
C ILE H 244 10.38 -35.23 52.58
N PRO H 245 9.89 -36.42 52.20
CA PRO H 245 10.70 -37.64 52.36
C PRO H 245 11.65 -37.78 51.21
N LEU H 246 12.83 -38.31 51.49
CA LEU H 246 13.81 -38.63 50.50
C LEU H 246 14.00 -40.15 50.38
N TYR H 247 14.00 -40.65 49.14
CA TYR H 247 14.26 -42.05 48.83
C TYR H 247 15.47 -42.19 47.94
N SER H 248 16.14 -43.33 48.04
CA SER H 248 17.31 -43.53 47.20
C SER H 248 17.44 -44.94 46.65
N ILE H 249 17.98 -45.08 45.44
CA ILE H 249 18.21 -46.39 44.91
C ILE H 249 19.34 -47.06 45.71
N LEU H 250 20.46 -46.37 45.84
CA LEU H 250 21.63 -46.89 46.53
C LEU H 250 21.98 -46.01 47.71
N SER H 251 22.67 -46.61 48.67
CA SER H 251 23.14 -45.89 49.83
C SER H 251 24.61 -46.29 50.08
N TYR H 252 25.38 -45.37 50.62
CA TYR H 252 26.75 -45.66 51.04
C TYR H 252 26.77 -46.87 52.00
N LYS H 253 25.91 -46.85 53.02
CA LYS H 253 25.93 -47.92 54.06
C LYS H 253 25.56 -49.29 53.45
N ASP H 254 24.46 -49.38 52.72
CA ASP H 254 24.01 -50.68 52.20
C ASP H 254 24.80 -51.15 50.97
N ASP H 255 25.35 -50.24 50.17
CA ASP H 255 25.78 -50.61 48.83
C ASP H 255 27.23 -50.26 48.49
N ILE H 256 27.76 -49.16 49.00
CA ILE H 256 29.11 -48.74 48.61
C ILE H 256 30.18 -49.31 49.58
N GLN H 257 29.84 -49.55 50.83
CA GLN H 257 30.80 -50.29 51.70
C GLN H 257 31.69 -51.46 51.04
N SER H 258 32.96 -51.12 50.84
CA SER H 258 33.90 -51.83 49.91
C SER H 258 34.60 -50.78 49.01
S SO4 I . -34.95 47.53 -51.70
O1 SO4 I . -34.73 47.78 -50.25
O2 SO4 I . -35.97 46.44 -51.65
O3 SO4 I . -35.34 48.78 -52.35
O4 SO4 I . -33.73 47.13 -52.49
S SO4 J . -0.17 50.40 -42.80
O1 SO4 J . 0.65 49.39 -42.10
O2 SO4 J . -1.17 49.72 -43.65
O3 SO4 J . -0.90 51.28 -41.82
O4 SO4 J . 0.69 51.21 -43.67
S SO4 K . -24.79 37.67 -30.40
O1 SO4 K . -25.26 36.51 -29.51
O2 SO4 K . -25.43 37.39 -31.73
O3 SO4 K . -24.79 39.07 -29.80
O4 SO4 K . -23.37 37.49 -30.66
S SO4 L . -21.39 53.40 -18.95
O1 SO4 L . -22.22 52.14 -18.62
O2 SO4 L . -21.36 53.73 -20.35
O3 SO4 L . -21.78 54.58 -18.17
O4 SO4 L . -19.94 53.19 -18.77
S SO4 M . 3.74 25.93 -17.89
O1 SO4 M . 2.60 26.10 -16.93
O2 SO4 M . 4.08 27.27 -18.49
O3 SO4 M . 4.94 25.38 -17.24
O4 SO4 M . 3.26 24.86 -18.82
S SO4 N . -17.39 17.44 -40.54
O1 SO4 N . -17.04 17.39 -39.12
O2 SO4 N . -16.30 18.27 -41.11
O3 SO4 N . -17.56 16.10 -41.09
O4 SO4 N . -18.69 18.18 -40.78
S SO4 O . -24.10 31.87 -28.69
O1 SO4 O . -24.35 31.98 -27.22
O2 SO4 O . -24.80 33.05 -29.35
O3 SO4 O . -22.67 32.07 -29.01
O4 SO4 O . -24.27 30.44 -29.19
S SO4 P . 2.87 31.03 -27.44
O1 SO4 P . 3.25 32.21 -26.58
O2 SO4 P . 2.41 31.28 -28.87
O3 SO4 P . 4.04 30.13 -27.38
O4 SO4 P . 1.68 30.45 -26.83
S SO4 Q . -30.05 19.59 -7.12
O1 SO4 Q . -31.06 20.59 -6.78
O2 SO4 Q . -28.79 20.08 -6.53
O3 SO4 Q . -30.42 18.26 -6.50
O4 SO4 Q . -30.01 19.45 -8.59
S SO4 R . 44.22 -7.30 -5.32
O1 SO4 R . 44.20 -5.93 -4.68
O2 SO4 R . 43.52 -8.27 -4.44
O3 SO4 R . 43.57 -7.23 -6.65
O4 SO4 R . 45.55 -7.90 -5.54
S SO4 S . 50.00 -6.56 -14.08
O1 SO4 S . 50.92 -6.27 -12.95
O2 SO4 S . 49.75 -5.29 -14.85
O3 SO4 S . 50.62 -7.56 -14.95
O4 SO4 S . 48.70 -7.12 -13.72
S SO4 T . 53.44 12.33 11.67
O1 SO4 T . 54.66 12.66 12.44
O2 SO4 T . 52.27 13.11 12.17
O3 SO4 T . 53.61 12.67 10.24
O4 SO4 T . 53.18 10.89 11.75
S SO4 U . 54.81 29.02 -5.82
O1 SO4 U . 54.78 29.80 -4.54
O2 SO4 U . 55.93 29.45 -6.71
O3 SO4 U . 54.98 27.56 -5.54
O4 SO4 U . 53.50 29.30 -6.46
S SO4 V . 39.66 18.92 -1.04
O1 SO4 V . 38.47 19.36 -0.26
O2 SO4 V . 40.28 20.11 -1.66
O3 SO4 V . 40.70 18.23 -0.24
O4 SO4 V . 39.08 18.01 -2.01
S SO4 W . 19.72 14.79 -13.61
O1 SO4 W . 20.83 15.80 -13.74
O2 SO4 W . 18.44 15.28 -14.22
O3 SO4 W . 20.10 13.50 -14.22
O4 SO4 W . 19.53 14.46 -12.19
S SO4 X . 33.68 18.91 0.24
O1 SO4 X . 34.32 17.67 -0.18
O2 SO4 X . 34.60 19.96 -0.25
O3 SO4 X . 32.29 18.93 -0.30
O4 SO4 X . 33.62 18.98 1.71
S SO4 Y . 23.50 -8.77 7.34
O1 SO4 Y . 23.65 -7.60 8.21
O2 SO4 Y . 22.83 -8.46 6.06
O3 SO4 Y . 24.87 -9.21 7.07
O4 SO4 Y . 22.70 -9.79 8.00
S SO4 Z . 29.28 -7.80 -1.02
O1 SO4 Z . 30.08 -6.64 -1.41
O2 SO4 Z . 28.15 -7.77 -1.98
O3 SO4 Z . 30.03 -9.05 -1.17
O4 SO4 Z . 28.87 -7.74 0.38
S SO4 AA . 20.04 24.69 21.45
O1 SO4 AA . 19.28 25.91 21.81
O2 SO4 AA . 19.70 24.67 19.96
O3 SO4 AA . 21.47 24.95 21.76
O4 SO4 AA . 19.85 23.49 22.38
S SO4 BA . 16.68 -22.78 26.42
O1 SO4 BA . 15.65 -21.90 25.92
O2 SO4 BA . 17.41 -23.41 25.27
O3 SO4 BA . 17.64 -21.85 27.07
O4 SO4 BA . 15.97 -23.79 27.27
S SO4 CA . -3.63 -50.50 9.80
O1 SO4 CA . -2.25 -50.10 9.45
O2 SO4 CA . -4.35 -50.93 8.58
O3 SO4 CA . -3.57 -51.66 10.75
O4 SO4 CA . -4.33 -49.30 10.34
S SO4 DA . 17.61 -20.13 16.77
O1 SO4 DA . 16.23 -20.04 17.36
O2 SO4 DA . 17.98 -18.86 16.07
O3 SO4 DA . 18.67 -20.39 17.79
O4 SO4 DA . 17.58 -21.26 15.80
S SO4 EA . 7.58 -47.95 24.24
O1 SO4 EA . 7.11 -46.52 24.27
O2 SO4 EA . 6.55 -48.77 23.56
O3 SO4 EA . 8.91 -48.04 23.55
O4 SO4 EA . 7.67 -48.58 25.59
S SO4 FA . -29.13 9.51 14.42
O1 SO4 FA . -29.50 8.56 15.48
O2 SO4 FA . -30.36 10.27 14.08
O3 SO4 FA . -28.00 10.28 14.96
O4 SO4 FA . -28.54 8.93 13.22
S SO4 GA . -31.19 15.19 -20.94
O1 SO4 GA . -31.40 15.04 -19.49
O2 SO4 GA . -32.40 15.93 -21.41
O3 SO4 GA . -30.00 16.02 -21.36
O4 SO4 GA . -31.07 13.80 -21.51
S SO4 HA . -24.47 -16.13 -3.87
O1 SO4 HA . -24.04 -14.92 -3.15
O2 SO4 HA . -25.73 -15.89 -4.67
O3 SO4 HA . -23.29 -16.52 -4.68
O4 SO4 HA . -24.83 -17.24 -2.98
S SO4 IA . -43.07 7.33 0.46
O1 SO4 IA . -44.41 7.78 0.97
O2 SO4 IA . -43.09 7.26 -1.00
O3 SO4 IA . -41.91 8.13 0.94
O4 SO4 IA . -42.93 5.92 0.93
S SO4 JA . -48.78 5.85 1.56
O1 SO4 JA . -49.24 6.42 2.85
O2 SO4 JA . -47.90 6.87 0.88
O3 SO4 JA . -47.93 4.71 1.93
O4 SO4 JA . -49.95 5.32 0.77
S SO4 KA . -51.34 -19.80 17.98
O1 SO4 KA . -52.19 -20.11 16.82
O2 SO4 KA . -51.70 -20.70 19.10
O3 SO4 KA . -49.91 -19.98 17.66
O4 SO4 KA . -51.52 -18.37 18.37
S SO4 LA . -59.44 -6.45 -10.03
O1 SO4 LA . -60.80 -6.49 -10.59
O2 SO4 LA . -58.68 -7.63 -10.51
O3 SO4 LA . -58.73 -5.19 -10.40
O4 SO4 LA . -59.63 -6.55 -8.59
S SO4 MA . 24.92 -29.40 37.73
O1 SO4 MA . 25.80 -29.68 38.89
O2 SO4 MA . 25.65 -28.52 36.75
O3 SO4 MA . 24.40 -30.68 37.12
O4 SO4 MA . 23.73 -28.68 38.24
S SO4 NA . 12.10 -50.94 27.68
O1 SO4 NA . 12.19 -49.48 27.67
O2 SO4 NA . 11.81 -51.51 26.31
O3 SO4 NA . 13.35 -51.45 28.33
O4 SO4 NA . 10.93 -51.27 28.51
S SO4 OA . 23.80 -32.07 48.06
O1 SO4 OA . 24.07 -31.45 49.39
O2 SO4 OA . 25.06 -32.72 47.59
O3 SO4 OA . 22.81 -33.13 48.33
O4 SO4 OA . 23.31 -31.11 46.99
#